data_1FNJ
# 
_entry.id   1FNJ 
# 
_audit_conform.dict_name       mmcif_pdbx.dic 
_audit_conform.dict_version    5.397 
_audit_conform.dict_location   http://mmcif.pdb.org/dictionaries/ascii/mmcif_pdbx.dic 
# 
loop_
_database_2.database_id 
_database_2.database_code 
_database_2.pdbx_database_accession 
_database_2.pdbx_DOI 
PDB   1FNJ         pdb_00001fnj 10.2210/pdb1fnj/pdb 
RCSB  RCSB011740   ?            ?                   
WWPDB D_1000011740 ?            ?                   
# 
loop_
_pdbx_audit_revision_history.ordinal 
_pdbx_audit_revision_history.data_content_type 
_pdbx_audit_revision_history.major_revision 
_pdbx_audit_revision_history.minor_revision 
_pdbx_audit_revision_history.revision_date 
1 'Structure model' 1 0 2000-10-11 
2 'Structure model' 1 1 2008-04-27 
3 'Structure model' 1 2 2011-07-13 
4 'Structure model' 1 3 2017-10-04 
5 'Structure model' 1 4 2021-11-03 
6 'Structure model' 1 5 2023-08-09 
7 'Structure model' 1 6 2023-11-15 
8 'Structure model' 1 7 2024-10-09 
# 
_pdbx_audit_revision_details.ordinal             1 
_pdbx_audit_revision_details.revision_ordinal    1 
_pdbx_audit_revision_details.data_content_type   'Structure model' 
_pdbx_audit_revision_details.provider            repository 
_pdbx_audit_revision_details.type                'Initial release' 
_pdbx_audit_revision_details.description         ? 
_pdbx_audit_revision_details.details             ? 
# 
loop_
_pdbx_audit_revision_group.ordinal 
_pdbx_audit_revision_group.revision_ordinal 
_pdbx_audit_revision_group.data_content_type 
_pdbx_audit_revision_group.group 
1  2 'Structure model' 'Version format compliance' 
2  3 'Structure model' 'Derived calculations'      
3  3 'Structure model' 'Version format compliance' 
4  4 'Structure model' 'Refinement description'    
5  5 'Structure model' 'Database references'       
6  5 'Structure model' 'Derived calculations'      
7  6 'Structure model' 'Data collection'           
8  6 'Structure model' 'Refinement description'    
9  7 'Structure model' 'Data collection'           
10 8 'Structure model' 'Structure summary'         
# 
loop_
_pdbx_audit_revision_category.ordinal 
_pdbx_audit_revision_category.revision_ordinal 
_pdbx_audit_revision_category.data_content_type 
_pdbx_audit_revision_category.category 
1  4 'Structure model' software                      
2  5 'Structure model' database_2                    
3  5 'Structure model' struct_conn                   
4  5 'Structure model' struct_ref_seq_dif            
5  6 'Structure model' chem_comp_atom                
6  6 'Structure model' chem_comp_bond                
7  6 'Structure model' pdbx_initial_refinement_model 
8  7 'Structure model' chem_comp_atom                
9  7 'Structure model' chem_comp_bond                
10 8 'Structure model' pdbx_entry_details            
11 8 'Structure model' pdbx_modification_feature     
# 
loop_
_pdbx_audit_revision_item.ordinal 
_pdbx_audit_revision_item.revision_ordinal 
_pdbx_audit_revision_item.data_content_type 
_pdbx_audit_revision_item.item 
1 5 'Structure model' '_database_2.pdbx_DOI'                
2 5 'Structure model' '_database_2.pdbx_database_accession' 
3 5 'Structure model' '_struct_conn.pdbx_leaving_atom_flag' 
4 5 'Structure model' '_struct_ref_seq_dif.details'         
5 7 'Structure model' '_chem_comp_atom.atom_id'             
6 7 'Structure model' '_chem_comp_bond.atom_id_2'           
# 
_pdbx_database_status.status_code                     REL 
_pdbx_database_status.entry_id                        1FNJ 
_pdbx_database_status.recvd_initial_deposition_date   2000-08-22 
_pdbx_database_status.deposit_site                    RCSB 
_pdbx_database_status.process_site                    RCSB 
_pdbx_database_status.status_code_sf                  REL 
_pdbx_database_status.SG_entry                        . 
_pdbx_database_status.pdb_format_compatible           Y 
_pdbx_database_status.status_code_mr                  ? 
_pdbx_database_status.status_code_cs                  ? 
_pdbx_database_status.methods_development_category    ? 
_pdbx_database_status.status_code_nmr_data            ? 
# 
loop_
_pdbx_database_related.db_name 
_pdbx_database_related.db_id 
_pdbx_database_related.details 
_pdbx_database_related.content_type 
PDB 2CHT '2CHT contains the coordinates of the wild-type protein. This file was used for Molecular Replacement.' unspecified 
PDB 1FNK 'C88K/R90S MUTANT'                                                                                      unspecified 
# 
loop_
_audit_author.name 
_audit_author.pdbx_ordinal 
'Kast, P.'       1 
'Grisostomi, C.' 2 
'Chen, I.A.'     3 
'Li, S.'         4 
'Krengel, U.'    5 
'Xue, Y.'        6 
'Hilvert, D.'    7 
# 
loop_
_citation.id 
_citation.title 
_citation.journal_abbrev 
_citation.journal_volume 
_citation.page_first 
_citation.page_last 
_citation.year 
_citation.journal_id_ASTM 
_citation.country 
_citation.journal_id_ISSN 
_citation.journal_id_CSD 
_citation.book_publisher 
_citation.pdbx_database_id_PubMed 
_citation.pdbx_database_id_DOI 
primary 'A strategically positioned cation is crucial for efficient catalysis by chorismate mutase.' J.Biol.Chem.           275 
36832 36838 2000 JBCHA3 US 0021-9258 0071 ? 10960481 10.1074/jbc.M006351200  
1       
;Exploring the active site of chorismate mutase by combinatorial mutagenesis and selection: the importance of electrostatic catalysis
;
Proc.Natl.Acad.Sci.USA 93  5043  5048  1996 PNASA6 US 0027-8424 0040 ? ?        10.1073/pnas.93.10.5043 
2       'Heavy atom isotope effects reveal a highly polarized transition state for chorismate mutase' J.Am.Chem.Soc.         121 
1756  1757  1999 JACSAT US 0002-7863 0004 ? ?        10.1021/ja9841759       
# 
loop_
_citation_author.citation_id 
_citation_author.name 
_citation_author.ordinal 
_citation_author.identifier_ORCID 
primary 'Kast, P.'       1  ? 
primary 'Grisostomi, C.' 2  ? 
primary 'Chen, I.A.'     3  ? 
primary 'Li, S.'         4  ? 
primary 'Krengel, U.'    5  ? 
primary 'Xue, Y.'        6  ? 
primary 'Hilvert, D.'    7  ? 
1       'Kast, P.'       8  ? 
1       'Asif-Ullah, M.' 9  ? 
1       'Jiang, N.'      10 ? 
1       'Hilvert, D.'    11 ? 
2       'Gustin, D.J.'   12 ? 
2       'Mattei, P.'     13 ? 
2       'Kast, P.'       14 ? 
2       'Wiest, O.'      15 ? 
2       'Lee, L.'        16 ? 
2       'Cleland, W.W.'  17 ? 
2       'Hilvert, D.'    18 ? 
# 
loop_
_entity.id 
_entity.type 
_entity.src_method 
_entity.pdbx_description 
_entity.formula_weight 
_entity.pdbx_number_of_molecules 
_entity.pdbx_ec 
_entity.pdbx_mutation 
_entity.pdbx_fragment 
_entity.details 
1 polymer man 'PROTEIN (CHORISMATE MUTASE)' 14479.837 1  5.4.99.5 YES ? ? 
2 water   nat water                         18.015    27 ?        ?   ? ? 
# 
_entity_poly.entity_id                      1 
_entity_poly.type                           'polypeptide(L)' 
_entity_poly.nstd_linkage                   no 
_entity_poly.nstd_monomer                   yes 
_entity_poly.pdbx_seq_one_letter_code       
;MMIRGIRGATTVERDTEEEILQKTKQLLEKIIEENHTKPEDVVQMLLSATPDLHAVFPAKAVRELSGWQYVPVT(CSO)M
QEMDVTGGLKKSIKVMMTVQTDVPQDQIRHVYLEKAVVLRPDLSLTKNTEL
;
_entity_poly.pdbx_seq_one_letter_code_can   
;MMIRGIRGATTVERDTEEEILQKTKQLLEKIIEENHTKPEDVVQMLLSATPDLHAVFPAKAVRELSGWQYVPVTCMQEMD
VTGGLKKSIKVMMTVQTDVPQDQIRHVYLEKAVVLRPDLSLTKNTEL
;
_entity_poly.pdbx_strand_id                 A 
_entity_poly.pdbx_target_identifier         ? 
# 
_pdbx_entity_nonpoly.entity_id   2 
_pdbx_entity_nonpoly.name        water 
_pdbx_entity_nonpoly.comp_id     HOH 
# 
loop_
_entity_poly_seq.entity_id 
_entity_poly_seq.num 
_entity_poly_seq.mon_id 
_entity_poly_seq.hetero 
1 1   MET n 
1 2   MET n 
1 3   ILE n 
1 4   ARG n 
1 5   GLY n 
1 6   ILE n 
1 7   ARG n 
1 8   GLY n 
1 9   ALA n 
1 10  THR n 
1 11  THR n 
1 12  VAL n 
1 13  GLU n 
1 14  ARG n 
1 15  ASP n 
1 16  THR n 
1 17  GLU n 
1 18  GLU n 
1 19  GLU n 
1 20  ILE n 
1 21  LEU n 
1 22  GLN n 
1 23  LYS n 
1 24  THR n 
1 25  LYS n 
1 26  GLN n 
1 27  LEU n 
1 28  LEU n 
1 29  GLU n 
1 30  LYS n 
1 31  ILE n 
1 32  ILE n 
1 33  GLU n 
1 34  GLU n 
1 35  ASN n 
1 36  HIS n 
1 37  THR n 
1 38  LYS n 
1 39  PRO n 
1 40  GLU n 
1 41  ASP n 
1 42  VAL n 
1 43  VAL n 
1 44  GLN n 
1 45  MET n 
1 46  LEU n 
1 47  LEU n 
1 48  SER n 
1 49  ALA n 
1 50  THR n 
1 51  PRO n 
1 52  ASP n 
1 53  LEU n 
1 54  HIS n 
1 55  ALA n 
1 56  VAL n 
1 57  PHE n 
1 58  PRO n 
1 59  ALA n 
1 60  LYS n 
1 61  ALA n 
1 62  VAL n 
1 63  ARG n 
1 64  GLU n 
1 65  LEU n 
1 66  SER n 
1 67  GLY n 
1 68  TRP n 
1 69  GLN n 
1 70  TYR n 
1 71  VAL n 
1 72  PRO n 
1 73  VAL n 
1 74  THR n 
1 75  CSO n 
1 76  MET n 
1 77  GLN n 
1 78  GLU n 
1 79  MET n 
1 80  ASP n 
1 81  VAL n 
1 82  THR n 
1 83  GLY n 
1 84  GLY n 
1 85  LEU n 
1 86  LYS n 
1 87  LYS n 
1 88  SER n 
1 89  ILE n 
1 90  LYS n 
1 91  VAL n 
1 92  MET n 
1 93  MET n 
1 94  THR n 
1 95  VAL n 
1 96  GLN n 
1 97  THR n 
1 98  ASP n 
1 99  VAL n 
1 100 PRO n 
1 101 GLN n 
1 102 ASP n 
1 103 GLN n 
1 104 ILE n 
1 105 ARG n 
1 106 HIS n 
1 107 VAL n 
1 108 TYR n 
1 109 LEU n 
1 110 GLU n 
1 111 LYS n 
1 112 ALA n 
1 113 VAL n 
1 114 VAL n 
1 115 LEU n 
1 116 ARG n 
1 117 PRO n 
1 118 ASP n 
1 119 LEU n 
1 120 SER n 
1 121 LEU n 
1 122 THR n 
1 123 LYS n 
1 124 ASN n 
1 125 THR n 
1 126 GLU n 
1 127 LEU n 
# 
_entity_src_gen.entity_id                          1 
_entity_src_gen.pdbx_src_id                        1 
_entity_src_gen.pdbx_alt_source_flag               sample 
_entity_src_gen.pdbx_seq_type                      ? 
_entity_src_gen.pdbx_beg_seq_num                   ? 
_entity_src_gen.pdbx_end_seq_num                   ? 
_entity_src_gen.gene_src_common_name               ? 
_entity_src_gen.gene_src_genus                     Bacillus 
_entity_src_gen.pdbx_gene_src_gene                 ? 
_entity_src_gen.gene_src_species                   ? 
_entity_src_gen.gene_src_strain                    ? 
_entity_src_gen.gene_src_tissue                    ? 
_entity_src_gen.gene_src_tissue_fraction           ? 
_entity_src_gen.gene_src_details                   ? 
_entity_src_gen.pdbx_gene_src_fragment             ? 
_entity_src_gen.pdbx_gene_src_scientific_name      'Bacillus subtilis' 
_entity_src_gen.pdbx_gene_src_ncbi_taxonomy_id     1423 
_entity_src_gen.pdbx_gene_src_variant              ? 
_entity_src_gen.pdbx_gene_src_cell_line            ? 
_entity_src_gen.pdbx_gene_src_atcc                 ? 
_entity_src_gen.pdbx_gene_src_organ                ? 
_entity_src_gen.pdbx_gene_src_organelle            ? 
_entity_src_gen.pdbx_gene_src_cell                 ? 
_entity_src_gen.pdbx_gene_src_cellular_location    ? 
_entity_src_gen.host_org_common_name               ? 
_entity_src_gen.pdbx_host_org_scientific_name      'Escherichia coli' 
_entity_src_gen.pdbx_host_org_ncbi_taxonomy_id     562 
_entity_src_gen.host_org_genus                     Escherichia 
_entity_src_gen.pdbx_host_org_gene                 ? 
_entity_src_gen.pdbx_host_org_organ                ? 
_entity_src_gen.host_org_species                   ? 
_entity_src_gen.pdbx_host_org_tissue               ? 
_entity_src_gen.pdbx_host_org_tissue_fraction      ? 
_entity_src_gen.pdbx_host_org_strain               ? 
_entity_src_gen.pdbx_host_org_variant              ? 
_entity_src_gen.pdbx_host_org_cell_line            ? 
_entity_src_gen.pdbx_host_org_atcc                 ? 
_entity_src_gen.pdbx_host_org_culture_collection   ? 
_entity_src_gen.pdbx_host_org_cell                 ? 
_entity_src_gen.pdbx_host_org_organelle            ? 
_entity_src_gen.pdbx_host_org_cellular_location    ? 
_entity_src_gen.pdbx_host_org_vector_type          PLASMID 
_entity_src_gen.pdbx_host_org_vector               ? 
_entity_src_gen.host_org_details                   ? 
_entity_src_gen.expression_system_id               ? 
_entity_src_gen.plasmid_name                       'PET-22B(+),PKET3-W' 
_entity_src_gen.plasmid_details                    
'PET-22B(+) FROM NOVAGEN (MADISON, WI) AND PKET3-W, A PET-22B(+) DERIVATIVE ALLOWING FOR T7 PROMOTOR-DRIVEN GENE EXPRESSION' 
_entity_src_gen.pdbx_description                   ? 
# 
loop_
_chem_comp.id 
_chem_comp.type 
_chem_comp.mon_nstd_flag 
_chem_comp.name 
_chem_comp.pdbx_synonyms 
_chem_comp.formula 
_chem_comp.formula_weight 
ALA 'L-peptide linking' y ALANINE           ? 'C3 H7 N O2'     89.093  
ARG 'L-peptide linking' y ARGININE          ? 'C6 H15 N4 O2 1' 175.209 
ASN 'L-peptide linking' y ASPARAGINE        ? 'C4 H8 N2 O3'    132.118 
ASP 'L-peptide linking' y 'ASPARTIC ACID'   ? 'C4 H7 N O4'     133.103 
CSO 'L-peptide linking' n S-HYDROXYCYSTEINE ? 'C3 H7 N O3 S'   137.158 
CYS 'L-peptide linking' y CYSTEINE          ? 'C3 H7 N O2 S'   121.158 
GLN 'L-peptide linking' y GLUTAMINE         ? 'C5 H10 N2 O3'   146.144 
GLU 'L-peptide linking' y 'GLUTAMIC ACID'   ? 'C5 H9 N O4'     147.129 
GLY 'peptide linking'   y GLYCINE           ? 'C2 H5 N O2'     75.067  
HIS 'L-peptide linking' y HISTIDINE         ? 'C6 H10 N3 O2 1' 156.162 
HOH non-polymer         . WATER             ? 'H2 O'           18.015  
ILE 'L-peptide linking' y ISOLEUCINE        ? 'C6 H13 N O2'    131.173 
LEU 'L-peptide linking' y LEUCINE           ? 'C6 H13 N O2'    131.173 
LYS 'L-peptide linking' y LYSINE            ? 'C6 H15 N2 O2 1' 147.195 
MET 'L-peptide linking' y METHIONINE        ? 'C5 H11 N O2 S'  149.211 
PHE 'L-peptide linking' y PHENYLALANINE     ? 'C9 H11 N O2'    165.189 
PRO 'L-peptide linking' y PROLINE           ? 'C5 H9 N O2'     115.130 
SER 'L-peptide linking' y SERINE            ? 'C3 H7 N O3'     105.093 
THR 'L-peptide linking' y THREONINE         ? 'C4 H9 N O3'     119.119 
TRP 'L-peptide linking' y TRYPTOPHAN        ? 'C11 H12 N2 O2'  204.225 
TYR 'L-peptide linking' y TYROSINE          ? 'C9 H11 N O3'    181.189 
VAL 'L-peptide linking' y VALINE            ? 'C5 H11 N O2'    117.146 
# 
loop_
_pdbx_poly_seq_scheme.asym_id 
_pdbx_poly_seq_scheme.entity_id 
_pdbx_poly_seq_scheme.seq_id 
_pdbx_poly_seq_scheme.mon_id 
_pdbx_poly_seq_scheme.ndb_seq_num 
_pdbx_poly_seq_scheme.pdb_seq_num 
_pdbx_poly_seq_scheme.auth_seq_num 
_pdbx_poly_seq_scheme.pdb_mon_id 
_pdbx_poly_seq_scheme.auth_mon_id 
_pdbx_poly_seq_scheme.pdb_strand_id 
_pdbx_poly_seq_scheme.pdb_ins_code 
_pdbx_poly_seq_scheme.hetero 
A 1 1   MET 1   1   ?   ?   ?   A . n 
A 1 2   MET 2   2   2   MET MET A . n 
A 1 3   ILE 3   3   3   ILE ILE A . n 
A 1 4   ARG 4   4   4   ARG ARG A . n 
A 1 5   GLY 5   5   5   GLY GLY A . n 
A 1 6   ILE 6   6   6   ILE ILE A . n 
A 1 7   ARG 7   7   7   ARG ARG A . n 
A 1 8   GLY 8   8   8   GLY GLY A . n 
A 1 9   ALA 9   9   9   ALA ALA A . n 
A 1 10  THR 10  10  10  THR THR A . n 
A 1 11  THR 11  11  11  THR THR A . n 
A 1 12  VAL 12  12  12  VAL VAL A . n 
A 1 13  GLU 13  13  13  GLU GLU A . n 
A 1 14  ARG 14  14  14  ARG ARG A . n 
A 1 15  ASP 15  15  15  ASP ASP A . n 
A 1 16  THR 16  16  16  THR THR A . n 
A 1 17  GLU 17  17  17  GLU GLU A . n 
A 1 18  GLU 18  18  18  GLU GLU A . n 
A 1 19  GLU 19  19  19  GLU GLU A . n 
A 1 20  ILE 20  20  20  ILE ILE A . n 
A 1 21  LEU 21  21  21  LEU LEU A . n 
A 1 22  GLN 22  22  22  GLN GLN A . n 
A 1 23  LYS 23  23  23  LYS LYS A . n 
A 1 24  THR 24  24  24  THR THR A . n 
A 1 25  LYS 25  25  25  LYS LYS A . n 
A 1 26  GLN 26  26  26  GLN GLN A . n 
A 1 27  LEU 27  27  27  LEU LEU A . n 
A 1 28  LEU 28  28  28  LEU LEU A . n 
A 1 29  GLU 29  29  29  GLU GLU A . n 
A 1 30  LYS 30  30  30  LYS LYS A . n 
A 1 31  ILE 31  31  31  ILE ILE A . n 
A 1 32  ILE 32  32  32  ILE ILE A . n 
A 1 33  GLU 33  33  33  GLU GLU A . n 
A 1 34  GLU 34  34  34  GLU GLU A . n 
A 1 35  ASN 35  35  35  ASN ASN A . n 
A 1 36  HIS 36  36  36  HIS HIS A . n 
A 1 37  THR 37  37  37  THR THR A . n 
A 1 38  LYS 38  38  38  LYS LYS A . n 
A 1 39  PRO 39  39  39  PRO PRO A . n 
A 1 40  GLU 40  40  40  GLU GLU A . n 
A 1 41  ASP 41  41  41  ASP ASP A . n 
A 1 42  VAL 42  42  42  VAL VAL A . n 
A 1 43  VAL 43  43  43  VAL VAL A . n 
A 1 44  GLN 44  44  44  GLN GLN A . n 
A 1 45  MET 45  45  45  MET MET A . n 
A 1 46  LEU 46  46  46  LEU LEU A . n 
A 1 47  LEU 47  47  47  LEU LEU A . n 
A 1 48  SER 48  48  48  SER SER A . n 
A 1 49  ALA 49  49  49  ALA ALA A . n 
A 1 50  THR 50  50  50  THR THR A . n 
A 1 51  PRO 51  51  51  PRO PRO A . n 
A 1 52  ASP 52  52  52  ASP ASP A . n 
A 1 53  LEU 53  53  53  LEU LEU A . n 
A 1 54  HIS 54  54  54  HIS HIS A . n 
A 1 55  ALA 55  55  55  ALA ALA A . n 
A 1 56  VAL 56  56  56  VAL VAL A . n 
A 1 57  PHE 57  57  57  PHE PHE A . n 
A 1 58  PRO 58  58  58  PRO PRO A . n 
A 1 59  ALA 59  59  59  ALA ALA A . n 
A 1 60  LYS 60  60  60  LYS LYS A . n 
A 1 61  ALA 61  61  61  ALA ALA A . n 
A 1 62  VAL 62  62  62  VAL VAL A . n 
A 1 63  ARG 63  63  63  ARG ARG A . n 
A 1 64  GLU 64  64  64  GLU GLU A . n 
A 1 65  LEU 65  65  65  LEU LEU A . n 
A 1 66  SER 66  66  66  SER SER A . n 
A 1 67  GLY 67  67  67  GLY GLY A . n 
A 1 68  TRP 68  68  68  TRP TRP A . n 
A 1 69  GLN 69  69  69  GLN GLN A . n 
A 1 70  TYR 70  70  70  TYR TYR A . n 
A 1 71  VAL 71  71  71  VAL VAL A . n 
A 1 72  PRO 72  72  72  PRO PRO A . n 
A 1 73  VAL 73  73  73  VAL VAL A . n 
A 1 74  THR 74  74  74  THR THR A . n 
A 1 75  CSO 75  75  75  CSO CEA A . n 
A 1 76  MET 76  76  76  MET MET A . n 
A 1 77  GLN 77  77  77  GLN GLN A . n 
A 1 78  GLU 78  78  78  GLU GLU A . n 
A 1 79  MET 79  79  79  MET MET A . n 
A 1 80  ASP 80  80  80  ASP ASP A . n 
A 1 81  VAL 81  81  81  VAL VAL A . n 
A 1 82  THR 82  82  82  THR THR A . n 
A 1 83  GLY 83  83  83  GLY GLY A . n 
A 1 84  GLY 84  84  84  GLY GLY A . n 
A 1 85  LEU 85  85  85  LEU LEU A . n 
A 1 86  LYS 86  86  86  LYS LYS A . n 
A 1 87  LYS 87  87  87  LYS LYS A . n 
A 1 88  SER 88  88  88  SER SER A . n 
A 1 89  ILE 89  89  89  ILE ILE A . n 
A 1 90  LYS 90  90  90  LYS LYS A . n 
A 1 91  VAL 91  91  91  VAL VAL A . n 
A 1 92  MET 92  92  92  MET MET A . n 
A 1 93  MET 93  93  93  MET MET A . n 
A 1 94  THR 94  94  94  THR THR A . n 
A 1 95  VAL 95  95  95  VAL VAL A . n 
A 1 96  GLN 96  96  96  GLN GLN A . n 
A 1 97  THR 97  97  97  THR THR A . n 
A 1 98  ASP 98  98  98  ASP ASP A . n 
A 1 99  VAL 99  99  99  VAL VAL A . n 
A 1 100 PRO 100 100 100 PRO PRO A . n 
A 1 101 GLN 101 101 101 GLN GLN A . n 
A 1 102 ASP 102 102 102 ASP ASP A . n 
A 1 103 GLN 103 103 103 GLN GLN A . n 
A 1 104 ILE 104 104 104 ILE ILE A . n 
A 1 105 ARG 105 105 105 ARG ARG A . n 
A 1 106 HIS 106 106 106 HIS HIS A . n 
A 1 107 VAL 107 107 107 VAL VAL A . n 
A 1 108 TYR 108 108 108 TYR TYR A . n 
A 1 109 LEU 109 109 109 LEU LEU A . n 
A 1 110 GLU 110 110 110 GLU GLU A . n 
A 1 111 LYS 111 111 111 LYS LYS A . n 
A 1 112 ALA 112 112 112 ALA ALA A . n 
A 1 113 VAL 113 113 113 VAL VAL A . n 
A 1 114 VAL 114 114 114 VAL VAL A . n 
A 1 115 LEU 115 115 115 LEU LEU A . n 
A 1 116 ARG 116 116 116 ARG ARG A . n 
A 1 117 PRO 117 117 ?   ?   ?   A . n 
A 1 118 ASP 118 118 ?   ?   ?   A . n 
A 1 119 LEU 119 119 ?   ?   ?   A . n 
A 1 120 SER 120 120 ?   ?   ?   A . n 
A 1 121 LEU 121 121 ?   ?   ?   A . n 
A 1 122 THR 122 122 ?   ?   ?   A . n 
A 1 123 LYS 123 123 ?   ?   ?   A . n 
A 1 124 ASN 124 124 ?   ?   ?   A . n 
A 1 125 THR 125 125 ?   ?   ?   A . n 
A 1 126 GLU 126 126 ?   ?   ?   A . n 
A 1 127 LEU 127 127 ?   ?   ?   A . n 
# 
loop_
_pdbx_nonpoly_scheme.asym_id 
_pdbx_nonpoly_scheme.entity_id 
_pdbx_nonpoly_scheme.mon_id 
_pdbx_nonpoly_scheme.ndb_seq_num 
_pdbx_nonpoly_scheme.pdb_seq_num 
_pdbx_nonpoly_scheme.auth_seq_num 
_pdbx_nonpoly_scheme.pdb_mon_id 
_pdbx_nonpoly_scheme.auth_mon_id 
_pdbx_nonpoly_scheme.pdb_strand_id 
_pdbx_nonpoly_scheme.pdb_ins_code 
B 2 HOH 1  201 201 HOH HOH A . 
B 2 HOH 2  202 202 HOH HOH A . 
B 2 HOH 3  203 203 HOH HOH A . 
B 2 HOH 4  204 204 HOH HOH A . 
B 2 HOH 5  205 205 HOH HOH A . 
B 2 HOH 6  206 206 HOH HOH A . 
B 2 HOH 7  207 207 HOH HOH A . 
B 2 HOH 8  208 208 HOH HOH A . 
B 2 HOH 9  209 209 HOH HOH A . 
B 2 HOH 10 210 210 HOH HOH A . 
B 2 HOH 11 211 211 HOH HOH A . 
B 2 HOH 12 212 212 HOH HOH A . 
B 2 HOH 13 214 214 HOH HOH A . 
B 2 HOH 14 215 215 HOH HOH A . 
B 2 HOH 15 216 216 HOH HOH A . 
B 2 HOH 16 217 217 HOH HOH A . 
B 2 HOH 17 218 218 HOH HOH A . 
B 2 HOH 18 219 219 HOH HOH A . 
B 2 HOH 19 220 220 HOH HOH A . 
B 2 HOH 20 221 221 HOH HOH A . 
B 2 HOH 21 222 222 HOH HOH A . 
B 2 HOH 22 224 224 HOH HOH A . 
B 2 HOH 23 225 225 HOH HOH A . 
B 2 HOH 24 226 226 HOH HOH A . 
B 2 HOH 25 227 227 HOH HOH A . 
B 2 HOH 26 228 228 HOH HOH A . 
B 2 HOH 27 230 230 HOH HOH A . 
# 
loop_
_pdbx_unobs_or_zero_occ_atoms.id 
_pdbx_unobs_or_zero_occ_atoms.PDB_model_num 
_pdbx_unobs_or_zero_occ_atoms.polymer_flag 
_pdbx_unobs_or_zero_occ_atoms.occupancy_flag 
_pdbx_unobs_or_zero_occ_atoms.auth_asym_id 
_pdbx_unobs_or_zero_occ_atoms.auth_comp_id 
_pdbx_unobs_or_zero_occ_atoms.auth_seq_id 
_pdbx_unobs_or_zero_occ_atoms.PDB_ins_code 
_pdbx_unobs_or_zero_occ_atoms.auth_atom_id 
_pdbx_unobs_or_zero_occ_atoms.label_alt_id 
_pdbx_unobs_or_zero_occ_atoms.label_asym_id 
_pdbx_unobs_or_zero_occ_atoms.label_comp_id 
_pdbx_unobs_or_zero_occ_atoms.label_seq_id 
_pdbx_unobs_or_zero_occ_atoms.label_atom_id 
1 1 Y 1 A ARG 116 ? CG  ? A ARG 116 CG  
2 1 Y 1 A ARG 116 ? CD  ? A ARG 116 CD  
3 1 Y 1 A ARG 116 ? NE  ? A ARG 116 NE  
4 1 Y 1 A ARG 116 ? CZ  ? A ARG 116 CZ  
5 1 Y 1 A ARG 116 ? NH1 ? A ARG 116 NH1 
6 1 Y 1 A ARG 116 ? NH2 ? A ARG 116 NH2 
# 
loop_
_software.name 
_software.classification 
_software.version 
_software.citation_id 
_software.pdbx_ordinal 
X-PLOR    'model building' .     ? 1 
AMoRE     phasing          .     ? 2 
X-PLOR    refinement       3.851 ? 3 
SCALEPACK 'data scaling'   .     ? 4 
X-PLOR    phasing          .     ? 5 
# 
_cell.entry_id           1FNJ 
_cell.length_a           82.600 
_cell.length_b           82.600 
_cell.length_c           42.843 
_cell.angle_alpha        90.00 
_cell.angle_beta         90.00 
_cell.angle_gamma        120.00 
_cell.Z_PDB              9 
_cell.pdbx_unique_axis   ? 
# 
_symmetry.entry_id                         1FNJ 
_symmetry.space_group_name_H-M             'H 3' 
_symmetry.pdbx_full_space_group_name_H-M   ? 
_symmetry.cell_setting                     ? 
_symmetry.Int_Tables_number                146 
# 
_exptl.entry_id          1FNJ 
_exptl.method            'X-RAY DIFFRACTION' 
_exptl.crystals_number   1 
# 
_exptl_crystal.id                    1 
_exptl_crystal.density_meas          ? 
_exptl_crystal.density_Matthews      2.2 
_exptl_crystal.density_percent_sol   45 
_exptl_crystal.description           ? 
# 
_exptl_crystal_grow.crystal_id      1 
_exptl_crystal_grow.method          'VAPOR DIFFUSION, HANGING DROP' 
_exptl_crystal_grow.pH              7.0 
_exptl_crystal_grow.temp            295 
_exptl_crystal_grow.temp_details    ? 
_exptl_crystal_grow.pdbx_details    
;Protein solution: 10 mM Tris-HCl, 2mM DTT, 0.125 mM EDTA, Reservoir solution: 30% PEG 400, 50 mM Tris-HCl, 50 mM Magnesium Chloride, pH 7.0, VAPOR DIFFUSION, HANGING DROP, temperature 295K
;
_exptl_crystal_grow.pdbx_pH_range   . 
# 
_diffrn.id                     1 
_diffrn.ambient_temp           295.0 
_diffrn.ambient_temp_details   ? 
_diffrn.crystal_id             1 
# 
_diffrn_detector.diffrn_id              1 
_diffrn_detector.detector               'IMAGE PLATE' 
_diffrn_detector.type                   'RIGAKU RAXIS IIC' 
_diffrn_detector.pdbx_collection_date   1996-11-01 
_diffrn_detector.details                ? 
# 
_diffrn_radiation.diffrn_id                        1 
_diffrn_radiation.wavelength_id                    1 
_diffrn_radiation.pdbx_monochromatic_or_laue_m_l   M 
_diffrn_radiation.monochromator                    ? 
_diffrn_radiation.pdbx_diffrn_protocol             'SINGLE WAVELENGTH' 
_diffrn_radiation.pdbx_scattering_type             x-ray 
# 
_diffrn_radiation_wavelength.id           1 
_diffrn_radiation_wavelength.wavelength   1.54 
_diffrn_radiation_wavelength.wt           1.0 
# 
_diffrn_source.diffrn_id                   1 
_diffrn_source.source                      'ROTATING ANODE' 
_diffrn_source.type                        'RIGAKU RU200' 
_diffrn_source.pdbx_synchrotron_site       ? 
_diffrn_source.pdbx_synchrotron_beamline   ? 
_diffrn_source.pdbx_wavelength             1.54 
_diffrn_source.pdbx_wavelength_list        ? 
# 
_reflns.entry_id                     1FNJ 
_reflns.observed_criterion_sigma_I   0.000 
_reflns.observed_criterion_sigma_F   ? 
_reflns.d_resolution_low             30.000 
_reflns.d_resolution_high            1.750 
_reflns.number_obs                   10748 
_reflns.number_all                   ? 
_reflns.percent_possible_obs         97.7 
_reflns.pdbx_Rmerge_I_obs            ? 
_reflns.pdbx_Rsym_value              0.0600000 
_reflns.pdbx_netI_over_sigmaI        29.0 
_reflns.B_iso_Wilson_estimate        ? 
_reflns.pdbx_redundancy              4.900 
_reflns.R_free_details               ? 
_reflns.limit_h_max                  ? 
_reflns.limit_h_min                  ? 
_reflns.limit_k_max                  ? 
_reflns.limit_k_min                  ? 
_reflns.limit_l_max                  ? 
_reflns.limit_l_min                  ? 
_reflns.observed_criterion_F_max     ? 
_reflns.observed_criterion_F_min     ? 
_reflns.pdbx_ordinal                 1 
_reflns.pdbx_diffrn_id               1 
# 
_reflns_shell.d_res_high             1.75 
_reflns_shell.d_res_low              1.81 
_reflns_shell.percent_possible_all   82.1 
_reflns_shell.Rmerge_I_obs           ? 
_reflns_shell.pdbx_Rsym_value        0.0680000 
_reflns_shell.meanI_over_sigI_obs    ? 
_reflns_shell.pdbx_redundancy        2.5 
_reflns_shell.percent_possible_obs   ? 
_reflns_shell.number_unique_all      ? 
_reflns_shell.pdbx_ordinal           1 
_reflns_shell.pdbx_diffrn_id         1 
# 
_refine.entry_id                                 1FNJ 
_refine.ls_number_reflns_obs                     7430 
_refine.ls_number_reflns_all                     ? 
_refine.pdbx_ls_sigma_I                          ? 
_refine.pdbx_ls_sigma_F                          2.000 
_refine.pdbx_data_cutoff_high_absF               ? 
_refine.pdbx_data_cutoff_low_absF                ? 
_refine.pdbx_data_cutoff_high_rms_absF           ? 
_refine.ls_d_res_low                             30.00 
_refine.ls_d_res_high                            1.90 
_refine.ls_percent_reflns_obs                    ? 
_refine.ls_R_factor_obs                          0.1960000 
_refine.ls_R_factor_all                          ? 
_refine.ls_R_factor_R_work                       0.1960000 
_refine.ls_R_factor_R_free                       0.2210000 
_refine.ls_R_factor_R_free_error                 ? 
_refine.ls_R_factor_R_free_error_details         ? 
_refine.ls_percent_reflns_R_free                 5.0 
_refine.ls_number_reflns_R_free                  419 
_refine.ls_number_parameters                     ? 
_refine.ls_number_restraints                     ? 
_refine.occupancy_min                            ? 
_refine.occupancy_max                            ? 
_refine.B_iso_mean                               ? 
_refine.aniso_B[1][1]                            ? 
_refine.aniso_B[2][2]                            ? 
_refine.aniso_B[3][3]                            ? 
_refine.aniso_B[1][2]                            ? 
_refine.aniso_B[1][3]                            ? 
_refine.aniso_B[2][3]                            ? 
_refine.solvent_model_details                    ? 
_refine.solvent_model_param_ksol                 ? 
_refine.solvent_model_param_bsol                 ? 
_refine.pdbx_ls_cross_valid_method               R-FREE 
_refine.details                                  ? 
_refine.pdbx_starting_model                      'PDB# 2CHT' 
_refine.pdbx_method_to_determine_struct          'MOLECULAR REPLACEMEN' 
_refine.pdbx_isotropic_thermal_model             ? 
_refine.pdbx_stereochemistry_target_values       ? 
_refine.pdbx_stereochem_target_val_spec_case     ? 
_refine.pdbx_R_Free_selection_details            RANDOM 
_refine.pdbx_overall_ESU_R                       ? 
_refine.pdbx_overall_ESU_R_Free                  ? 
_refine.overall_SU_ML                            ? 
_refine.overall_SU_B                             ? 
_refine.ls_redundancy_reflns_obs                 ? 
_refine.B_iso_min                                ? 
_refine.B_iso_max                                ? 
_refine.correlation_coeff_Fo_to_Fc               ? 
_refine.correlation_coeff_Fo_to_Fc_free          ? 
_refine.pdbx_solvent_vdw_probe_radii             ? 
_refine.pdbx_solvent_ion_probe_radii             ? 
_refine.pdbx_solvent_shrinkage_radii             ? 
_refine.overall_SU_R_Cruickshank_DPI             ? 
_refine.overall_SU_R_free                        ? 
_refine.pdbx_refine_id                           'X-RAY DIFFRACTION' 
_refine.pdbx_diffrn_id                           1 
_refine.pdbx_TLS_residual_ADP_flag               ? 
_refine.pdbx_overall_phase_error                 ? 
_refine.pdbx_overall_SU_R_free_Cruickshank_DPI   ? 
_refine.pdbx_overall_SU_R_Blow_DPI               ? 
_refine.pdbx_overall_SU_R_free_Blow_DPI          ? 
# 
_refine_hist.pdbx_refine_id                   'X-RAY DIFFRACTION' 
_refine_hist.cycle_id                         LAST 
_refine_hist.pdbx_number_atoms_protein        909 
_refine_hist.pdbx_number_atoms_nucleic_acid   0 
_refine_hist.pdbx_number_atoms_ligand         0 
_refine_hist.number_atoms_solvent             27 
_refine_hist.number_atoms_total               936 
_refine_hist.d_res_high                       1.90 
_refine_hist.d_res_low                        30.00 
# 
loop_
_refine_ls_restr.type 
_refine_ls_restr.dev_ideal 
_refine_ls_restr.dev_ideal_target 
_refine_ls_restr.weight 
_refine_ls_restr.number 
_refine_ls_restr.pdbx_refine_id 
_refine_ls_restr.pdbx_restraint_function 
x_bond_d                0.011 ? ? ? 'X-RAY DIFFRACTION' ? 
x_bond_d_na             ?     ? ? ? 'X-RAY DIFFRACTION' ? 
x_bond_d_prot           ?     ? ? ? 'X-RAY DIFFRACTION' ? 
x_angle_d               ?     ? ? ? 'X-RAY DIFFRACTION' ? 
x_angle_d_na            ?     ? ? ? 'X-RAY DIFFRACTION' ? 
x_angle_d_prot          ?     ? ? ? 'X-RAY DIFFRACTION' ? 
x_angle_deg             1.36  ? ? ? 'X-RAY DIFFRACTION' ? 
x_angle_deg_na          ?     ? ? ? 'X-RAY DIFFRACTION' ? 
x_angle_deg_prot        ?     ? ? ? 'X-RAY DIFFRACTION' ? 
x_dihedral_angle_d      27.04 ? ? ? 'X-RAY DIFFRACTION' ? 
x_dihedral_angle_d_na   ?     ? ? ? 'X-RAY DIFFRACTION' ? 
x_dihedral_angle_d_prot ?     ? ? ? 'X-RAY DIFFRACTION' ? 
x_improper_angle_d      1.13  ? ? ? 'X-RAY DIFFRACTION' ? 
x_improper_angle_d_na   ?     ? ? ? 'X-RAY DIFFRACTION' ? 
x_improper_angle_d_prot ?     ? ? ? 'X-RAY DIFFRACTION' ? 
x_mcbond_it             ?     ? ? ? 'X-RAY DIFFRACTION' ? 
x_mcangle_it            ?     ? ? ? 'X-RAY DIFFRACTION' ? 
x_scbond_it             ?     ? ? ? 'X-RAY DIFFRACTION' ? 
x_scangle_it            ?     ? ? ? 'X-RAY DIFFRACTION' ? 
# 
_refine_ls_shell.pdbx_total_number_of_bins_used   8 
_refine_ls_shell.d_res_high                       1.90 
_refine_ls_shell.d_res_low                        1.99 
_refine_ls_shell.number_reflns_R_work             1018 
_refine_ls_shell.R_factor_R_work                  0.3160000 
_refine_ls_shell.percent_reflns_obs               ? 
_refine_ls_shell.R_factor_R_free                  0.3430000 
_refine_ls_shell.R_factor_R_free_error            ? 
_refine_ls_shell.percent_reflns_R_free            3.4 
_refine_ls_shell.number_reflns_R_free             35 
_refine_ls_shell.redundancy_reflns_obs            ? 
_refine_ls_shell.number_reflns_all                ? 
_refine_ls_shell.number_reflns_obs                ? 
_refine_ls_shell.pdbx_refine_id                   'X-RAY DIFFRACTION' 
_refine_ls_shell.R_factor_all                     ? 
# 
_pdbx_xplor_file.serial_no        1 
_pdbx_xplor_file.param_file       PARHCSDX.PRO 
_pdbx_xplor_file.topol_file       TOPHCSDX.PRO 
_pdbx_xplor_file.pdbx_refine_id   'X-RAY DIFFRACTION' 
# 
_struct.entry_id                  1FNJ 
_struct.title                     'CRYSTAL STRUCTURE ANALYSIS OF CHORISMATE MUTASE MUTANT C88S/R90K' 
_struct.pdbx_model_details        ? 
_struct.pdbx_CASP_flag            ? 
_struct.pdbx_model_type_details   ? 
# 
_struct_keywords.entry_id        1FNJ 
_struct_keywords.pdbx_keywords   ISOMERASE 
_struct_keywords.text            'chorismate mutase, protein, mutant, pseudo-alpha beta-barrel, trimer, ISOMERASE' 
# 
loop_
_struct_asym.id 
_struct_asym.pdbx_blank_PDB_chainid_flag 
_struct_asym.pdbx_modified 
_struct_asym.entity_id 
_struct_asym.details 
A N N 1 ? 
B N N 2 ? 
# 
_struct_ref.id                         1 
_struct_ref.db_name                    UNP 
_struct_ref.db_code                    CHMU_BACSU 
_struct_ref.pdbx_db_accession          P19080 
_struct_ref.entity_id                  1 
_struct_ref.pdbx_align_begin           1 
_struct_ref.pdbx_db_isoform            ? 
_struct_ref.pdbx_seq_one_letter_code   ? 
# 
_struct_ref_seq.align_id                      1 
_struct_ref_seq.ref_id                        1 
_struct_ref_seq.pdbx_PDB_id_code              1FNJ 
_struct_ref_seq.pdbx_strand_id                A 
_struct_ref_seq.seq_align_beg                 1 
_struct_ref_seq.pdbx_seq_align_beg_ins_code   ? 
_struct_ref_seq.seq_align_end                 127 
_struct_ref_seq.pdbx_seq_align_end_ins_code   ? 
_struct_ref_seq.pdbx_db_accession             P19080 
_struct_ref_seq.db_align_beg                  1 
_struct_ref_seq.pdbx_db_align_beg_ins_code    ? 
_struct_ref_seq.db_align_end                  127 
_struct_ref_seq.pdbx_db_align_end_ins_code    ? 
_struct_ref_seq.pdbx_auth_seq_align_beg       1 
_struct_ref_seq.pdbx_auth_seq_align_end       127 
# 
loop_
_struct_ref_seq_dif.align_id 
_struct_ref_seq_dif.pdbx_pdb_id_code 
_struct_ref_seq_dif.mon_id 
_struct_ref_seq_dif.pdbx_pdb_strand_id 
_struct_ref_seq_dif.seq_num 
_struct_ref_seq_dif.pdbx_pdb_ins_code 
_struct_ref_seq_dif.pdbx_seq_db_name 
_struct_ref_seq_dif.pdbx_seq_db_accession_code 
_struct_ref_seq_dif.db_mon_id 
_struct_ref_seq_dif.pdbx_seq_db_seq_num 
_struct_ref_seq_dif.details 
_struct_ref_seq_dif.pdbx_auth_seq_num 
_struct_ref_seq_dif.pdbx_ordinal 
1 1FNJ CSO A 75 ? UNP P19080 CYS 75 'modified residue'    75 1 
1 1FNJ SER A 88 ? UNP P19080 CYS 88 'engineered mutation' 88 2 
1 1FNJ LYS A 90 ? UNP P19080 ARG 90 'engineered mutation' 90 3 
# 
_pdbx_struct_assembly.id                   1 
_pdbx_struct_assembly.details              author_and_software_defined_assembly 
_pdbx_struct_assembly.method_details       PISA,PQS 
_pdbx_struct_assembly.oligomeric_details   trimeric 
_pdbx_struct_assembly.oligomeric_count     3 
# 
loop_
_pdbx_struct_assembly_prop.biol_id 
_pdbx_struct_assembly_prop.type 
_pdbx_struct_assembly_prop.value 
_pdbx_struct_assembly_prop.details 
1 'ABSA (A^2)' 6120  ? 
1 MORE         -43   ? 
1 'SSA (A^2)'  14900 ? 
# 
_pdbx_struct_assembly_gen.assembly_id       1 
_pdbx_struct_assembly_gen.oper_expression   1,2,3 
_pdbx_struct_assembly_gen.asym_id_list      A,B 
# 
loop_
_pdbx_struct_oper_list.id 
_pdbx_struct_oper_list.type 
_pdbx_struct_oper_list.name 
_pdbx_struct_oper_list.symmetry_operation 
_pdbx_struct_oper_list.matrix[1][1] 
_pdbx_struct_oper_list.matrix[1][2] 
_pdbx_struct_oper_list.matrix[1][3] 
_pdbx_struct_oper_list.vector[1] 
_pdbx_struct_oper_list.matrix[2][1] 
_pdbx_struct_oper_list.matrix[2][2] 
_pdbx_struct_oper_list.matrix[2][3] 
_pdbx_struct_oper_list.vector[2] 
_pdbx_struct_oper_list.matrix[3][1] 
_pdbx_struct_oper_list.matrix[3][2] 
_pdbx_struct_oper_list.matrix[3][3] 
_pdbx_struct_oper_list.vector[3] 
1 'identity operation'         1_555 x,y,z        1.0000000000  0.0000000000  0.0000000000  0.0000000000   0.0000000000  1.0000000000  0.0000000000 0.0000000000   0.0000000000  0.0000000000 1.0000000000 0.0000000000  
2 'crystal symmetry operation' 2_665 -y+1,x-y+1,z -0.3751792846 0.6543354904  -0.6565710704 -17.6670449664 -0.9179323470 -0.3608337915 0.1649217430 -12.9182431829 -0.1289988791 0.6645630451 0.7360130761 -1.2796035382 
3 'crystal symmetry operation' 3_565 -x+y,-x+1,z  -0.3751792846 -0.9179323470 -0.1289988791 -18.6514499976 0.6543354904  -0.3608337915 0.6645630451 7.7492130873   -0.6565710704 0.1649217430 0.7360130761 -8.5273665040 
# 
_struct_biol.id                    1 
_struct_biol.pdbx_parent_biol_id   ? 
_struct_biol.details               ? 
# 
loop_
_struct_conf.conf_type_id 
_struct_conf.id 
_struct_conf.pdbx_PDB_helix_id 
_struct_conf.beg_label_comp_id 
_struct_conf.beg_label_asym_id 
_struct_conf.beg_label_seq_id 
_struct_conf.pdbx_beg_PDB_ins_code 
_struct_conf.end_label_comp_id 
_struct_conf.end_label_asym_id 
_struct_conf.end_label_seq_id 
_struct_conf.pdbx_end_PDB_ins_code 
_struct_conf.beg_auth_comp_id 
_struct_conf.beg_auth_asym_id 
_struct_conf.beg_auth_seq_id 
_struct_conf.end_auth_comp_id 
_struct_conf.end_auth_asym_id 
_struct_conf.end_auth_seq_id 
_struct_conf.pdbx_PDB_helix_class 
_struct_conf.details 
_struct_conf.pdbx_PDB_helix_length 
HELX_P HELX_P1 1 THR A 16  ? HIS A 36  ? THR A 16  HIS A 36  1 ? 21 
HELX_P HELX_P2 2 LYS A 38  ? GLU A 40  ? LYS A 38  GLU A 40  5 ? 3  
HELX_P HELX_P3 3 PHE A 57  ? LEU A 65  ? PHE A 57  LEU A 65  5 ? 9  
HELX_P HELX_P4 4 PRO A 100 ? ILE A 104 ? PRO A 100 ILE A 104 5 ? 5  
HELX_P HELX_P5 5 GLU A 110 ? ARG A 116 ? GLU A 110 ARG A 116 5 ? 7  
# 
_struct_conf_type.id          HELX_P 
_struct_conf_type.criteria    ? 
_struct_conf_type.reference   ? 
# 
loop_
_struct_conn.id 
_struct_conn.conn_type_id 
_struct_conn.pdbx_leaving_atom_flag 
_struct_conn.pdbx_PDB_id 
_struct_conn.ptnr1_label_asym_id 
_struct_conn.ptnr1_label_comp_id 
_struct_conn.ptnr1_label_seq_id 
_struct_conn.ptnr1_label_atom_id 
_struct_conn.pdbx_ptnr1_label_alt_id 
_struct_conn.pdbx_ptnr1_PDB_ins_code 
_struct_conn.pdbx_ptnr1_standard_comp_id 
_struct_conn.ptnr1_symmetry 
_struct_conn.ptnr2_label_asym_id 
_struct_conn.ptnr2_label_comp_id 
_struct_conn.ptnr2_label_seq_id 
_struct_conn.ptnr2_label_atom_id 
_struct_conn.pdbx_ptnr2_label_alt_id 
_struct_conn.pdbx_ptnr2_PDB_ins_code 
_struct_conn.ptnr1_auth_asym_id 
_struct_conn.ptnr1_auth_comp_id 
_struct_conn.ptnr1_auth_seq_id 
_struct_conn.ptnr2_auth_asym_id 
_struct_conn.ptnr2_auth_comp_id 
_struct_conn.ptnr2_auth_seq_id 
_struct_conn.ptnr2_symmetry 
_struct_conn.pdbx_ptnr3_label_atom_id 
_struct_conn.pdbx_ptnr3_label_seq_id 
_struct_conn.pdbx_ptnr3_label_comp_id 
_struct_conn.pdbx_ptnr3_label_asym_id 
_struct_conn.pdbx_ptnr3_label_alt_id 
_struct_conn.pdbx_ptnr3_PDB_ins_code 
_struct_conn.details 
_struct_conn.pdbx_dist_value 
_struct_conn.pdbx_value_order 
_struct_conn.pdbx_role 
covale1 covale both ? A THR 74 C ? ? ? 1_555 A CSO 75 N ? ? A THR 74 A CSO 75 1_555 ? ? ? ? ? ? ? 1.334 ? ? 
covale2 covale both ? A CSO 75 C ? ? ? 1_555 A MET 76 N ? ? A CSO 75 A MET 76 1_555 ? ? ? ? ? ? ? 1.327 ? ? 
# 
_struct_conn_type.id          covale 
_struct_conn_type.criteria    ? 
_struct_conn_type.reference   ? 
# 
_pdbx_modification_feature.ordinal                            1 
_pdbx_modification_feature.label_comp_id                      CSO 
_pdbx_modification_feature.label_asym_id                      A 
_pdbx_modification_feature.label_seq_id                       75 
_pdbx_modification_feature.label_alt_id                       ? 
_pdbx_modification_feature.modified_residue_label_comp_id     . 
_pdbx_modification_feature.modified_residue_label_asym_id     . 
_pdbx_modification_feature.modified_residue_label_seq_id      . 
_pdbx_modification_feature.modified_residue_label_alt_id      . 
_pdbx_modification_feature.auth_comp_id                       CSO 
_pdbx_modification_feature.auth_asym_id                       A 
_pdbx_modification_feature.auth_seq_id                        75 
_pdbx_modification_feature.PDB_ins_code                       ? 
_pdbx_modification_feature.symmetry                           1_555 
_pdbx_modification_feature.modified_residue_auth_comp_id      . 
_pdbx_modification_feature.modified_residue_auth_asym_id      . 
_pdbx_modification_feature.modified_residue_auth_seq_id       . 
_pdbx_modification_feature.modified_residue_PDB_ins_code      . 
_pdbx_modification_feature.modified_residue_symmetry          . 
_pdbx_modification_feature.comp_id_linking_atom               . 
_pdbx_modification_feature.modified_residue_id_linking_atom   . 
_pdbx_modification_feature.modified_residue_id                CYS 
_pdbx_modification_feature.ref_pcm_id                         1 
_pdbx_modification_feature.ref_comp_id                        CSO 
_pdbx_modification_feature.type                               Hydroxylation 
_pdbx_modification_feature.category                           'Named protein modification' 
# 
_struct_sheet.id               A 
_struct_sheet.type             ? 
_struct_sheet.number_strands   5 
_struct_sheet.details          ? 
# 
loop_
_struct_sheet_order.sheet_id 
_struct_sheet_order.range_id_1 
_struct_sheet_order.range_id_2 
_struct_sheet_order.offset 
_struct_sheet_order.sense 
A 1 2 ? parallel      
A 2 3 ? anti-parallel 
A 3 4 ? anti-parallel 
A 4 5 ? parallel      
# 
loop_
_struct_sheet_range.sheet_id 
_struct_sheet_range.id 
_struct_sheet_range.beg_label_comp_id 
_struct_sheet_range.beg_label_asym_id 
_struct_sheet_range.beg_label_seq_id 
_struct_sheet_range.pdbx_beg_PDB_ins_code 
_struct_sheet_range.end_label_comp_id 
_struct_sheet_range.end_label_asym_id 
_struct_sheet_range.end_label_seq_id 
_struct_sheet_range.pdbx_end_PDB_ins_code 
_struct_sheet_range.beg_auth_comp_id 
_struct_sheet_range.beg_auth_asym_id 
_struct_sheet_range.beg_auth_seq_id 
_struct_sheet_range.end_auth_comp_id 
_struct_sheet_range.end_auth_asym_id 
_struct_sheet_range.end_auth_seq_id 
A 1 VAL A 73  ? GLN A 77  ? VAL A 73  GLN A 77  
A 2 VAL A 42  ? ALA A 49  ? VAL A 42  ALA A 49  
A 3 SER A 88  ? GLN A 96  ? SER A 88  GLN A 96  
A 4 ILE A 3   ? THR A 11  ? ILE A 3   THR A 11  
A 5 VAL A 107 ? TYR A 108 ? VAL A 107 TYR A 108 
# 
loop_
_pdbx_struct_sheet_hbond.sheet_id 
_pdbx_struct_sheet_hbond.range_id_1 
_pdbx_struct_sheet_hbond.range_id_2 
_pdbx_struct_sheet_hbond.range_1_label_atom_id 
_pdbx_struct_sheet_hbond.range_1_label_comp_id 
_pdbx_struct_sheet_hbond.range_1_label_asym_id 
_pdbx_struct_sheet_hbond.range_1_label_seq_id 
_pdbx_struct_sheet_hbond.range_1_PDB_ins_code 
_pdbx_struct_sheet_hbond.range_1_auth_atom_id 
_pdbx_struct_sheet_hbond.range_1_auth_comp_id 
_pdbx_struct_sheet_hbond.range_1_auth_asym_id 
_pdbx_struct_sheet_hbond.range_1_auth_seq_id 
_pdbx_struct_sheet_hbond.range_2_label_atom_id 
_pdbx_struct_sheet_hbond.range_2_label_comp_id 
_pdbx_struct_sheet_hbond.range_2_label_asym_id 
_pdbx_struct_sheet_hbond.range_2_label_seq_id 
_pdbx_struct_sheet_hbond.range_2_PDB_ins_code 
_pdbx_struct_sheet_hbond.range_2_auth_atom_id 
_pdbx_struct_sheet_hbond.range_2_auth_comp_id 
_pdbx_struct_sheet_hbond.range_2_auth_asym_id 
_pdbx_struct_sheet_hbond.range_2_auth_seq_id 
A 1 2 N THR A 74 ? N THR A 74 O MET A 45  ? O MET A 45  
A 2 3 O SER A 48 ? O SER A 48 N LYS A 90  ? N LYS A 90  
A 3 4 O VAL A 95 ? O VAL A 95 N ARG A 4   ? N ARG A 4   
A 4 5 N ALA A 9  ? N ALA A 9  O VAL A 107 ? O VAL A 107 
# 
_pdbx_entry_details.entry_id                   1FNJ 
_pdbx_entry_details.compound_details           ? 
_pdbx_entry_details.source_details             ? 
_pdbx_entry_details.nonpolymer_details         ? 
_pdbx_entry_details.sequence_details           ? 
_pdbx_entry_details.has_ligand_of_interest     ? 
_pdbx_entry_details.has_protein_modification   Y 
# 
_pdbx_validate_rmsd_bond.id                        1 
_pdbx_validate_rmsd_bond.PDB_model_num             1 
_pdbx_validate_rmsd_bond.auth_atom_id_1            CD 
_pdbx_validate_rmsd_bond.auth_asym_id_1            A 
_pdbx_validate_rmsd_bond.auth_comp_id_1            PRO 
_pdbx_validate_rmsd_bond.auth_seq_id_1             100 
_pdbx_validate_rmsd_bond.PDB_ins_code_1            ? 
_pdbx_validate_rmsd_bond.label_alt_id_1            ? 
_pdbx_validate_rmsd_bond.auth_atom_id_2            N 
_pdbx_validate_rmsd_bond.auth_asym_id_2            A 
_pdbx_validate_rmsd_bond.auth_comp_id_2            PRO 
_pdbx_validate_rmsd_bond.auth_seq_id_2             100 
_pdbx_validate_rmsd_bond.PDB_ins_code_2            ? 
_pdbx_validate_rmsd_bond.label_alt_id_2            ? 
_pdbx_validate_rmsd_bond.bond_value                1.221 
_pdbx_validate_rmsd_bond.bond_target_value         1.474 
_pdbx_validate_rmsd_bond.bond_deviation            -0.253 
_pdbx_validate_rmsd_bond.bond_standard_deviation   0.014 
_pdbx_validate_rmsd_bond.linker_flag               N 
# 
loop_
_pdbx_validate_torsion.id 
_pdbx_validate_torsion.PDB_model_num 
_pdbx_validate_torsion.auth_comp_id 
_pdbx_validate_torsion.auth_asym_id 
_pdbx_validate_torsion.auth_seq_id 
_pdbx_validate_torsion.PDB_ins_code 
_pdbx_validate_torsion.label_alt_id 
_pdbx_validate_torsion.phi 
_pdbx_validate_torsion.psi 
1 1 PRO A 51  ? ? -59.14 7.10    
2 1 GLU A 110 ? ? 56.05  -140.88 
# 
_pdbx_struct_mod_residue.id               1 
_pdbx_struct_mod_residue.label_asym_id    A 
_pdbx_struct_mod_residue.label_comp_id    CSO 
_pdbx_struct_mod_residue.label_seq_id     75 
_pdbx_struct_mod_residue.auth_asym_id     A 
_pdbx_struct_mod_residue.auth_comp_id     CSO 
_pdbx_struct_mod_residue.auth_seq_id      75 
_pdbx_struct_mod_residue.PDB_ins_code     ? 
_pdbx_struct_mod_residue.parent_comp_id   CYS 
_pdbx_struct_mod_residue.details          S-HYDROXYCYSTEINE 
# 
loop_
_pdbx_unobs_or_zero_occ_residues.id 
_pdbx_unobs_or_zero_occ_residues.PDB_model_num 
_pdbx_unobs_or_zero_occ_residues.polymer_flag 
_pdbx_unobs_or_zero_occ_residues.occupancy_flag 
_pdbx_unobs_or_zero_occ_residues.auth_asym_id 
_pdbx_unobs_or_zero_occ_residues.auth_comp_id 
_pdbx_unobs_or_zero_occ_residues.auth_seq_id 
_pdbx_unobs_or_zero_occ_residues.PDB_ins_code 
_pdbx_unobs_or_zero_occ_residues.label_asym_id 
_pdbx_unobs_or_zero_occ_residues.label_comp_id 
_pdbx_unobs_or_zero_occ_residues.label_seq_id 
1  1 Y 1 A MET 1   ? A MET 1   
2  1 Y 1 A PRO 117 ? A PRO 117 
3  1 Y 1 A ASP 118 ? A ASP 118 
4  1 Y 1 A LEU 119 ? A LEU 119 
5  1 Y 1 A SER 120 ? A SER 120 
6  1 Y 1 A LEU 121 ? A LEU 121 
7  1 Y 1 A THR 122 ? A THR 122 
8  1 Y 1 A LYS 123 ? A LYS 123 
9  1 Y 1 A ASN 124 ? A ASN 124 
10 1 Y 1 A THR 125 ? A THR 125 
11 1 Y 1 A GLU 126 ? A GLU 126 
12 1 Y 1 A LEU 127 ? A LEU 127 
# 
loop_
_chem_comp_atom.comp_id 
_chem_comp_atom.atom_id 
_chem_comp_atom.type_symbol 
_chem_comp_atom.pdbx_aromatic_flag 
_chem_comp_atom.pdbx_stereo_config 
_chem_comp_atom.pdbx_ordinal 
ALA N    N N N 1   
ALA CA   C N S 2   
ALA C    C N N 3   
ALA O    O N N 4   
ALA CB   C N N 5   
ALA OXT  O N N 6   
ALA H    H N N 7   
ALA H2   H N N 8   
ALA HA   H N N 9   
ALA HB1  H N N 10  
ALA HB2  H N N 11  
ALA HB3  H N N 12  
ALA HXT  H N N 13  
ARG N    N N N 14  
ARG CA   C N S 15  
ARG C    C N N 16  
ARG O    O N N 17  
ARG CB   C N N 18  
ARG CG   C N N 19  
ARG CD   C N N 20  
ARG NE   N N N 21  
ARG CZ   C N N 22  
ARG NH1  N N N 23  
ARG NH2  N N N 24  
ARG OXT  O N N 25  
ARG H    H N N 26  
ARG H2   H N N 27  
ARG HA   H N N 28  
ARG HB2  H N N 29  
ARG HB3  H N N 30  
ARG HG2  H N N 31  
ARG HG3  H N N 32  
ARG HD2  H N N 33  
ARG HD3  H N N 34  
ARG HE   H N N 35  
ARG HH11 H N N 36  
ARG HH12 H N N 37  
ARG HH21 H N N 38  
ARG HH22 H N N 39  
ARG HXT  H N N 40  
ASN N    N N N 41  
ASN CA   C N S 42  
ASN C    C N N 43  
ASN O    O N N 44  
ASN CB   C N N 45  
ASN CG   C N N 46  
ASN OD1  O N N 47  
ASN ND2  N N N 48  
ASN OXT  O N N 49  
ASN H    H N N 50  
ASN H2   H N N 51  
ASN HA   H N N 52  
ASN HB2  H N N 53  
ASN HB3  H N N 54  
ASN HD21 H N N 55  
ASN HD22 H N N 56  
ASN HXT  H N N 57  
ASP N    N N N 58  
ASP CA   C N S 59  
ASP C    C N N 60  
ASP O    O N N 61  
ASP CB   C N N 62  
ASP CG   C N N 63  
ASP OD1  O N N 64  
ASP OD2  O N N 65  
ASP OXT  O N N 66  
ASP H    H N N 67  
ASP H2   H N N 68  
ASP HA   H N N 69  
ASP HB2  H N N 70  
ASP HB3  H N N 71  
ASP HD2  H N N 72  
ASP HXT  H N N 73  
CSO N    N N N 74  
CSO CA   C N R 75  
CSO CB   C N N 76  
CSO SG   S N N 77  
CSO C    C N N 78  
CSO O    O N N 79  
CSO OXT  O N N 80  
CSO OD   O N N 81  
CSO H    H N N 82  
CSO H2   H N N 83  
CSO HA   H N N 84  
CSO HB2  H N N 85  
CSO HB3  H N N 86  
CSO HXT  H N N 87  
CSO HD   H N N 88  
CYS N    N N N 89  
CYS CA   C N R 90  
CYS C    C N N 91  
CYS O    O N N 92  
CYS CB   C N N 93  
CYS SG   S N N 94  
CYS OXT  O N N 95  
CYS H    H N N 96  
CYS H2   H N N 97  
CYS HA   H N N 98  
CYS HB2  H N N 99  
CYS HB3  H N N 100 
CYS HG   H N N 101 
CYS HXT  H N N 102 
GLN N    N N N 103 
GLN CA   C N S 104 
GLN C    C N N 105 
GLN O    O N N 106 
GLN CB   C N N 107 
GLN CG   C N N 108 
GLN CD   C N N 109 
GLN OE1  O N N 110 
GLN NE2  N N N 111 
GLN OXT  O N N 112 
GLN H    H N N 113 
GLN H2   H N N 114 
GLN HA   H N N 115 
GLN HB2  H N N 116 
GLN HB3  H N N 117 
GLN HG2  H N N 118 
GLN HG3  H N N 119 
GLN HE21 H N N 120 
GLN HE22 H N N 121 
GLN HXT  H N N 122 
GLU N    N N N 123 
GLU CA   C N S 124 
GLU C    C N N 125 
GLU O    O N N 126 
GLU CB   C N N 127 
GLU CG   C N N 128 
GLU CD   C N N 129 
GLU OE1  O N N 130 
GLU OE2  O N N 131 
GLU OXT  O N N 132 
GLU H    H N N 133 
GLU H2   H N N 134 
GLU HA   H N N 135 
GLU HB2  H N N 136 
GLU HB3  H N N 137 
GLU HG2  H N N 138 
GLU HG3  H N N 139 
GLU HE2  H N N 140 
GLU HXT  H N N 141 
GLY N    N N N 142 
GLY CA   C N N 143 
GLY C    C N N 144 
GLY O    O N N 145 
GLY OXT  O N N 146 
GLY H    H N N 147 
GLY H2   H N N 148 
GLY HA2  H N N 149 
GLY HA3  H N N 150 
GLY HXT  H N N 151 
HIS N    N N N 152 
HIS CA   C N S 153 
HIS C    C N N 154 
HIS O    O N N 155 
HIS CB   C N N 156 
HIS CG   C Y N 157 
HIS ND1  N Y N 158 
HIS CD2  C Y N 159 
HIS CE1  C Y N 160 
HIS NE2  N Y N 161 
HIS OXT  O N N 162 
HIS H    H N N 163 
HIS H2   H N N 164 
HIS HA   H N N 165 
HIS HB2  H N N 166 
HIS HB3  H N N 167 
HIS HD1  H N N 168 
HIS HD2  H N N 169 
HIS HE1  H N N 170 
HIS HE2  H N N 171 
HIS HXT  H N N 172 
HOH O    O N N 173 
HOH H1   H N N 174 
HOH H2   H N N 175 
ILE N    N N N 176 
ILE CA   C N S 177 
ILE C    C N N 178 
ILE O    O N N 179 
ILE CB   C N S 180 
ILE CG1  C N N 181 
ILE CG2  C N N 182 
ILE CD1  C N N 183 
ILE OXT  O N N 184 
ILE H    H N N 185 
ILE H2   H N N 186 
ILE HA   H N N 187 
ILE HB   H N N 188 
ILE HG12 H N N 189 
ILE HG13 H N N 190 
ILE HG21 H N N 191 
ILE HG22 H N N 192 
ILE HG23 H N N 193 
ILE HD11 H N N 194 
ILE HD12 H N N 195 
ILE HD13 H N N 196 
ILE HXT  H N N 197 
LEU N    N N N 198 
LEU CA   C N S 199 
LEU C    C N N 200 
LEU O    O N N 201 
LEU CB   C N N 202 
LEU CG   C N N 203 
LEU CD1  C N N 204 
LEU CD2  C N N 205 
LEU OXT  O N N 206 
LEU H    H N N 207 
LEU H2   H N N 208 
LEU HA   H N N 209 
LEU HB2  H N N 210 
LEU HB3  H N N 211 
LEU HG   H N N 212 
LEU HD11 H N N 213 
LEU HD12 H N N 214 
LEU HD13 H N N 215 
LEU HD21 H N N 216 
LEU HD22 H N N 217 
LEU HD23 H N N 218 
LEU HXT  H N N 219 
LYS N    N N N 220 
LYS CA   C N S 221 
LYS C    C N N 222 
LYS O    O N N 223 
LYS CB   C N N 224 
LYS CG   C N N 225 
LYS CD   C N N 226 
LYS CE   C N N 227 
LYS NZ   N N N 228 
LYS OXT  O N N 229 
LYS H    H N N 230 
LYS H2   H N N 231 
LYS HA   H N N 232 
LYS HB2  H N N 233 
LYS HB3  H N N 234 
LYS HG2  H N N 235 
LYS HG3  H N N 236 
LYS HD2  H N N 237 
LYS HD3  H N N 238 
LYS HE2  H N N 239 
LYS HE3  H N N 240 
LYS HZ1  H N N 241 
LYS HZ2  H N N 242 
LYS HZ3  H N N 243 
LYS HXT  H N N 244 
MET N    N N N 245 
MET CA   C N S 246 
MET C    C N N 247 
MET O    O N N 248 
MET CB   C N N 249 
MET CG   C N N 250 
MET SD   S N N 251 
MET CE   C N N 252 
MET OXT  O N N 253 
MET H    H N N 254 
MET H2   H N N 255 
MET HA   H N N 256 
MET HB2  H N N 257 
MET HB3  H N N 258 
MET HG2  H N N 259 
MET HG3  H N N 260 
MET HE1  H N N 261 
MET HE2  H N N 262 
MET HE3  H N N 263 
MET HXT  H N N 264 
PHE N    N N N 265 
PHE CA   C N S 266 
PHE C    C N N 267 
PHE O    O N N 268 
PHE CB   C N N 269 
PHE CG   C Y N 270 
PHE CD1  C Y N 271 
PHE CD2  C Y N 272 
PHE CE1  C Y N 273 
PHE CE2  C Y N 274 
PHE CZ   C Y N 275 
PHE OXT  O N N 276 
PHE H    H N N 277 
PHE H2   H N N 278 
PHE HA   H N N 279 
PHE HB2  H N N 280 
PHE HB3  H N N 281 
PHE HD1  H N N 282 
PHE HD2  H N N 283 
PHE HE1  H N N 284 
PHE HE2  H N N 285 
PHE HZ   H N N 286 
PHE HXT  H N N 287 
PRO N    N N N 288 
PRO CA   C N S 289 
PRO C    C N N 290 
PRO O    O N N 291 
PRO CB   C N N 292 
PRO CG   C N N 293 
PRO CD   C N N 294 
PRO OXT  O N N 295 
PRO H    H N N 296 
PRO HA   H N N 297 
PRO HB2  H N N 298 
PRO HB3  H N N 299 
PRO HG2  H N N 300 
PRO HG3  H N N 301 
PRO HD2  H N N 302 
PRO HD3  H N N 303 
PRO HXT  H N N 304 
SER N    N N N 305 
SER CA   C N S 306 
SER C    C N N 307 
SER O    O N N 308 
SER CB   C N N 309 
SER OG   O N N 310 
SER OXT  O N N 311 
SER H    H N N 312 
SER H2   H N N 313 
SER HA   H N N 314 
SER HB2  H N N 315 
SER HB3  H N N 316 
SER HG   H N N 317 
SER HXT  H N N 318 
THR N    N N N 319 
THR CA   C N S 320 
THR C    C N N 321 
THR O    O N N 322 
THR CB   C N R 323 
THR OG1  O N N 324 
THR CG2  C N N 325 
THR OXT  O N N 326 
THR H    H N N 327 
THR H2   H N N 328 
THR HA   H N N 329 
THR HB   H N N 330 
THR HG1  H N N 331 
THR HG21 H N N 332 
THR HG22 H N N 333 
THR HG23 H N N 334 
THR HXT  H N N 335 
TRP N    N N N 336 
TRP CA   C N S 337 
TRP C    C N N 338 
TRP O    O N N 339 
TRP CB   C N N 340 
TRP CG   C Y N 341 
TRP CD1  C Y N 342 
TRP CD2  C Y N 343 
TRP NE1  N Y N 344 
TRP CE2  C Y N 345 
TRP CE3  C Y N 346 
TRP CZ2  C Y N 347 
TRP CZ3  C Y N 348 
TRP CH2  C Y N 349 
TRP OXT  O N N 350 
TRP H    H N N 351 
TRP H2   H N N 352 
TRP HA   H N N 353 
TRP HB2  H N N 354 
TRP HB3  H N N 355 
TRP HD1  H N N 356 
TRP HE1  H N N 357 
TRP HE3  H N N 358 
TRP HZ2  H N N 359 
TRP HZ3  H N N 360 
TRP HH2  H N N 361 
TRP HXT  H N N 362 
TYR N    N N N 363 
TYR CA   C N S 364 
TYR C    C N N 365 
TYR O    O N N 366 
TYR CB   C N N 367 
TYR CG   C Y N 368 
TYR CD1  C Y N 369 
TYR CD2  C Y N 370 
TYR CE1  C Y N 371 
TYR CE2  C Y N 372 
TYR CZ   C Y N 373 
TYR OH   O N N 374 
TYR OXT  O N N 375 
TYR H    H N N 376 
TYR H2   H N N 377 
TYR HA   H N N 378 
TYR HB2  H N N 379 
TYR HB3  H N N 380 
TYR HD1  H N N 381 
TYR HD2  H N N 382 
TYR HE1  H N N 383 
TYR HE2  H N N 384 
TYR HH   H N N 385 
TYR HXT  H N N 386 
VAL N    N N N 387 
VAL CA   C N S 388 
VAL C    C N N 389 
VAL O    O N N 390 
VAL CB   C N N 391 
VAL CG1  C N N 392 
VAL CG2  C N N 393 
VAL OXT  O N N 394 
VAL H    H N N 395 
VAL H2   H N N 396 
VAL HA   H N N 397 
VAL HB   H N N 398 
VAL HG11 H N N 399 
VAL HG12 H N N 400 
VAL HG13 H N N 401 
VAL HG21 H N N 402 
VAL HG22 H N N 403 
VAL HG23 H N N 404 
VAL HXT  H N N 405 
# 
loop_
_chem_comp_bond.comp_id 
_chem_comp_bond.atom_id_1 
_chem_comp_bond.atom_id_2 
_chem_comp_bond.value_order 
_chem_comp_bond.pdbx_aromatic_flag 
_chem_comp_bond.pdbx_stereo_config 
_chem_comp_bond.pdbx_ordinal 
ALA N   CA   sing N N 1   
ALA N   H    sing N N 2   
ALA N   H2   sing N N 3   
ALA CA  C    sing N N 4   
ALA CA  CB   sing N N 5   
ALA CA  HA   sing N N 6   
ALA C   O    doub N N 7   
ALA C   OXT  sing N N 8   
ALA CB  HB1  sing N N 9   
ALA CB  HB2  sing N N 10  
ALA CB  HB3  sing N N 11  
ALA OXT HXT  sing N N 12  
ARG N   CA   sing N N 13  
ARG N   H    sing N N 14  
ARG N   H2   sing N N 15  
ARG CA  C    sing N N 16  
ARG CA  CB   sing N N 17  
ARG CA  HA   sing N N 18  
ARG C   O    doub N N 19  
ARG C   OXT  sing N N 20  
ARG CB  CG   sing N N 21  
ARG CB  HB2  sing N N 22  
ARG CB  HB3  sing N N 23  
ARG CG  CD   sing N N 24  
ARG CG  HG2  sing N N 25  
ARG CG  HG3  sing N N 26  
ARG CD  NE   sing N N 27  
ARG CD  HD2  sing N N 28  
ARG CD  HD3  sing N N 29  
ARG NE  CZ   sing N N 30  
ARG NE  HE   sing N N 31  
ARG CZ  NH1  sing N N 32  
ARG CZ  NH2  doub N N 33  
ARG NH1 HH11 sing N N 34  
ARG NH1 HH12 sing N N 35  
ARG NH2 HH21 sing N N 36  
ARG NH2 HH22 sing N N 37  
ARG OXT HXT  sing N N 38  
ASN N   CA   sing N N 39  
ASN N   H    sing N N 40  
ASN N   H2   sing N N 41  
ASN CA  C    sing N N 42  
ASN CA  CB   sing N N 43  
ASN CA  HA   sing N N 44  
ASN C   O    doub N N 45  
ASN C   OXT  sing N N 46  
ASN CB  CG   sing N N 47  
ASN CB  HB2  sing N N 48  
ASN CB  HB3  sing N N 49  
ASN CG  OD1  doub N N 50  
ASN CG  ND2  sing N N 51  
ASN ND2 HD21 sing N N 52  
ASN ND2 HD22 sing N N 53  
ASN OXT HXT  sing N N 54  
ASP N   CA   sing N N 55  
ASP N   H    sing N N 56  
ASP N   H2   sing N N 57  
ASP CA  C    sing N N 58  
ASP CA  CB   sing N N 59  
ASP CA  HA   sing N N 60  
ASP C   O    doub N N 61  
ASP C   OXT  sing N N 62  
ASP CB  CG   sing N N 63  
ASP CB  HB2  sing N N 64  
ASP CB  HB3  sing N N 65  
ASP CG  OD1  doub N N 66  
ASP CG  OD2  sing N N 67  
ASP OD2 HD2  sing N N 68  
ASP OXT HXT  sing N N 69  
CSO N   CA   sing N N 70  
CSO N   H    sing N N 71  
CSO N   H2   sing N N 72  
CSO CA  CB   sing N N 73  
CSO CA  C    sing N N 74  
CSO CA  HA   sing N N 75  
CSO CB  SG   sing N N 76  
CSO CB  HB2  sing N N 77  
CSO CB  HB3  sing N N 78  
CSO SG  OD   sing N N 79  
CSO C   O    doub N N 80  
CSO C   OXT  sing N N 81  
CSO OXT HXT  sing N N 82  
CSO OD  HD   sing N N 83  
CYS N   CA   sing N N 84  
CYS N   H    sing N N 85  
CYS N   H2   sing N N 86  
CYS CA  C    sing N N 87  
CYS CA  CB   sing N N 88  
CYS CA  HA   sing N N 89  
CYS C   O    doub N N 90  
CYS C   OXT  sing N N 91  
CYS CB  SG   sing N N 92  
CYS CB  HB2  sing N N 93  
CYS CB  HB3  sing N N 94  
CYS SG  HG   sing N N 95  
CYS OXT HXT  sing N N 96  
GLN N   CA   sing N N 97  
GLN N   H    sing N N 98  
GLN N   H2   sing N N 99  
GLN CA  C    sing N N 100 
GLN CA  CB   sing N N 101 
GLN CA  HA   sing N N 102 
GLN C   O    doub N N 103 
GLN C   OXT  sing N N 104 
GLN CB  CG   sing N N 105 
GLN CB  HB2  sing N N 106 
GLN CB  HB3  sing N N 107 
GLN CG  CD   sing N N 108 
GLN CG  HG2  sing N N 109 
GLN CG  HG3  sing N N 110 
GLN CD  OE1  doub N N 111 
GLN CD  NE2  sing N N 112 
GLN NE2 HE21 sing N N 113 
GLN NE2 HE22 sing N N 114 
GLN OXT HXT  sing N N 115 
GLU N   CA   sing N N 116 
GLU N   H    sing N N 117 
GLU N   H2   sing N N 118 
GLU CA  C    sing N N 119 
GLU CA  CB   sing N N 120 
GLU CA  HA   sing N N 121 
GLU C   O    doub N N 122 
GLU C   OXT  sing N N 123 
GLU CB  CG   sing N N 124 
GLU CB  HB2  sing N N 125 
GLU CB  HB3  sing N N 126 
GLU CG  CD   sing N N 127 
GLU CG  HG2  sing N N 128 
GLU CG  HG3  sing N N 129 
GLU CD  OE1  doub N N 130 
GLU CD  OE2  sing N N 131 
GLU OE2 HE2  sing N N 132 
GLU OXT HXT  sing N N 133 
GLY N   CA   sing N N 134 
GLY N   H    sing N N 135 
GLY N   H2   sing N N 136 
GLY CA  C    sing N N 137 
GLY CA  HA2  sing N N 138 
GLY CA  HA3  sing N N 139 
GLY C   O    doub N N 140 
GLY C   OXT  sing N N 141 
GLY OXT HXT  sing N N 142 
HIS N   CA   sing N N 143 
HIS N   H    sing N N 144 
HIS N   H2   sing N N 145 
HIS CA  C    sing N N 146 
HIS CA  CB   sing N N 147 
HIS CA  HA   sing N N 148 
HIS C   O    doub N N 149 
HIS C   OXT  sing N N 150 
HIS CB  CG   sing N N 151 
HIS CB  HB2  sing N N 152 
HIS CB  HB3  sing N N 153 
HIS CG  ND1  sing Y N 154 
HIS CG  CD2  doub Y N 155 
HIS ND1 CE1  doub Y N 156 
HIS ND1 HD1  sing N N 157 
HIS CD2 NE2  sing Y N 158 
HIS CD2 HD2  sing N N 159 
HIS CE1 NE2  sing Y N 160 
HIS CE1 HE1  sing N N 161 
HIS NE2 HE2  sing N N 162 
HIS OXT HXT  sing N N 163 
HOH O   H1   sing N N 164 
HOH O   H2   sing N N 165 
ILE N   CA   sing N N 166 
ILE N   H    sing N N 167 
ILE N   H2   sing N N 168 
ILE CA  C    sing N N 169 
ILE CA  CB   sing N N 170 
ILE CA  HA   sing N N 171 
ILE C   O    doub N N 172 
ILE C   OXT  sing N N 173 
ILE CB  CG1  sing N N 174 
ILE CB  CG2  sing N N 175 
ILE CB  HB   sing N N 176 
ILE CG1 CD1  sing N N 177 
ILE CG1 HG12 sing N N 178 
ILE CG1 HG13 sing N N 179 
ILE CG2 HG21 sing N N 180 
ILE CG2 HG22 sing N N 181 
ILE CG2 HG23 sing N N 182 
ILE CD1 HD11 sing N N 183 
ILE CD1 HD12 sing N N 184 
ILE CD1 HD13 sing N N 185 
ILE OXT HXT  sing N N 186 
LEU N   CA   sing N N 187 
LEU N   H    sing N N 188 
LEU N   H2   sing N N 189 
LEU CA  C    sing N N 190 
LEU CA  CB   sing N N 191 
LEU CA  HA   sing N N 192 
LEU C   O    doub N N 193 
LEU C   OXT  sing N N 194 
LEU CB  CG   sing N N 195 
LEU CB  HB2  sing N N 196 
LEU CB  HB3  sing N N 197 
LEU CG  CD1  sing N N 198 
LEU CG  CD2  sing N N 199 
LEU CG  HG   sing N N 200 
LEU CD1 HD11 sing N N 201 
LEU CD1 HD12 sing N N 202 
LEU CD1 HD13 sing N N 203 
LEU CD2 HD21 sing N N 204 
LEU CD2 HD22 sing N N 205 
LEU CD2 HD23 sing N N 206 
LEU OXT HXT  sing N N 207 
LYS N   CA   sing N N 208 
LYS N   H    sing N N 209 
LYS N   H2   sing N N 210 
LYS CA  C    sing N N 211 
LYS CA  CB   sing N N 212 
LYS CA  HA   sing N N 213 
LYS C   O    doub N N 214 
LYS C   OXT  sing N N 215 
LYS CB  CG   sing N N 216 
LYS CB  HB2  sing N N 217 
LYS CB  HB3  sing N N 218 
LYS CG  CD   sing N N 219 
LYS CG  HG2  sing N N 220 
LYS CG  HG3  sing N N 221 
LYS CD  CE   sing N N 222 
LYS CD  HD2  sing N N 223 
LYS CD  HD3  sing N N 224 
LYS CE  NZ   sing N N 225 
LYS CE  HE2  sing N N 226 
LYS CE  HE3  sing N N 227 
LYS NZ  HZ1  sing N N 228 
LYS NZ  HZ2  sing N N 229 
LYS NZ  HZ3  sing N N 230 
LYS OXT HXT  sing N N 231 
MET N   CA   sing N N 232 
MET N   H    sing N N 233 
MET N   H2   sing N N 234 
MET CA  C    sing N N 235 
MET CA  CB   sing N N 236 
MET CA  HA   sing N N 237 
MET C   O    doub N N 238 
MET C   OXT  sing N N 239 
MET CB  CG   sing N N 240 
MET CB  HB2  sing N N 241 
MET CB  HB3  sing N N 242 
MET CG  SD   sing N N 243 
MET CG  HG2  sing N N 244 
MET CG  HG3  sing N N 245 
MET SD  CE   sing N N 246 
MET CE  HE1  sing N N 247 
MET CE  HE2  sing N N 248 
MET CE  HE3  sing N N 249 
MET OXT HXT  sing N N 250 
PHE N   CA   sing N N 251 
PHE N   H    sing N N 252 
PHE N   H2   sing N N 253 
PHE CA  C    sing N N 254 
PHE CA  CB   sing N N 255 
PHE CA  HA   sing N N 256 
PHE C   O    doub N N 257 
PHE C   OXT  sing N N 258 
PHE CB  CG   sing N N 259 
PHE CB  HB2  sing N N 260 
PHE CB  HB3  sing N N 261 
PHE CG  CD1  doub Y N 262 
PHE CG  CD2  sing Y N 263 
PHE CD1 CE1  sing Y N 264 
PHE CD1 HD1  sing N N 265 
PHE CD2 CE2  doub Y N 266 
PHE CD2 HD2  sing N N 267 
PHE CE1 CZ   doub Y N 268 
PHE CE1 HE1  sing N N 269 
PHE CE2 CZ   sing Y N 270 
PHE CE2 HE2  sing N N 271 
PHE CZ  HZ   sing N N 272 
PHE OXT HXT  sing N N 273 
PRO N   CA   sing N N 274 
PRO N   CD   sing N N 275 
PRO N   H    sing N N 276 
PRO CA  C    sing N N 277 
PRO CA  CB   sing N N 278 
PRO CA  HA   sing N N 279 
PRO C   O    doub N N 280 
PRO C   OXT  sing N N 281 
PRO CB  CG   sing N N 282 
PRO CB  HB2  sing N N 283 
PRO CB  HB3  sing N N 284 
PRO CG  CD   sing N N 285 
PRO CG  HG2  sing N N 286 
PRO CG  HG3  sing N N 287 
PRO CD  HD2  sing N N 288 
PRO CD  HD3  sing N N 289 
PRO OXT HXT  sing N N 290 
SER N   CA   sing N N 291 
SER N   H    sing N N 292 
SER N   H2   sing N N 293 
SER CA  C    sing N N 294 
SER CA  CB   sing N N 295 
SER CA  HA   sing N N 296 
SER C   O    doub N N 297 
SER C   OXT  sing N N 298 
SER CB  OG   sing N N 299 
SER CB  HB2  sing N N 300 
SER CB  HB3  sing N N 301 
SER OG  HG   sing N N 302 
SER OXT HXT  sing N N 303 
THR N   CA   sing N N 304 
THR N   H    sing N N 305 
THR N   H2   sing N N 306 
THR CA  C    sing N N 307 
THR CA  CB   sing N N 308 
THR CA  HA   sing N N 309 
THR C   O    doub N N 310 
THR C   OXT  sing N N 311 
THR CB  OG1  sing N N 312 
THR CB  CG2  sing N N 313 
THR CB  HB   sing N N 314 
THR OG1 HG1  sing N N 315 
THR CG2 HG21 sing N N 316 
THR CG2 HG22 sing N N 317 
THR CG2 HG23 sing N N 318 
THR OXT HXT  sing N N 319 
TRP N   CA   sing N N 320 
TRP N   H    sing N N 321 
TRP N   H2   sing N N 322 
TRP CA  C    sing N N 323 
TRP CA  CB   sing N N 324 
TRP CA  HA   sing N N 325 
TRP C   O    doub N N 326 
TRP C   OXT  sing N N 327 
TRP CB  CG   sing N N 328 
TRP CB  HB2  sing N N 329 
TRP CB  HB3  sing N N 330 
TRP CG  CD1  doub Y N 331 
TRP CG  CD2  sing Y N 332 
TRP CD1 NE1  sing Y N 333 
TRP CD1 HD1  sing N N 334 
TRP CD2 CE2  doub Y N 335 
TRP CD2 CE3  sing Y N 336 
TRP NE1 CE2  sing Y N 337 
TRP NE1 HE1  sing N N 338 
TRP CE2 CZ2  sing Y N 339 
TRP CE3 CZ3  doub Y N 340 
TRP CE3 HE3  sing N N 341 
TRP CZ2 CH2  doub Y N 342 
TRP CZ2 HZ2  sing N N 343 
TRP CZ3 CH2  sing Y N 344 
TRP CZ3 HZ3  sing N N 345 
TRP CH2 HH2  sing N N 346 
TRP OXT HXT  sing N N 347 
TYR N   CA   sing N N 348 
TYR N   H    sing N N 349 
TYR N   H2   sing N N 350 
TYR CA  C    sing N N 351 
TYR CA  CB   sing N N 352 
TYR CA  HA   sing N N 353 
TYR C   O    doub N N 354 
TYR C   OXT  sing N N 355 
TYR CB  CG   sing N N 356 
TYR CB  HB2  sing N N 357 
TYR CB  HB3  sing N N 358 
TYR CG  CD1  doub Y N 359 
TYR CG  CD2  sing Y N 360 
TYR CD1 CE1  sing Y N 361 
TYR CD1 HD1  sing N N 362 
TYR CD2 CE2  doub Y N 363 
TYR CD2 HD2  sing N N 364 
TYR CE1 CZ   doub Y N 365 
TYR CE1 HE1  sing N N 366 
TYR CE2 CZ   sing Y N 367 
TYR CE2 HE2  sing N N 368 
TYR CZ  OH   sing N N 369 
TYR OH  HH   sing N N 370 
TYR OXT HXT  sing N N 371 
VAL N   CA   sing N N 372 
VAL N   H    sing N N 373 
VAL N   H2   sing N N 374 
VAL CA  C    sing N N 375 
VAL CA  CB   sing N N 376 
VAL CA  HA   sing N N 377 
VAL C   O    doub N N 378 
VAL C   OXT  sing N N 379 
VAL CB  CG1  sing N N 380 
VAL CB  CG2  sing N N 381 
VAL CB  HB   sing N N 382 
VAL CG1 HG11 sing N N 383 
VAL CG1 HG12 sing N N 384 
VAL CG1 HG13 sing N N 385 
VAL CG2 HG21 sing N N 386 
VAL CG2 HG22 sing N N 387 
VAL CG2 HG23 sing N N 388 
VAL OXT HXT  sing N N 389 
# 
_pdbx_initial_refinement_model.id               1 
_pdbx_initial_refinement_model.entity_id_list   ? 
_pdbx_initial_refinement_model.type             'experimental model' 
_pdbx_initial_refinement_model.source_name      PDB 
_pdbx_initial_refinement_model.accession_code   2CHT 
_pdbx_initial_refinement_model.details          'PDB# 2CHT' 
# 
_atom_sites.entry_id                    1FNJ 
_atom_sites.fract_transf_matrix[1][1]   -0.00317369 
_atom_sites.fract_transf_matrix[1][2]   -0.01317914 
_atom_sites.fract_transf_matrix[1][3]   0.00341370 
_atom_sites.fract_transf_matrix[2][1]   -0.01284766 
_atom_sites.fract_transf_matrix[2][2]   -0.00494786 
_atom_sites.fract_transf_matrix[2][3]   -0.00242253 
_atom_sites.fract_transf_matrix[3][1]   0.00673313 
_atom_sites.fract_transf_matrix[3][2]   -0.00710953 
_atom_sites.fract_transf_matrix[3][3]   -0.02118778 
_atom_sites.fract_transf_vector[1]      0.283377 
_atom_sites.fract_transf_vector[2]      0.494666 
_atom_sites.fract_transf_vector[3]      0.004750 
# 
loop_
_atom_type.symbol 
C 
N 
O 
S 
# 
loop_
_atom_site.group_PDB 
_atom_site.id 
_atom_site.type_symbol 
_atom_site.label_atom_id 
_atom_site.label_alt_id 
_atom_site.label_comp_id 
_atom_site.label_asym_id 
_atom_site.label_entity_id 
_atom_site.label_seq_id 
_atom_site.pdbx_PDB_ins_code 
_atom_site.Cartn_x 
_atom_site.Cartn_y 
_atom_site.Cartn_z 
_atom_site.occupancy 
_atom_site.B_iso_or_equiv 
_atom_site.pdbx_formal_charge 
_atom_site.auth_seq_id 
_atom_site.auth_comp_id 
_atom_site.auth_asym_id 
_atom_site.auth_atom_id 
_atom_site.pdbx_PDB_model_num 
ATOM   1   N N   . MET A 1 2   ? -13.917 7.624   14.785  1.00 48.26 ? 2   MET A N   1 
ATOM   2   C CA  . MET A 1 2   ? -14.128 7.745   13.313  1.00 46.70 ? 2   MET A CA  1 
ATOM   3   C C   . MET A 1 2   ? -13.168 6.801   12.528  1.00 41.73 ? 2   MET A C   1 
ATOM   4   O O   . MET A 1 2   ? -12.173 6.302   13.054  1.00 37.26 ? 2   MET A O   1 
ATOM   5   C CB  . MET A 1 2   ? -13.936 9.207   12.879  1.00 48.41 ? 2   MET A CB  1 
ATOM   6   C CG  . MET A 1 2   ? -14.129 9.479   11.379  1.00 58.10 ? 2   MET A CG  1 
ATOM   7   S SD  . MET A 1 2   ? -15.728 8.973   10.672  1.00 71.23 ? 2   MET A SD  1 
ATOM   8   C CE  . MET A 1 2   ? -15.529 9.514   8.990   1.00 66.05 ? 2   MET A CE  1 
ATOM   9   N N   . ILE A 1 3   ? -13.519 6.548   11.268  1.00 31.40 ? 3   ILE A N   1 
ATOM   10  C CA  . ILE A 1 3   ? -12.742 5.680   10.368  1.00 26.95 ? 3   ILE A CA  1 
ATOM   11  C C   . ILE A 1 3   ? -12.215 6.538   9.183   1.00 23.45 ? 3   ILE A C   1 
ATOM   12  O O   . ILE A 1 3   ? -12.939 7.317   8.561   1.00 24.51 ? 3   ILE A O   1 
ATOM   13  C CB  . ILE A 1 3   ? -13.631 4.536   9.812   1.00 30.40 ? 3   ILE A CB  1 
ATOM   14  C CG1 . ILE A 1 3   ? -14.308 3.769   10.959  1.00 33.26 ? 3   ILE A CG1 1 
ATOM   15  C CG2 . ILE A 1 3   ? -12.826 3.606   8.930   1.00 27.83 ? 3   ILE A CG2 1 
ATOM   16  C CD1 . ILE A 1 3   ? -13.364 3.056   11.895  1.00 32.66 ? 3   ILE A CD1 1 
ATOM   17  N N   . ARG A 1 4   ? -10.928 6.381   8.889   1.00 16.77 ? 4   ARG A N   1 
ATOM   18  C CA  . ARG A 1 4   ? -10.278 7.131   7.801   1.00 17.23 ? 4   ARG A CA  1 
ATOM   19  C C   . ARG A 1 4   ? -9.476  6.207   6.888   1.00 16.96 ? 4   ARG A C   1 
ATOM   20  O O   . ARG A 1 4   ? -8.920  5.194   7.301   1.00 21.80 ? 4   ARG A O   1 
ATOM   21  C CB  . ARG A 1 4   ? -9.289  8.156   8.367   1.00 24.39 ? 4   ARG A CB  1 
ATOM   22  C CG  . ARG A 1 4   ? -9.876  9.193   9.276   1.00 22.48 ? 4   ARG A CG  1 
ATOM   23  C CD  . ARG A 1 4   ? -10.440 10.321  8.483   1.00 27.51 ? 4   ARG A CD  1 
ATOM   24  N NE  . ARG A 1 4   ? -11.137 11.270  9.340   1.00 31.57 ? 4   ARG A NE  1 
ATOM   25  C CZ  . ARG A 1 4   ? -12.100 12.075  8.910   1.00 27.75 ? 4   ARG A CZ  1 
ATOM   26  N NH1 . ARG A 1 4   ? -12.694 12.912  9.752   1.00 32.09 ? 4   ARG A NH1 1 
ATOM   27  N NH2 . ARG A 1 4   ? -12.465 12.043  7.632   1.00 25.80 ? 4   ARG A NH2 1 
ATOM   28  N N   . GLY A 1 5   ? -9.369  6.617   5.633   1.00 13.59 ? 5   GLY A N   1 
ATOM   29  C CA  . GLY A 1 5   ? -8.589  5.858   4.679   1.00 12.77 ? 5   GLY A CA  1 
ATOM   30  C C   . GLY A 1 5   ? -7.196  6.455   4.600   1.00 17.71 ? 5   GLY A C   1 
ATOM   31  O O   . GLY A 1 5   ? -7.033  7.662   4.716   1.00 15.37 ? 5   GLY A O   1 
ATOM   32  N N   . ILE A 1 6   ? -6.180  5.607   4.488   1.00 21.47 ? 6   ILE A N   1 
ATOM   33  C CA  . ILE A 1 6   ? -4.802  6.079   4.361   1.00 19.67 ? 6   ILE A CA  1 
ATOM   34  C C   . ILE A 1 6   ? -4.306  5.497   3.042   1.00 19.34 ? 6   ILE A C   1 
ATOM   35  O O   . ILE A 1 6   ? -4.370  4.288   2.784   1.00 19.14 ? 6   ILE A O   1 
ATOM   36  C CB  . ILE A 1 6   ? -3.871  5.580   5.482   1.00 15.72 ? 6   ILE A CB  1 
ATOM   37  C CG1 . ILE A 1 6   ? -4.394  6.009   6.849   1.00 16.36 ? 6   ILE A CG1 1 
ATOM   38  C CG2 . ILE A 1 6   ? -2.460  6.149   5.268   1.00 18.80 ? 6   ILE A CG2 1 
ATOM   39  C CD1 . ILE A 1 6   ? -3.491  5.598   7.988   1.00 23.53 ? 6   ILE A CD1 1 
ATOM   40  N N   . ARG A 1 7   ? -3.820  6.385   2.187   1.00 14.24 ? 7   ARG A N   1 
ATOM   41  C CA  . ARG A 1 7   ? -3.334  5.977   0.894   1.00 13.16 ? 7   ARG A CA  1 
ATOM   42  C C   . ARG A 1 7   ? -1.800  5.885   0.840   1.00 14.90 ? 7   ARG A C   1 
ATOM   43  O O   . ARG A 1 7   ? -1.073  6.535   1.581   1.00 19.80 ? 7   ARG A O   1 
ATOM   44  C CB  . ARG A 1 7   ? -3.845  6.934   -0.179  1.00 15.38 ? 7   ARG A CB  1 
ATOM   45  C CG  . ARG A 1 7   ? -3.647  6.413   -1.568  1.00 24.08 ? 7   ARG A CG  1 
ATOM   46  C CD  . ARG A 1 7   ? -4.457  7.193   -2.544  1.00 25.98 ? 7   ARG A CD  1 
ATOM   47  N NE  . ARG A 1 7   ? -4.374  6.609   -3.872  1.00 34.20 ? 7   ARG A NE  1 
ATOM   48  C CZ  . ARG A 1 7   ? -3.801  7.203   -4.911  1.00 35.59 ? 7   ARG A CZ  1 
ATOM   49  N NH1 . ARG A 1 7   ? -3.244  8.400   -4.767  1.00 37.12 ? 7   ARG A NH1 1 
ATOM   50  N NH2 . ARG A 1 7   ? -3.855  6.634   -6.111  1.00 35.49 ? 7   ARG A NH2 1 
ATOM   51  N N   . GLY A 1 8   ? -1.333  5.046   -0.074  1.00 16.17 ? 8   GLY A N   1 
ATOM   52  C CA  . GLY A 1 8   ? 0.084   4.847   -0.265  1.00 15.66 ? 8   GLY A CA  1 
ATOM   53  C C   . GLY A 1 8   ? 0.328   4.410   -1.690  1.00 16.55 ? 8   GLY A C   1 
ATOM   54  O O   . GLY A 1 8   ? -0.531  3.791   -2.321  1.00 17.25 ? 8   GLY A O   1 
ATOM   55  N N   . ALA A 1 9   ? 1.504   4.731   -2.212  1.00 14.93 ? 9   ALA A N   1 
ATOM   56  C CA  . ALA A 1 9   ? 1.837   4.361   -3.581  1.00 15.46 ? 9   ALA A CA  1 
ATOM   57  C C   . ALA A 1 9   ? 3.365   4.217   -3.742  1.00 17.25 ? 9   ALA A C   1 
ATOM   58  O O   . ALA A 1 9   ? 4.155   4.883   -3.087  1.00 19.78 ? 9   ALA A O   1 
ATOM   59  C CB  . ALA A 1 9   ? 1.302   5.411   -4.553  1.00 21.66 ? 9   ALA A CB  1 
ATOM   60  N N   . THR A 1 10  ? 3.756   3.321   -4.636  1.00 17.64 ? 10  THR A N   1 
ATOM   61  C CA  . THR A 1 10  ? 5.165   3.089   -4.922  1.00 23.30 ? 10  THR A CA  1 
ATOM   62  C C   . THR A 1 10  ? 5.270   2.482   -6.326  1.00 21.09 ? 10  THR A C   1 
ATOM   63  O O   . THR A 1 10  ? 4.276   2.270   -7.021  1.00 22.38 ? 10  THR A O   1 
ATOM   64  C CB  . THR A 1 10  ? 5.823   2.152   -3.867  1.00 23.85 ? 10  THR A CB  1 
ATOM   65  O OG1 . THR A 1 10  ? 7.238   2.127   -4.078  1.00 22.01 ? 10  THR A OG1 1 
ATOM   66  C CG2 . THR A 1 10  ? 5.278   0.726   -3.971  1.00 18.24 ? 10  THR A CG2 1 
ATOM   67  N N   . THR A 1 11  ? 6.500   2.276   -6.772  1.00 15.51 ? 11  THR A N   1 
ATOM   68  C CA  . THR A 1 11  ? 6.737   1.676   -8.080  1.00 17.73 ? 11  THR A CA  1 
ATOM   69  C C   . THR A 1 11  ? 7.908   0.712   -7.938  1.00 18.82 ? 11  THR A C   1 
ATOM   70  O O   . THR A 1 11  ? 8.686   0.760   -6.984  1.00 23.93 ? 11  THR A O   1 
ATOM   71  C CB  . THR A 1 11  ? 7.108   2.719   -9.159  1.00 25.42 ? 11  THR A CB  1 
ATOM   72  O OG1 . THR A 1 11  ? 8.271   3.445   -8.748  1.00 25.55 ? 11  THR A OG1 1 
ATOM   73  C CG2 . THR A 1 11  ? 5.962   3.683   -9.396  1.00 24.22 ? 11  THR A CG2 1 
ATOM   74  N N   . VAL A 1 12  ? 7.990   -0.206  -8.891  1.00 19.09 ? 12  VAL A N   1 
ATOM   75  C CA  . VAL A 1 12  ? 9.071   -1.182  -8.920  1.00 21.52 ? 12  VAL A CA  1 
ATOM   76  C C   . VAL A 1 12  ? 9.705   -1.075  -10.323 1.00 23.40 ? 12  VAL A C   1 
ATOM   77  O O   . VAL A 1 12  ? 9.080   -0.611  -11.273 1.00 25.94 ? 12  VAL A O   1 
ATOM   78  C CB  . VAL A 1 12  ? 8.555   -2.624  -8.659  1.00 25.35 ? 12  VAL A CB  1 
ATOM   79  C CG1 . VAL A 1 12  ? 7.982   -2.741  -7.244  1.00 25.27 ? 12  VAL A CG1 1 
ATOM   80  C CG2 . VAL A 1 12  ? 7.505   -3.013  -9.694  1.00 28.68 ? 12  VAL A CG2 1 
ATOM   81  N N   . GLU A 1 13  ? 10.974  -1.456  -10.428 1.00 27.38 ? 13  GLU A N   1 
ATOM   82  C CA  . GLU A 1 13  ? 11.673  -1.402  -11.716 1.00 30.20 ? 13  GLU A CA  1 
ATOM   83  C C   . GLU A 1 13  ? 11.372  -2.611  -12.615 1.00 26.97 ? 13  GLU A C   1 
ATOM   84  O O   . GLU A 1 13  ? 11.169  -2.486  -13.816 1.00 28.13 ? 13  GLU A O   1 
ATOM   85  C CB  . GLU A 1 13  ? 13.181  -1.251  -11.518 1.00 32.84 ? 13  GLU A CB  1 
ATOM   86  C CG  . GLU A 1 13  ? 13.607  0.168   -11.211 1.00 43.27 ? 13  GLU A CG  1 
ATOM   87  C CD  . GLU A 1 13  ? 13.137  1.161   -12.264 1.00 46.17 ? 13  GLU A CD  1 
ATOM   88  O OE1 . GLU A 1 13  ? 13.563  1.048   -13.436 1.00 43.92 ? 13  GLU A OE1 1 
ATOM   89  O OE2 . GLU A 1 13  ? 12.333  2.053   -11.914 1.00 47.53 ? 13  GLU A OE2 1 
ATOM   90  N N   . ARG A 1 14  ? 11.361  -3.793  -12.013 1.00 28.96 ? 14  ARG A N   1 
ATOM   91  C CA  . ARG A 1 14  ? 11.081  -5.021  -12.758 1.00 34.06 ? 14  ARG A CA  1 
ATOM   92  C C   . ARG A 1 14  ? 9.968   -5.843  -12.098 1.00 30.28 ? 14  ARG A C   1 
ATOM   93  O O   . ARG A 1 14  ? 9.700   -5.740  -10.903 1.00 40.74 ? 14  ARG A O   1 
ATOM   94  C CB  . ARG A 1 14  ? 12.334  -5.875  -12.868 1.00 48.99 ? 14  ARG A CB  1 
ATOM   95  C CG  . ARG A 1 14  ? 13.376  -5.300  -13.776 1.00 57.96 ? 14  ARG A CG  1 
ATOM   96  C CD  . ARG A 1 14  ? 14.565  -6.211  -13.829 1.00 66.90 ? 14  ARG A CD  1 
ATOM   97  N NE  . ARG A 1 14  ? 15.564  -5.713  -14.766 1.00 74.35 ? 14  ARG A NE  1 
ATOM   98  C CZ  . ARG A 1 14  ? 16.778  -6.238  -14.911 1.00 78.98 ? 14  ARG A CZ  1 
ATOM   99  N NH1 . ARG A 1 14  ? 17.148  -7.281  -14.176 1.00 79.03 ? 14  ARG A NH1 1 
ATOM   100 N NH2 . ARG A 1 14  ? 17.623  -5.720  -15.799 1.00 83.44 ? 14  ARG A NH2 1 
ATOM   101 N N   . ASP A 1 15  ? 9.333   -6.682  -12.910 1.00 30.59 ? 15  ASP A N   1 
ATOM   102 C CA  . ASP A 1 15  ? 8.247   -7.539  -12.442 1.00 28.88 ? 15  ASP A CA  1 
ATOM   103 C C   . ASP A 1 15  ? 8.823   -8.845  -11.835 1.00 28.87 ? 15  ASP A C   1 
ATOM   104 O O   . ASP A 1 15  ? 8.831   -9.910  -12.453 1.00 36.17 ? 15  ASP A O   1 
ATOM   105 C CB  . ASP A 1 15  ? 7.292   -7.858  -13.604 1.00 32.29 ? 15  ASP A CB  1 
ATOM   106 C CG  . ASP A 1 15  ? 6.034   -8.597  -13.156 1.00 30.70 ? 15  ASP A CG  1 
ATOM   107 O OD1 . ASP A 1 15  ? 5.663   -8.479  -11.970 1.00 34.74 ? 15  ASP A OD1 1 
ATOM   108 O OD2 . ASP A 1 15  ? 5.413   -9.292  -13.988 1.00 29.71 ? 15  ASP A OD2 1 
ATOM   109 N N   . THR A 1 16  ? 9.330   -8.735  -10.610 1.00 30.44 ? 16  THR A N   1 
ATOM   110 C CA  . THR A 1 16  ? 9.900   -9.898  -9.908  1.00 32.18 ? 16  THR A CA  1 
ATOM   111 C C   . THR A 1 16  ? 9.366   -9.946  -8.464  1.00 32.93 ? 16  THR A C   1 
ATOM   112 O O   . THR A 1 16  ? 9.116   -8.920  -7.822  1.00 35.31 ? 16  THR A O   1 
ATOM   113 C CB  . THR A 1 16  ? 11.449  -9.859  -9.841  1.00 32.67 ? 16  THR A CB  1 
ATOM   114 O OG1 . THR A 1 16  ? 11.866  -8.738  -9.052  1.00 36.14 ? 16  THR A OG1 1 
ATOM   115 C CG2 . THR A 1 16  ? 12.059  -9.770  -11.235 1.00 38.75 ? 16  THR A CG2 1 
ATOM   116 N N   . GLU A 1 17  ? 9.234   -11.167 -7.951  1.00 30.14 ? 17  GLU A N   1 
ATOM   117 C CA  . GLU A 1 17  ? 8.727   -11.384 -6.596  1.00 31.64 ? 17  GLU A CA  1 
ATOM   118 C C   . GLU A 1 17  ? 9.554   -10.615 -5.542  1.00 31.88 ? 17  GLU A C   1 
ATOM   119 O O   . GLU A 1 17  ? 9.019   -9.929  -4.663  1.00 29.28 ? 17  GLU A O   1 
ATOM   120 C CB  . GLU A 1 17  ? 8.707   -12.884 -6.263  1.00 35.09 ? 17  GLU A CB  1 
ATOM   121 C CG  . GLU A 1 17  ? 8.054   -13.212 -4.913  1.00 42.45 ? 17  GLU A CG  1 
ATOM   122 C CD  . GLU A 1 17  ? 7.828   -14.703 -4.679  1.00 47.62 ? 17  GLU A CD  1 
ATOM   123 O OE1 . GLU A 1 17  ? 7.654   -15.463 -5.661  1.00 50.78 ? 17  GLU A OE1 1 
ATOM   124 O OE2 . GLU A 1 17  ? 7.800   -15.109 -3.497  1.00 49.25 ? 17  GLU A OE2 1 
ATOM   125 N N   . GLU A 1 18  ? 10.876  -10.703 -5.690  1.00 34.94 ? 18  GLU A N   1 
ATOM   126 C CA  . GLU A 1 18  ? 11.811  -10.060 -4.758  1.00 38.93 ? 18  GLU A CA  1 
ATOM   127 C C   . GLU A 1 18  ? 11.592  -8.541  -4.589  1.00 32.28 ? 18  GLU A C   1 
ATOM   128 O O   . GLU A 1 18  ? 11.428  -8.030  -3.480  1.00 33.07 ? 18  GLU A O   1 
ATOM   129 C CB  . GLU A 1 18  ? 13.262  -10.330 -5.171  1.00 49.09 ? 18  GLU A CB  1 
ATOM   130 C CG  . GLU A 1 18  ? 14.287  -9.766  -4.188  1.00 62.85 ? 18  GLU A CG  1 
ATOM   131 C CD  . GLU A 1 18  ? 15.724  -9.885  -4.677  1.00 70.47 ? 18  GLU A CD  1 
ATOM   132 O OE1 . GLU A 1 18  ? 16.007  -9.451  -5.818  1.00 71.89 ? 18  GLU A OE1 1 
ATOM   133 O OE2 . GLU A 1 18  ? 16.575  -10.399 -3.913  1.00 73.54 ? 18  GLU A OE2 1 
ATOM   134 N N   . GLU A 1 19  ? 11.575  -7.832  -5.713  1.00 30.28 ? 19  GLU A N   1 
ATOM   135 C CA  . GLU A 1 19  ? 11.401  -6.375  -5.682  1.00 29.12 ? 19  GLU A CA  1 
ATOM   136 C C   . GLU A 1 19  ? 9.978   -5.925  -5.260  1.00 25.41 ? 19  GLU A C   1 
ATOM   137 O O   . GLU A 1 19  ? 9.799   -4.994  -4.469  1.00 24.01 ? 19  GLU A O   1 
ATOM   138 C CB  . GLU A 1 19  ? 11.772  -5.763  -7.030  1.00 24.55 ? 19  GLU A CB  1 
ATOM   139 C CG  . GLU A 1 19  ? 12.161  -4.312  -6.909  1.00 21.65 ? 19  GLU A CG  1 
ATOM   140 C CD  . GLU A 1 19  ? 12.449  -3.657  -8.238  1.00 22.86 ? 19  GLU A CD  1 
ATOM   141 O OE1 . GLU A 1 19  ? 12.464  -2.410  -8.271  1.00 24.19 ? 19  GLU A OE1 1 
ATOM   142 O OE2 . GLU A 1 19  ? 12.663  -4.367  -9.246  1.00 28.61 ? 19  GLU A OE2 1 
ATOM   143 N N   . ILE A 1 20  ? 8.972   -6.611  -5.798  1.00 22.93 ? 20  ILE A N   1 
ATOM   144 C CA  . ILE A 1 20  ? 7.567   -6.297  -5.476  1.00 22.92 ? 20  ILE A CA  1 
ATOM   145 C C   . ILE A 1 20  ? 7.337   -6.416  -3.956  1.00 22.56 ? 20  ILE A C   1 
ATOM   146 O O   . ILE A 1 20  ? 6.819   -5.507  -3.307  1.00 22.76 ? 20  ILE A O   1 
ATOM   147 C CB  . ILE A 1 20  ? 6.582   -7.212  -6.246  1.00 20.33 ? 20  ILE A CB  1 
ATOM   148 C CG1 . ILE A 1 20  ? 6.644   -6.886  -7.740  1.00 20.98 ? 20  ILE A CG1 1 
ATOM   149 C CG2 . ILE A 1 20  ? 5.161   -7.025  -5.731  1.00 22.06 ? 20  ILE A CG2 1 
ATOM   150 C CD1 . ILE A 1 20  ? 5.790   -7.793  -8.612  1.00 22.71 ? 20  ILE A CD1 1 
ATOM   151 N N   . LEU A 1 21  ? 7.805   -7.524  -3.388  1.00 24.22 ? 21  LEU A N   1 
ATOM   152 C CA  . LEU A 1 21  ? 7.652   -7.762  -1.946  1.00 23.10 ? 21  LEU A CA  1 
ATOM   153 C C   . LEU A 1 21  ? 8.499   -6.789  -1.100  1.00 21.98 ? 21  LEU A C   1 
ATOM   154 O O   . LEU A 1 21  ? 8.083   -6.324  -0.038  1.00 30.13 ? 21  LEU A O   1 
ATOM   155 C CB  . LEU A 1 21  ? 8.000   -9.217  -1.581  1.00 31.35 ? 21  LEU A CB  1 
ATOM   156 C CG  . LEU A 1 21  ? 7.113   -10.350 -2.121  1.00 31.98 ? 21  LEU A CG  1 
ATOM   157 C CD1 . LEU A 1 21  ? 7.523   -11.658 -1.457  1.00 33.99 ? 21  LEU A CD1 1 
ATOM   158 C CD2 . LEU A 1 21  ? 5.639   -10.062 -1.858  1.00 32.64 ? 21  LEU A CD2 1 
ATOM   159 N N   . GLN A 1 22  ? 9.690   -6.471  -1.598  1.00 23.30 ? 22  GLN A N   1 
ATOM   160 C CA  . GLN A 1 22  ? 10.604  -5.561  -0.889  1.00 26.37 ? 22  GLN A CA  1 
ATOM   161 C C   . GLN A 1 22  ? 10.017  -4.133  -0.786  1.00 21.54 ? 22  GLN A C   1 
ATOM   162 O O   . GLN A 1 22  ? 9.935   -3.521  0.281   1.00 20.60 ? 22  GLN A O   1 
ATOM   163 C CB  . GLN A 1 22  ? 11.945  -5.512  -1.618  1.00 38.08 ? 22  GLN A CB  1 
ATOM   164 C CG  . GLN A 1 22  ? 13.018  -4.676  -0.943  1.00 50.93 ? 22  GLN A CG  1 
ATOM   165 C CD  . GLN A 1 22  ? 14.291  -4.610  -1.773  1.00 58.80 ? 22  GLN A CD  1 
ATOM   166 O OE1 . GLN A 1 22  ? 15.050  -5.580  -1.852  1.00 60.90 ? 22  GLN A OE1 1 
ATOM   167 N NE2 . GLN A 1 22  ? 14.515  -3.468  -2.418  1.00 61.75 ? 22  GLN A NE2 1 
ATOM   168 N N   . LYS A 1 23  ? 9.586   -3.623  -1.933  1.00 24.26 ? 23  LYS A N   1 
ATOM   169 C CA  . LYS A 1 23  ? 9.031   -2.275  -1.987  1.00 24.48 ? 23  LYS A CA  1 
ATOM   170 C C   . LYS A 1 23  ? 7.614   -2.143  -1.404  1.00 22.37 ? 23  LYS A C   1 
ATOM   171 O O   . LYS A 1 23  ? 7.253   -1.113  -0.844  1.00 21.91 ? 23  LYS A O   1 
ATOM   172 C CB  . LYS A 1 23  ? 9.157   -1.698  -3.398  1.00 27.53 ? 23  LYS A CB  1 
ATOM   173 C CG  . LYS A 1 23  ? 10.629  -1.470  -3.758  1.00 34.61 ? 23  LYS A CG  1 
ATOM   174 C CD  . LYS A 1 23  ? 10.815  -0.795  -5.083  1.00 31.96 ? 23  LYS A CD  1 
ATOM   175 C CE  . LYS A 1 23  ? 12.284  -0.623  -5.388  1.00 32.74 ? 23  LYS A CE  1 
ATOM   176 N NZ  . LYS A 1 23  ? 12.484  -0.078  -6.755  1.00 33.19 ? 23  LYS A NZ  1 
ATOM   177 N N   . THR A 1 24  ? 6.831   -3.216  -1.486  1.00 21.66 ? 24  THR A N   1 
ATOM   178 C CA  . THR A 1 24  ? 5.483   -3.175  -0.907  1.00 19.78 ? 24  THR A CA  1 
ATOM   179 C C   . THR A 1 24  ? 5.646   -3.175  0.630   1.00 18.92 ? 24  THR A C   1 
ATOM   180 O O   . THR A 1 24  ? 4.988   -2.424  1.351   1.00 19.00 ? 24  THR A O   1 
ATOM   181 C CB  . THR A 1 24  ? 4.613   -4.378  -1.338  1.00 18.86 ? 24  THR A CB  1 
ATOM   182 O OG1 . THR A 1 24  ? 4.412   -4.341  -2.752  1.00 19.55 ? 24  THR A OG1 1 
ATOM   183 C CG2 . THR A 1 24  ? 3.260   -4.332  -0.645  1.00 18.43 ? 24  THR A CG2 1 
ATOM   184 N N   . LYS A 1 25  ? 6.572   -4.000  1.118   1.00 16.78 ? 25  LYS A N   1 
ATOM   185 C CA  . LYS A 1 25  ? 6.828   -4.077  2.565   1.00 17.40 ? 25  LYS A CA  1 
ATOM   186 C C   . LYS A 1 25  ? 7.279   -2.687  3.086   1.00 16.34 ? 25  LYS A C   1 
ATOM   187 O O   . LYS A 1 25  ? 6.819   -2.179  4.112   1.00 16.59 ? 25  LYS A O   1 
ATOM   188 C CB  . LYS A 1 25  ? 7.910   -5.118  2.879   1.00 22.29 ? 25  LYS A CB  1 
ATOM   189 C CG  . LYS A 1 25  ? 8.195   -5.224  4.370   1.00 26.59 ? 25  LYS A CG  1 
ATOM   190 C CD  . LYS A 1 25  ? 9.393   -6.090  4.681   1.00 32.50 ? 25  LYS A CD  1 
ATOM   191 C CE  . LYS A 1 25  ? 9.645   -6.095  6.179   1.00 33.23 ? 25  LYS A CE  1 
ATOM   192 N NZ  . LYS A 1 25  ? 10.774  -6.977  6.570   1.00 41.68 ? 25  LYS A NZ  1 
ATOM   193 N N   . GLN A 1 26  ? 8.195   -2.087  2.330   1.00 23.28 ? 26  GLN A N   1 
ATOM   194 C CA  . GLN A 1 26  ? 8.760   -0.764  2.628   1.00 26.34 ? 26  GLN A CA  1 
ATOM   195 C C   . GLN A 1 26  ? 7.640   0.302   2.707   1.00 21.78 ? 26  GLN A C   1 
ATOM   196 O O   . GLN A 1 26  ? 7.566   1.111   3.634   1.00 22.59 ? 26  GLN A O   1 
ATOM   197 C CB  . GLN A 1 26  ? 9.770   -0.398  1.534   1.00 38.12 ? 26  GLN A CB  1 
ATOM   198 C CG  . GLN A 1 26  ? 10.239  1.050   1.534   1.00 51.78 ? 26  GLN A CG  1 
ATOM   199 C CD  . GLN A 1 26  ? 11.260  1.344   2.606   1.00 58.15 ? 26  GLN A CD  1 
ATOM   200 O OE1 . GLN A 1 26  ? 12.432  1.580   2.306   1.00 63.63 ? 26  GLN A OE1 1 
ATOM   201 N NE2 . GLN A 1 26  ? 10.825  1.343   3.863   1.00 61.34 ? 26  GLN A NE2 1 
ATOM   202 N N   . LEU A 1 27  ? 6.748   0.261   1.719   1.00 22.52 ? 27  LEU A N   1 
ATOM   203 C CA  . LEU A 1 27  ? 5.619   1.196   1.650   1.00 19.50 ? 27  LEU A CA  1 
ATOM   204 C C   . LEU A 1 27  ? 4.727   1.076   2.896   1.00 17.70 ? 27  LEU A C   1 
ATOM   205 O O   . LEU A 1 27  ? 4.338   2.061   3.535   1.00 16.16 ? 27  LEU A O   1 
ATOM   206 C CB  . LEU A 1 27  ? 4.787   0.918   0.406   1.00 17.35 ? 27  LEU A CB  1 
ATOM   207 C CG  . LEU A 1 27  ? 3.552   1.800   0.226   1.00 20.36 ? 27  LEU A CG  1 
ATOM   208 C CD1 . LEU A 1 27  ? 3.933   3.273   0.185   1.00 16.98 ? 27  LEU A CD1 1 
ATOM   209 C CD2 . LEU A 1 27  ? 2.849   1.388   -1.049  1.00 15.56 ? 27  LEU A CD2 1 
ATOM   210 N N   . LEU A 1 28  ? 4.431   -0.171  3.248   1.00 14.30 ? 28  LEU A N   1 
ATOM   211 C CA  . LEU A 1 28  ? 3.591   -0.453  4.404   1.00 16.08 ? 28  LEU A CA  1 
ATOM   212 C C   . LEU A 1 28  ? 4.229   -0.028  5.739   1.00 16.17 ? 28  LEU A C   1 
ATOM   213 O O   . LEU A 1 28  ? 3.583   0.553   6.607   1.00 18.95 ? 28  LEU A O   1 
ATOM   214 C CB  . LEU A 1 28  ? 3.215   -1.928  4.426   1.00 23.59 ? 28  LEU A CB  1 
ATOM   215 C CG  . LEU A 1 28  ? 2.226   -2.308  3.329   1.00 23.37 ? 28  LEU A CG  1 
ATOM   216 C CD1 . LEU A 1 28  ? 2.184   -3.818  3.123   1.00 27.72 ? 28  LEU A CD1 1 
ATOM   217 C CD2 . LEU A 1 28  ? 0.857   -1.748  3.685   1.00 24.80 ? 28  LEU A CD2 1 
ATOM   218 N N   . GLU A 1 29  ? 5.514   -0.316  5.904   1.00 24.65 ? 29  GLU A N   1 
ATOM   219 C CA  . GLU A 1 29  ? 6.199   0.074   7.154   1.00 24.74 ? 29  GLU A CA  1 
ATOM   220 C C   . GLU A 1 29  ? 6.219   1.619   7.276   1.00 23.23 ? 29  GLU A C   1 
ATOM   221 O O   . GLU A 1 29  ? 6.013   2.198   8.344   1.00 19.67 ? 29  GLU A O   1 
ATOM   222 C CB  . GLU A 1 29  ? 7.621   -0.482  7.183   1.00 24.75 ? 29  GLU A CB  1 
ATOM   223 C CG  . GLU A 1 29  ? 7.658   -1.998  7.222   1.00 35.08 ? 29  GLU A CG  1 
ATOM   224 C CD  . GLU A 1 29  ? 9.061   -2.555  7.181   1.00 40.63 ? 29  GLU A CD  1 
ATOM   225 O OE1 . GLU A 1 29  ? 9.823   -2.213  6.252   1.00 44.40 ? 29  GLU A OE1 1 
ATOM   226 O OE2 . GLU A 1 29  ? 9.399   -3.354  8.076   1.00 45.56 ? 29  GLU A OE2 1 
ATOM   227 N N   . LYS A 1 30  ? 6.406   2.266   6.126   1.00 26.31 ? 30  LYS A N   1 
ATOM   228 C CA  . LYS A 1 30  ? 6.448   3.729   6.038   1.00 26.74 ? 30  LYS A CA  1 
ATOM   229 C C   . LYS A 1 30  ? 5.082   4.321   6.495   1.00 26.14 ? 30  LYS A C   1 
ATOM   230 O O   . LYS A 1 30  ? 5.012   5.248   7.300   1.00 23.77 ? 30  LYS A O   1 
ATOM   231 C CB  . LYS A 1 30  ? 6.791   4.144   4.604   1.00 32.03 ? 30  LYS A CB  1 
ATOM   232 C CG  . LYS A 1 30  ? 7.263   5.573   4.463   1.00 39.43 ? 30  LYS A CG  1 
ATOM   233 C CD  . LYS A 1 30  ? 8.429   5.862   5.386   1.00 43.86 ? 30  LYS A CD  1 
ATOM   234 C CE  . LYS A 1 30  ? 8.804   7.334   5.330   1.00 45.71 ? 30  LYS A CE  1 
ATOM   235 N NZ  . LYS A 1 30  ? 9.602   7.750   6.518   1.00 38.74 ? 30  LYS A NZ  1 
ATOM   236 N N   . ILE A 1 31  ? 3.996   3.720   6.005   1.00 22.85 ? 31  ILE A N   1 
ATOM   237 C CA  . ILE A 1 31  ? 2.630   4.147   6.377   1.00 17.56 ? 31  ILE A CA  1 
ATOM   238 C C   . ILE A 1 31  ? 2.392   3.944   7.895   1.00 16.67 ? 31  ILE A C   1 
ATOM   239 O O   . ILE A 1 31  ? 1.899   4.822   8.601   1.00 19.28 ? 31  ILE A O   1 
ATOM   240 C CB  . ILE A 1 31  ? 1.547   3.357   5.589   1.00 20.10 ? 31  ILE A CB  1 
ATOM   241 C CG1 . ILE A 1 31  ? 1.550   3.793   4.116   1.00 22.50 ? 31  ILE A CG1 1 
ATOM   242 C CG2 . ILE A 1 31  ? 0.171   3.547   6.231   1.00 18.10 ? 31  ILE A CG2 1 
ATOM   243 C CD1 . ILE A 1 31  ? 0.563   3.053   3.244   1.00 22.11 ? 31  ILE A CD1 1 
ATOM   244 N N   . ILE A 1 32  ? 2.764   2.765   8.385   1.00 19.03 ? 32  ILE A N   1 
ATOM   245 C CA  . ILE A 1 32  ? 2.602   2.417   9.810   1.00 25.42 ? 32  ILE A CA  1 
ATOM   246 C C   . ILE A 1 32  ? 3.425   3.372   10.726  1.00 25.27 ? 32  ILE A C   1 
ATOM   247 O O   . ILE A 1 32  ? 3.002   3.762   11.817  1.00 24.63 ? 32  ILE A O   1 
ATOM   248 C CB  . ILE A 1 32  ? 3.041   0.948   10.073  1.00 30.35 ? 32  ILE A CB  1 
ATOM   249 C CG1 . ILE A 1 32  ? 2.182   -0.006  9.240   1.00 31.01 ? 32  ILE A CG1 1 
ATOM   250 C CG2 . ILE A 1 32  ? 2.940   0.608   11.568  1.00 30.68 ? 32  ILE A CG2 1 
ATOM   251 C CD1 . ILE A 1 32  ? 2.771   -1.388  9.084   1.00 36.39 ? 32  ILE A CD1 1 
ATOM   252 N N   . GLU A 1 33  ? 4.612   3.734   10.243  1.00 25.61 ? 33  GLU A N   1 
ATOM   253 C CA  . GLU A 1 33  ? 5.537   4.632   10.960  1.00 28.69 ? 33  GLU A CA  1 
ATOM   254 C C   . GLU A 1 33  ? 4.950   6.076   11.069  1.00 27.45 ? 33  GLU A C   1 
ATOM   255 O O   . GLU A 1 33  ? 4.818   6.656   12.151  1.00 26.99 ? 33  GLU A O   1 
ATOM   256 C CB  . GLU A 1 33  ? 6.876   4.659   10.208  1.00 37.61 ? 33  GLU A CB  1 
ATOM   257 C CG  . GLU A 1 33  ? 7.965   5.569   10.778  1.00 47.23 ? 33  GLU A CG  1 
ATOM   258 C CD  . GLU A 1 33  ? 9.149   5.741   9.823   1.00 54.06 ? 33  GLU A CD  1 
ATOM   259 O OE1 . GLU A 1 33  ? 9.547   6.897   9.568   1.00 60.38 ? 33  GLU A OE1 1 
ATOM   260 O OE2 . GLU A 1 33  ? 9.678   4.725   9.319   1.00 58.63 ? 33  GLU A OE2 1 
ATOM   261 N N   . GLU A 1 34  ? 4.568   6.616   9.912   1.00 28.54 ? 34  GLU A N   1 
ATOM   262 C CA  . GLU A 1 34  ? 4.008   7.976   9.805   1.00 28.33 ? 34  GLU A CA  1 
ATOM   263 C C   . GLU A 1 34  ? 2.666   8.171   10.535  1.00 28.27 ? 34  GLU A C   1 
ATOM   264 O O   . GLU A 1 34  ? 2.369   9.233   11.091  1.00 30.10 ? 34  GLU A O   1 
ATOM   265 C CB  . GLU A 1 34  ? 3.810   8.357   8.333   1.00 31.18 ? 34  GLU A CB  1 
ATOM   266 C CG  . GLU A 1 34  ? 5.069   8.341   7.483   1.00 39.94 ? 34  GLU A CG  1 
ATOM   267 C CD  . GLU A 1 34  ? 6.158   9.250   8.017   1.00 47.54 ? 34  GLU A CD  1 
ATOM   268 O OE1 . GLU A 1 34  ? 5.831   10.310  8.592   1.00 50.24 ? 34  GLU A OE1 1 
ATOM   269 O OE2 . GLU A 1 34  ? 7.348   8.902   7.863   1.00 52.60 ? 34  GLU A OE2 1 
ATOM   270 N N   . ASN A 1 35  ? 1.847   7.128   10.526  1.00 26.01 ? 35  ASN A N   1 
ATOM   271 C CA  . ASN A 1 35  ? 0.533   7.232   11.151  1.00 23.93 ? 35  ASN A CA  1 
ATOM   272 C C   . ASN A 1 35  ? 0.346   6.541   12.505  1.00 24.72 ? 35  ASN A C   1 
ATOM   273 O O   . ASN A 1 35  ? -0.728  6.609   13.111  1.00 24.23 ? 35  ASN A O   1 
ATOM   274 C CB  . ASN A 1 35  ? -0.537  6.787   10.164  1.00 23.32 ? 35  ASN A CB  1 
ATOM   275 C CG  . ASN A 1 35  ? -0.574  7.667   8.935   1.00 21.44 ? 35  ASN A CG  1 
ATOM   276 O OD1 . ASN A 1 35  ? -1.210  8.717   8.944   1.00 23.77 ? 35  ASN A OD1 1 
ATOM   277 N ND2 . ASN A 1 35  ? 0.143   7.266   7.886   1.00 16.69 ? 35  ASN A ND2 1 
ATOM   278 N N   . HIS A 1 36  ? 1.413   5.900   12.984  1.00 27.29 ? 36  HIS A N   1 
ATOM   279 C CA  . HIS A 1 36  ? 1.392   5.194   14.284  1.00 29.29 ? 36  HIS A CA  1 
ATOM   280 C C   . HIS A 1 36  ? 0.250   4.155   14.289  1.00 25.90 ? 36  HIS A C   1 
ATOM   281 O O   . HIS A 1 36  ? -0.545  4.049   15.225  1.00 29.90 ? 36  HIS A O   1 
ATOM   282 C CB  . HIS A 1 36  ? 1.179   6.195   15.427  1.00 39.09 ? 36  HIS A CB  1 
ATOM   283 C CG  . HIS A 1 36  ? 2.141   7.341   15.416  1.00 46.38 ? 36  HIS A CG  1 
ATOM   284 N ND1 . HIS A 1 36  ? 3.507   7.165   15.486  1.00 46.69 ? 36  HIS A ND1 1 
ATOM   285 C CD2 . HIS A 1 36  ? 1.936   8.676   15.334  1.00 47.85 ? 36  HIS A CD2 1 
ATOM   286 C CE1 . HIS A 1 36  ? 4.102   8.344   15.447  1.00 51.96 ? 36  HIS A CE1 1 
ATOM   287 N NE2 . HIS A 1 36  ? 3.172   9.278   15.355  1.00 52.05 ? 36  HIS A NE2 1 
ATOM   288 N N   . THR A 1 37  ? 0.195   3.382   13.211  1.00 24.89 ? 37  THR A N   1 
ATOM   289 C CA  . THR A 1 37  ? -0.856  2.378   13.042  1.00 27.29 ? 37  THR A CA  1 
ATOM   290 C C   . THR A 1 37  ? -0.636  1.027   13.764  1.00 25.62 ? 37  THR A C   1 
ATOM   291 O O   . THR A 1 37  ? 0.391   0.355   13.625  1.00 29.24 ? 37  THR A O   1 
ATOM   292 C CB  . THR A 1 37  ? -1.128  2.120   11.540  1.00 29.71 ? 37  THR A CB  1 
ATOM   293 O OG1 . THR A 1 37  ? -1.421  3.368   10.893  1.00 28.32 ? 37  THR A OG1 1 
ATOM   294 C CG2 . THR A 1 37  ? -2.323  1.181   11.360  1.00 28.94 ? 37  THR A CG2 1 
ATOM   295 N N   . LYS A 1 38  ? -1.640  0.672   14.564  1.00 25.09 ? 38  LYS A N   1 
ATOM   296 C CA  . LYS A 1 38  ? -1.675  -0.598  15.305  1.00 29.99 ? 38  LYS A CA  1 
ATOM   297 C C   . LYS A 1 38  ? -2.619  -1.511  14.481  1.00 30.70 ? 38  LYS A C   1 
ATOM   298 O O   . LYS A 1 38  ? -3.689  -1.096  14.044  1.00 30.17 ? 38  LYS A O   1 
ATOM   299 C CB  . LYS A 1 38  ? -2.247  -0.380  16.703  1.00 34.04 ? 38  LYS A CB  1 
ATOM   300 C CG  . LYS A 1 38  ? -1.368  0.466   17.605  1.00 42.96 ? 38  LYS A CG  1 
ATOM   301 C CD  . LYS A 1 38  ? -2.117  0.882   18.856  1.00 51.24 ? 38  LYS A CD  1 
ATOM   302 C CE  . LYS A 1 38  ? -2.609  -0.327  19.629  1.00 58.64 ? 38  LYS A CE  1 
ATOM   303 N NZ  . LYS A 1 38  ? -3.567  0.048   20.708  1.00 60.57 ? 38  LYS A NZ  1 
ATOM   304 N N   . PRO A 1 39  ? -2.211  -2.768  14.250  1.00 30.70 ? 39  PRO A N   1 
ATOM   305 C CA  . PRO A 1 39  ? -3.005  -3.731  13.479  1.00 28.85 ? 39  PRO A CA  1 
ATOM   306 C C   . PRO A 1 39  ? -4.480  -3.931  13.898  1.00 29.39 ? 39  PRO A C   1 
ATOM   307 O O   . PRO A 1 39  ? -5.342  -4.149  13.051  1.00 29.72 ? 39  PRO A O   1 
ATOM   308 C CB  . PRO A 1 39  ? -2.191  -5.025  13.585  1.00 31.01 ? 39  PRO A CB  1 
ATOM   309 C CG  . PRO A 1 39  ? -1.387  -4.840  14.837  1.00 34.36 ? 39  PRO A CG  1 
ATOM   310 C CD  . PRO A 1 39  ? -0.977  -3.397  14.746  1.00 34.44 ? 39  PRO A CD  1 
ATOM   311 N N   . GLU A 1 40  ? -4.771  -3.827  15.193  1.00 26.87 ? 40  GLU A N   1 
ATOM   312 C CA  . GLU A 1 40  ? -6.161  -4.007  15.665  1.00 31.28 ? 40  GLU A CA  1 
ATOM   313 C C   . GLU A 1 40  ? -7.077  -2.827  15.259  1.00 32.27 ? 40  GLU A C   1 
ATOM   314 O O   . GLU A 1 40  ? -8.300  -2.910  15.319  1.00 37.45 ? 40  GLU A O   1 
ATOM   315 C CB  . GLU A 1 40  ? -6.240  -4.173  17.187  1.00 38.74 ? 40  GLU A CB  1 
ATOM   316 C CG  . GLU A 1 40  ? -5.009  -4.727  17.855  1.00 48.19 ? 40  GLU A CG  1 
ATOM   317 C CD  . GLU A 1 40  ? -4.076  -3.625  18.310  1.00 52.08 ? 40  GLU A CD  1 
ATOM   318 O OE1 . GLU A 1 40  ? -4.358  -3.005  19.365  1.00 54.37 ? 40  GLU A OE1 1 
ATOM   319 O OE2 . GLU A 1 40  ? -3.075  -3.373  17.605  1.00 50.46 ? 40  GLU A OE2 1 
ATOM   320 N N   . ASP A 1 41  ? -6.459  -1.712  14.881  1.00 30.94 ? 41  ASP A N   1 
ATOM   321 C CA  . ASP A 1 41  ? -7.206  -0.514  14.471  1.00 29.15 ? 41  ASP A CA  1 
ATOM   322 C C   . ASP A 1 41  ? -7.518  -0.517  12.966  1.00 24.65 ? 41  ASP A C   1 
ATOM   323 O O   . ASP A 1 41  ? -8.313  0.276   12.468  1.00 32.43 ? 41  ASP A O   1 
ATOM   324 C CB  . ASP A 1 41  ? -6.423  0.755   14.833  1.00 34.50 ? 41  ASP A CB  1 
ATOM   325 C CG  . ASP A 1 41  ? -6.187  0.891   16.326  1.00 39.76 ? 41  ASP A CG  1 
ATOM   326 O OD1 . ASP A 1 41  ? -5.117  1.408   16.708  1.00 38.50 ? 41  ASP A OD1 1 
ATOM   327 O OD2 . ASP A 1 41  ? -7.068  0.482   17.117  1.00 42.25 ? 41  ASP A OD2 1 
ATOM   328 N N   . VAL A 1 42  ? -6.861  -1.419  12.244  1.00 26.20 ? 42  VAL A N   1 
ATOM   329 C CA  . VAL A 1 42  ? -7.062  -1.536  10.800  1.00 23.18 ? 42  VAL A CA  1 
ATOM   330 C C   . VAL A 1 42  ? -8.343  -2.347  10.460  1.00 25.17 ? 42  VAL A C   1 
ATOM   331 O O   . VAL A 1 42  ? -8.478  -3.527  10.770  1.00 23.43 ? 42  VAL A O   1 
ATOM   332 C CB  . VAL A 1 42  ? -5.843  -2.189  10.101  1.00 18.26 ? 42  VAL A CB  1 
ATOM   333 C CG1 . VAL A 1 42  ? -6.076  -2.250  8.605   1.00 15.76 ? 42  VAL A CG1 1 
ATOM   334 C CG2 . VAL A 1 42  ? -4.572  -1.410  10.391  1.00 22.83 ? 42  VAL A CG2 1 
ATOM   335 N N   . VAL A 1 43  ? -9.289  -1.665  9.822   1.00 23.11 ? 43  VAL A N   1 
ATOM   336 C CA  . VAL A 1 43  ? -10.559 -2.275  9.396   1.00 22.79 ? 43  VAL A CA  1 
ATOM   337 C C   . VAL A 1 43  ? -10.282 -3.326  8.287   1.00 21.62 ? 43  VAL A C   1 
ATOM   338 O O   . VAL A 1 43  ? -10.632 -4.504  8.389   1.00 15.02 ? 43  VAL A O   1 
ATOM   339 C CB  . VAL A 1 43  ? -11.517 -1.187  8.841   1.00 18.99 ? 43  VAL A CB  1 
ATOM   340 C CG1 . VAL A 1 43  ? -12.748 -1.814  8.211   1.00 16.27 ? 43  VAL A CG1 1 
ATOM   341 C CG2 . VAL A 1 43  ? -11.908 -0.231  9.956   1.00 16.93 ? 43  VAL A CG2 1 
ATOM   342 N N   . GLN A 1 44  ? -9.636  -2.859  7.223   1.00 12.80 ? 44  GLN A N   1 
ATOM   343 C CA  . GLN A 1 44  ? -9.294  -3.691  6.074   1.00 11.69 ? 44  GLN A CA  1 
ATOM   344 C C   . GLN A 1 44  ? -8.226  -2.954  5.254   1.00 9.99  ? 44  GLN A C   1 
ATOM   345 O O   . GLN A 1 44  ? -7.926  -1.784  5.482   1.00 15.14 ? 44  GLN A O   1 
ATOM   346 C CB  . GLN A 1 44  ? -10.525 -3.933  5.198   1.00 14.77 ? 44  GLN A CB  1 
ATOM   347 C CG  . GLN A 1 44  ? -11.077 -2.674  4.523   1.00 19.14 ? 44  GLN A CG  1 
ATOM   348 C CD  . GLN A 1 44  ? -12.435 -2.898  3.890   1.00 19.68 ? 44  GLN A CD  1 
ATOM   349 O OE1 . GLN A 1 44  ? -12.636 -2.629  2.704   1.00 20.04 ? 44  GLN A OE1 1 
ATOM   350 N NE2 . GLN A 1 44  ? -13.374 -3.401  4.677   1.00 19.94 ? 44  GLN A NE2 1 
ATOM   351 N N   . MET A 1 45  ? -7.682  -3.666  4.278   1.00 9.26  ? 45  MET A N   1 
ATOM   352 C CA  . MET A 1 45  ? -6.660  -3.128  3.409   1.00 12.96 ? 45  MET A CA  1 
ATOM   353 C C   . MET A 1 45  ? -6.886  -3.631  1.987   1.00 11.51 ? 45  MET A C   1 
ATOM   354 O O   . MET A 1 45  ? -7.158  -4.804  1.737   1.00 17.21 ? 45  MET A O   1 
ATOM   355 C CB  . MET A 1 45  ? -5.278  -3.559  3.901   1.00 20.22 ? 45  MET A CB  1 
ATOM   356 C CG  . MET A 1 45  ? -4.113  -3.026  3.088   1.00 34.97 ? 45  MET A CG  1 
ATOM   357 S SD  . MET A 1 45  ? -2.520  -3.496  3.815   1.00 36.74 ? 45  MET A SD  1 
ATOM   358 C CE  . MET A 1 45  ? -2.863  -3.219  5.491   1.00 36.27 ? 45  MET A CE  1 
ATOM   359 N N   . LEU A 1 46  ? -6.791  -2.692  1.054   1.00 9.92  ? 46  LEU A N   1 
ATOM   360 C CA  . LEU A 1 46  ? -6.940  -2.981  -0.366  1.00 11.59 ? 46  LEU A CA  1 
ATOM   361 C C   . LEU A 1 46  ? -5.626  -2.637  -1.093  1.00 14.93 ? 46  LEU A C   1 
ATOM   362 O O   . LEU A 1 46  ? -5.117  -1.521  -1.018  1.00 19.32 ? 46  LEU A O   1 
ATOM   363 C CB  . LEU A 1 46  ? -8.064  -2.135  -0.974  1.00 16.87 ? 46  LEU A CB  1 
ATOM   364 C CG  . LEU A 1 46  ? -9.506  -2.390  -0.557  1.00 25.64 ? 46  LEU A CG  1 
ATOM   365 C CD1 . LEU A 1 46  ? -10.378 -1.315  -1.160  1.00 25.06 ? 46  LEU A CD1 1 
ATOM   366 C CD2 . LEU A 1 46  ? -9.945  -3.767  -1.020  1.00 24.89 ? 46  LEU A CD2 1 
ATOM   367 N N   . LEU A 1 47  ? -5.057  -3.626  -1.766  1.00 20.81 ? 47  LEU A N   1 
ATOM   368 C CA  . LEU A 1 47  ? -3.831  -3.406  -2.534  1.00 20.83 ? 47  LEU A CA  1 
ATOM   369 C C   . LEU A 1 47  ? -4.191  -3.501  -4.020  1.00 22.91 ? 47  LEU A C   1 
ATOM   370 O O   . LEU A 1 47  ? -5.035  -4.292  -4.442  1.00 22.92 ? 47  LEU A O   1 
ATOM   371 C CB  . LEU A 1 47  ? -2.772  -4.459  -2.205  1.00 23.66 ? 47  LEU A CB  1 
ATOM   372 C CG  . LEU A 1 47  ? -2.113  -4.382  -0.831  1.00 26.57 ? 47  LEU A CG  1 
ATOM   373 C CD1 . LEU A 1 47  ? -1.238  -5.595  -0.622  1.00 26.57 ? 47  LEU A CD1 1 
ATOM   374 C CD2 . LEU A 1 47  ? -1.289  -3.119  -0.727  1.00 31.34 ? 47  LEU A CD2 1 
ATOM   375 N N   . SER A 1 48  ? -3.553  -2.654  -4.815  1.00 16.75 ? 48  SER A N   1 
ATOM   376 C CA  . SER A 1 48  ? -3.785  -2.676  -6.247  1.00 16.18 ? 48  SER A CA  1 
ATOM   377 C C   . SER A 1 48  ? -2.440  -2.561  -6.968  1.00 14.81 ? 48  SER A C   1 
ATOM   378 O O   . SER A 1 48  ? -1.453  -2.055  -6.441  1.00 22.65 ? 48  SER A O   1 
ATOM   379 C CB  . SER A 1 48  ? -4.714  -1.533  -6.669  1.00 18.21 ? 48  SER A CB  1 
ATOM   380 O OG  . SER A 1 48  ? -4.133  -0.267  -6.413  1.00 21.35 ? 48  SER A OG  1 
ATOM   381 N N   . ALA A 1 49  ? -2.405  -3.109  -8.171  1.00 15.43 ? 49  ALA A N   1 
ATOM   382 C CA  . ALA A 1 49  ? -1.213  -3.054  -9.009  1.00 16.12 ? 49  ALA A CA  1 
ATOM   383 C C   . ALA A 1 49  ? -1.682  -2.748  -10.424 1.00 19.07 ? 49  ALA A C   1 
ATOM   384 O O   . ALA A 1 49  ? -2.809  -3.061  -10.823 1.00 22.28 ? 49  ALA A O   1 
ATOM   385 C CB  . ALA A 1 49  ? -0.479  -4.384  -9.001  1.00 19.27 ? 49  ALA A CB  1 
ATOM   386 N N   . THR A 1 50  ? -0.814  -2.094  -11.178 1.00 22.21 ? 50  THR A N   1 
ATOM   387 C CA  . THR A 1 50  ? -1.128  -1.787  -12.558 1.00 22.72 ? 50  THR A CA  1 
ATOM   388 C C   . THR A 1 50  ? -1.064  -3.142  -13.320 1.00 24.36 ? 50  THR A C   1 
ATOM   389 O O   . THR A 1 50  ? -0.407  -4.094  -12.894 1.00 25.20 ? 50  THR A O   1 
ATOM   390 C CB  . THR A 1 50  ? -0.150  -0.758  -13.130 1.00 25.09 ? 50  THR A CB  1 
ATOM   391 O OG1 . THR A 1 50  ? 1.174   -1.074  -12.695 1.00 24.09 ? 50  THR A OG1 1 
ATOM   392 C CG2 . THR A 1 50  ? -0.508  0.623   -12.631 1.00 18.49 ? 50  THR A CG2 1 
ATOM   393 N N   . PRO A 1 51  ? -1.809  -3.252  -14.431 1.00 28.22 ? 51  PRO A N   1 
ATOM   394 C CA  . PRO A 1 51  ? -1.847  -4.477  -15.235 1.00 29.88 ? 51  PRO A CA  1 
ATOM   395 C C   . PRO A 1 51  ? -0.515  -4.994  -15.832 1.00 31.48 ? 51  PRO A C   1 
ATOM   396 O O   . PRO A 1 51  ? -0.503  -5.938  -16.622 1.00 35.94 ? 51  PRO A O   1 
ATOM   397 C CB  . PRO A 1 51  ? -2.866  -4.134  -16.325 1.00 28.76 ? 51  PRO A CB  1 
ATOM   398 C CG  . PRO A 1 51  ? -2.749  -2.655  -16.445 1.00 29.02 ? 51  PRO A CG  1 
ATOM   399 C CD  . PRO A 1 51  ? -2.696  -2.228  -15.007 1.00 25.37 ? 51  PRO A CD  1 
ATOM   400 N N   . ASP A 1 52  ? 0.601   -4.372  -15.455 1.00 30.09 ? 52  ASP A N   1 
ATOM   401 C CA  . ASP A 1 52  ? 1.918   -4.807  -15.958 1.00 30.42 ? 52  ASP A CA  1 
ATOM   402 C C   . ASP A 1 52  ? 2.767   -5.620  -14.936 1.00 30.69 ? 52  ASP A C   1 
ATOM   403 O O   . ASP A 1 52  ? 3.925   -5.970  -15.175 1.00 33.82 ? 52  ASP A O   1 
ATOM   404 C CB  . ASP A 1 52  ? 2.721   -3.624  -16.520 1.00 33.04 ? 52  ASP A CB  1 
ATOM   405 C CG  . ASP A 1 52  ? 2.800   -2.441  -15.566 1.00 31.57 ? 52  ASP A CG  1 
ATOM   406 O OD1 . ASP A 1 52  ? 2.988   -1.306  -16.058 1.00 31.55 ? 52  ASP A OD1 1 
ATOM   407 O OD2 . ASP A 1 52  ? 2.684   -2.632  -14.336 1.00 33.35 ? 52  ASP A OD2 1 
ATOM   408 N N   . LEU A 1 53  ? 2.160   -5.907  -13.787 1.00 29.48 ? 53  LEU A N   1 
ATOM   409 C CA  . LEU A 1 53  ? 2.820   -6.689  -12.732 1.00 27.49 ? 53  LEU A CA  1 
ATOM   410 C C   . LEU A 1 53  ? 2.041   -8.020  -12.541 1.00 28.99 ? 53  LEU A C   1 
ATOM   411 O O   . LEU A 1 53  ? 0.829   -8.043  -12.317 1.00 26.91 ? 53  LEU A O   1 
ATOM   412 C CB  . LEU A 1 53  ? 2.872   -5.884  -11.429 1.00 22.66 ? 53  LEU A CB  1 
ATOM   413 C CG  . LEU A 1 53  ? 3.668   -4.574  -11.525 1.00 24.00 ? 53  LEU A CG  1 
ATOM   414 C CD1 . LEU A 1 53  ? 3.501   -3.767  -10.261 1.00 25.21 ? 53  LEU A CD1 1 
ATOM   415 C CD2 . LEU A 1 53  ? 5.147   -4.850  -11.792 1.00 26.96 ? 53  LEU A CD2 1 
ATOM   416 N N   . HIS A 1 54  ? 2.759   -9.135  -12.661 1.00 29.08 ? 54  HIS A N   1 
ATOM   417 C CA  . HIS A 1 54  ? 2.145   -10.467 -12.528 1.00 29.72 ? 54  HIS A CA  1 
ATOM   418 C C   . HIS A 1 54  ? 2.949   -11.450 -11.648 1.00 33.61 ? 54  HIS A C   1 
ATOM   419 O O   . HIS A 1 54  ? 2.478   -12.534 -11.295 1.00 35.57 ? 54  HIS A O   1 
ATOM   420 C CB  . HIS A 1 54  ? 1.975   -11.088 -13.912 1.00 30.95 ? 54  HIS A CB  1 
ATOM   421 C CG  . HIS A 1 54  ? 1.283   -10.197 -14.892 1.00 34.00 ? 54  HIS A CG  1 
ATOM   422 N ND1 . HIS A 1 54  ? -0.028  -9.805  -14.744 1.00 35.23 ? 54  HIS A ND1 1 
ATOM   423 C CD2 . HIS A 1 54  ? 1.724   -9.614  -16.031 1.00 37.44 ? 54  HIS A CD2 1 
ATOM   424 C CE1 . HIS A 1 54  ? -0.368  -9.020  -15.750 1.00 38.47 ? 54  HIS A CE1 1 
ATOM   425 N NE2 . HIS A 1 54  ? 0.678   -8.888  -16.545 1.00 41.61 ? 54  HIS A NE2 1 
ATOM   426 N N   . ALA A 1 55  ? 4.166   -11.042 -11.292 1.00 32.27 ? 55  ALA A N   1 
ATOM   427 C CA  . ALA A 1 55  ? 5.084   -11.867 -10.496 1.00 29.51 ? 55  ALA A CA  1 
ATOM   428 C C   . ALA A 1 55  ? 4.533   -12.470 -9.192  1.00 31.62 ? 55  ALA A C   1 
ATOM   429 O O   . ALA A 1 55  ? 4.717   -13.650 -8.908  1.00 36.16 ? 55  ALA A O   1 
ATOM   430 C CB  . ALA A 1 55  ? 6.360   -11.096 -10.201 1.00 34.51 ? 55  ALA A CB  1 
ATOM   431 N N   . VAL A 1 56  ? 3.861   -11.647 -8.393  1.00 29.05 ? 56  VAL A N   1 
ATOM   432 C CA  . VAL A 1 56  ? 3.328   -12.121 -7.111  1.00 30.19 ? 56  VAL A CA  1 
ATOM   433 C C   . VAL A 1 56  ? 2.261   -11.160 -6.555  1.00 30.67 ? 56  VAL A C   1 
ATOM   434 O O   . VAL A 1 56  ? 2.145   -10.008 -6.977  1.00 32.45 ? 56  VAL A O   1 
ATOM   435 C CB  . VAL A 1 56  ? 4.480   -12.237 -6.071  1.00 33.25 ? 56  VAL A CB  1 
ATOM   436 C CG1 . VAL A 1 56  ? 5.076   -10.867 -5.779  1.00 41.99 ? 56  VAL A CG1 1 
ATOM   437 C CG2 . VAL A 1 56  ? 4.000   -12.899 -4.790  1.00 32.48 ? 56  VAL A CG2 1 
ATOM   438 N N   . PHE A 1 57  ? 1.459   -11.673 -5.623  1.00 31.75 ? 57  PHE A N   1 
ATOM   439 C CA  . PHE A 1 57  ? 0.426   -10.869 -4.952  1.00 29.85 ? 57  PHE A CA  1 
ATOM   440 C C   . PHE A 1 57  ? 1.156   -9.996  -3.897  1.00 27.89 ? 57  PHE A C   1 
ATOM   441 O O   . PHE A 1 57  ? 1.818   -10.499 -2.989  1.00 30.08 ? 57  PHE A O   1 
ATOM   442 C CB  . PHE A 1 57  ? -0.608  -11.768 -4.257  1.00 31.45 ? 57  PHE A CB  1 
ATOM   443 C CG  . PHE A 1 57  ? -1.657  -12.310 -5.183  1.00 36.89 ? 57  PHE A CG  1 
ATOM   444 C CD1 . PHE A 1 57  ? -2.674  -11.484 -5.658  1.00 37.81 ? 57  PHE A CD1 1 
ATOM   445 C CD2 . PHE A 1 57  ? -1.627  -13.636 -5.593  1.00 40.42 ? 57  PHE A CD2 1 
ATOM   446 C CE1 . PHE A 1 57  ? -3.643  -11.969 -6.530  1.00 35.28 ? 57  PHE A CE1 1 
ATOM   447 C CE2 . PHE A 1 57  ? -2.596  -14.134 -6.469  1.00 42.33 ? 57  PHE A CE2 1 
ATOM   448 C CZ  . PHE A 1 57  ? -3.606  -13.297 -6.936  1.00 39.50 ? 57  PHE A CZ  1 
ATOM   449 N N   . PRO A 1 58  ? 1.062   -8.665  -4.035  1.00 24.54 ? 58  PRO A N   1 
ATOM   450 C CA  . PRO A 1 58  ? 1.709   -7.734  -3.105  1.00 22.74 ? 58  PRO A CA  1 
ATOM   451 C C   . PRO A 1 58  ? 1.393   -8.006  -1.611  1.00 21.91 ? 58  PRO A C   1 
ATOM   452 O O   . PRO A 1 58  ? 2.184   -7.720  -0.716  1.00 20.78 ? 58  PRO A O   1 
ATOM   453 C CB  . PRO A 1 58  ? 1.166   -6.379  -3.558  1.00 21.98 ? 58  PRO A CB  1 
ATOM   454 C CG  . PRO A 1 58  ? 1.030   -6.574  -5.035  1.00 24.96 ? 58  PRO A CG  1 
ATOM   455 C CD  . PRO A 1 58  ? 0.394   -7.932  -5.128  1.00 22.35 ? 58  PRO A CD  1 
ATOM   456 N N   . ALA A 1 59  ? 0.220   -8.582  -1.366  1.00 16.60 ? 59  ALA A N   1 
ATOM   457 C CA  . ALA A 1 59  ? -0.240  -8.897  -0.010  1.00 17.66 ? 59  ALA A CA  1 
ATOM   458 C C   . ALA A 1 59  ? 0.667   -9.907  0.751   1.00 19.34 ? 59  ALA A C   1 
ATOM   459 O O   . ALA A 1 59  ? 0.678   -9.971  1.982   1.00 23.77 ? 59  ALA A O   1 
ATOM   460 C CB  . ALA A 1 59  ? -1.671  -9.431  -0.066  1.00 22.39 ? 59  ALA A CB  1 
ATOM   461 N N   . LYS A 1 60  ? 1.409   -10.709 -0.010  1.00 23.18 ? 60  LYS A N   1 
ATOM   462 C CA  . LYS A 1 60  ? 2.314   -11.730 0.566   1.00 26.18 ? 60  LYS A CA  1 
ATOM   463 C C   . LYS A 1 60  ? 3.374   -11.091 1.509   1.00 27.70 ? 60  LYS A C   1 
ATOM   464 O O   . LYS A 1 60  ? 3.966   -11.738 2.381   1.00 32.96 ? 60  LYS A O   1 
ATOM   465 C CB  . LYS A 1 60  ? 2.997   -12.517 -0.565  1.00 32.90 ? 60  LYS A CB  1 
ATOM   466 C CG  . LYS A 1 60  ? 3.718   -13.792 -0.128  1.00 44.57 ? 60  LYS A CG  1 
ATOM   467 C CD  . LYS A 1 60  ? 4.236   -14.586 -1.327  1.00 48.39 ? 60  LYS A CD  1 
ATOM   468 C CE  . LYS A 1 60  ? 5.035   -15.814 -0.886  1.00 54.42 ? 60  LYS A CE  1 
ATOM   469 N NZ  . LYS A 1 60  ? 5.582   -16.580 -2.046  1.00 56.89 ? 60  LYS A NZ  1 
ATOM   470 N N   . ALA A 1 61  ? 3.556   -9.783  1.335   1.00 25.55 ? 61  ALA A N   1 
ATOM   471 C CA  . ALA A 1 61  ? 4.509   -8.998  2.118   1.00 20.88 ? 61  ALA A CA  1 
ATOM   472 C C   . ALA A 1 61  ? 3.998   -8.704  3.549   1.00 23.53 ? 61  ALA A C   1 
ATOM   473 O O   . ALA A 1 61  ? 4.768   -8.515  4.486   1.00 28.89 ? 61  ALA A O   1 
ATOM   474 C CB  . ALA A 1 61  ? 4.828   -7.692  1.387   1.00 26.00 ? 61  ALA A CB  1 
ATOM   475 N N   . VAL A 1 62  ? 2.676   -8.666  3.699   1.00 20.24 ? 62  VAL A N   1 
ATOM   476 C CA  . VAL A 1 62  ? 2.041   -8.391  5.004   1.00 21.78 ? 62  VAL A CA  1 
ATOM   477 C C   . VAL A 1 62  ? 2.465   -9.447  6.061   1.00 20.58 ? 62  VAL A C   1 
ATOM   478 O O   . VAL A 1 62  ? 2.476   -9.211  7.271   1.00 22.96 ? 62  VAL A O   1 
ATOM   479 C CB  . VAL A 1 62  ? 0.495   -8.397  4.880   1.00 25.58 ? 62  VAL A CB  1 
ATOM   480 C CG1 . VAL A 1 62  ? -0.151  -8.048  6.208   1.00 25.37 ? 62  VAL A CG1 1 
ATOM   481 C CG2 . VAL A 1 62  ? 0.053   -7.413  3.810   1.00 25.85 ? 62  VAL A CG2 1 
ATOM   482 N N   . ARG A 1 63  ? 2.828   -10.618 5.555   1.00 26.42 ? 63  ARG A N   1 
ATOM   483 C CA  . ARG A 1 63  ? 3.256   -11.745 6.384   1.00 31.20 ? 63  ARG A CA  1 
ATOM   484 C C   . ARG A 1 63  ? 4.538   -11.429 7.214   1.00 31.89 ? 63  ARG A C   1 
ATOM   485 O O   . ARG A 1 63  ? 4.721   -11.899 8.338   1.00 36.92 ? 63  ARG A O   1 
ATOM   486 C CB  . ARG A 1 63  ? 3.466   -12.971 5.487   1.00 37.13 ? 63  ARG A CB  1 
ATOM   487 C CG  . ARG A 1 63  ? 2.210   -13.337 4.703   1.00 39.46 ? 63  ARG A CG  1 
ATOM   488 C CD  . ARG A 1 63  ? 2.480   -14.322 3.587   1.00 47.32 ? 63  ARG A CD  1 
ATOM   489 N NE  . ARG A 1 63  ? 2.843   -15.642 4.086   1.00 57.78 ? 63  ARG A NE  1 
ATOM   490 C CZ  . ARG A 1 63  ? 2.899   -16.736 3.331   1.00 64.55 ? 63  ARG A CZ  1 
ATOM   491 N NH1 . ARG A 1 63  ? 2.610   -16.669 2.035   1.00 65.49 ? 63  ARG A NH1 1 
ATOM   492 N NH2 . ARG A 1 63  ? 3.255   -17.896 3.871   1.00 67.52 ? 63  ARG A NH2 1 
ATOM   493 N N   . GLU A 1 64  ? 5.398   -10.584 6.651   1.00 27.70 ? 64  GLU A N   1 
ATOM   494 C CA  . GLU A 1 64  ? 6.649   -10.196 7.312   1.00 27.43 ? 64  GLU A CA  1 
ATOM   495 C C   . GLU A 1 64  ? 6.481   -9.116  8.403   1.00 27.10 ? 64  GLU A C   1 
ATOM   496 O O   . GLU A 1 64  ? 7.400   -8.809  9.165   1.00 31.12 ? 64  GLU A O   1 
ATOM   497 C CB  . GLU A 1 64  ? 7.667   -9.758  6.271   1.00 30.35 ? 64  GLU A CB  1 
ATOM   498 C CG  . GLU A 1 64  ? 7.978   -10.863 5.280   1.00 33.10 ? 64  GLU A CG  1 
ATOM   499 C CD  . GLU A 1 64  ? 8.969   -10.445 4.228   1.00 37.71 ? 64  GLU A CD  1 
ATOM   500 O OE1 . GLU A 1 64  ? 10.061  -9.957  4.599   1.00 39.23 ? 64  GLU A OE1 1 
ATOM   501 O OE2 . GLU A 1 64  ? 8.654   -10.607 3.028   1.00 37.80 ? 64  GLU A OE2 1 
ATOM   502 N N   . LEU A 1 65  ? 5.279   -8.550  8.467   1.00 28.48 ? 65  LEU A N   1 
ATOM   503 C CA  . LEU A 1 65  ? 4.956   -7.536  9.470   1.00 26.05 ? 65  LEU A CA  1 
ATOM   504 C C   . LEU A 1 65  ? 4.612   -8.272  10.786  1.00 27.07 ? 65  LEU A C   1 
ATOM   505 O O   . LEU A 1 65  ? 4.277   -9.454  10.801  1.00 29.48 ? 65  LEU A O   1 
ATOM   506 C CB  . LEU A 1 65  ? 3.775   -6.672  9.015   1.00 32.78 ? 65  LEU A CB  1 
ATOM   507 C CG  . LEU A 1 65  ? 3.931   -5.940  7.678   1.00 35.46 ? 65  LEU A CG  1 
ATOM   508 C CD1 . LEU A 1 65  ? 2.739   -5.036  7.455   1.00 40.37 ? 65  LEU A CD1 1 
ATOM   509 C CD2 . LEU A 1 65  ? 5.214   -5.131  7.665   1.00 35.27 ? 65  LEU A CD2 1 
ATOM   510 N N   . SER A 1 66  ? 4.685   -7.538  11.891  1.00 30.25 ? 66  SER A N   1 
ATOM   511 C CA  . SER A 1 66  ? 4.433   -8.099  13.222  1.00 32.06 ? 66  SER A CA  1 
ATOM   512 C C   . SER A 1 66  ? 3.000   -7.862  13.779  1.00 32.86 ? 66  SER A C   1 
ATOM   513 O O   . SER A 1 66  ? 2.602   -6.751  14.125  1.00 32.73 ? 66  SER A O   1 
ATOM   514 C CB  . SER A 1 66  ? 5.493   -7.559  14.202  1.00 29.66 ? 66  SER A CB  1 
ATOM   515 O OG  . SER A 1 66  ? 5.313   -8.048  15.519  1.00 34.52 ? 66  SER A OG  1 
ATOM   516 N N   . GLY A 1 67  ? 2.240   -8.949  13.865  1.00 26.13 ? 67  GLY A N   1 
ATOM   517 C CA  . GLY A 1 67  ? 0.892   -8.879  14.402  1.00 24.93 ? 67  GLY A CA  1 
ATOM   518 C C   . GLY A 1 67  ? -0.189  -8.509  13.411  1.00 23.10 ? 67  GLY A C   1 
ATOM   519 O O   . GLY A 1 67  ? -1.301  -8.158  13.809  1.00 26.78 ? 67  GLY A O   1 
ATOM   520 N N   . TRP A 1 68  ? 0.111   -8.650  12.123  1.00 24.89 ? 68  TRP A N   1 
ATOM   521 C CA  . TRP A 1 68  ? -0.843  -8.299  11.058  1.00 28.69 ? 68  TRP A CA  1 
ATOM   522 C C   . TRP A 1 68  ? -1.547  -9.504  10.392  1.00 27.06 ? 68  TRP A C   1 
ATOM   523 O O   . TRP A 1 68  ? -2.140  -9.385  9.320   1.00 20.19 ? 68  TRP A O   1 
ATOM   524 C CB  . TRP A 1 68  ? -0.126  -7.474  9.976   1.00 25.23 ? 68  TRP A CB  1 
ATOM   525 C CG  . TRP A 1 68  ? 0.106   -6.055  10.368  1.00 27.95 ? 68  TRP A CG  1 
ATOM   526 C CD1 . TRP A 1 68  ? 0.854   -5.603  11.419  1.00 31.15 ? 68  TRP A CD1 1 
ATOM   527 C CD2 . TRP A 1 68  ? -0.475  -4.899  9.764   1.00 30.65 ? 68  TRP A CD2 1 
ATOM   528 N NE1 . TRP A 1 68  ? 0.763   -4.235  11.515  1.00 34.62 ? 68  TRP A NE1 1 
ATOM   529 C CE2 . TRP A 1 68  ? -0.047  -3.776  10.509  1.00 32.22 ? 68  TRP A CE2 1 
ATOM   530 C CE3 . TRP A 1 68  ? -1.323  -4.700  8.666   1.00 31.58 ? 68  TRP A CE3 1 
ATOM   531 C CZ2 . TRP A 1 68  ? -0.444  -2.470  10.194  1.00 34.04 ? 68  TRP A CZ2 1 
ATOM   532 C CZ3 . TRP A 1 68  ? -1.716  -3.401  8.354   1.00 29.66 ? 68  TRP A CZ3 1 
ATOM   533 C CH2 . TRP A 1 68  ? -1.276  -2.304  9.114   1.00 32.20 ? 68  TRP A CH2 1 
ATOM   534 N N   . GLN A 1 69  ? -1.500  -10.660 11.047  1.00 27.19 ? 69  GLN A N   1 
ATOM   535 C CA  . GLN A 1 69  ? -2.105  -11.871 10.465  1.00 28.87 ? 69  GLN A CA  1 
ATOM   536 C C   . GLN A 1 69  ? -3.657  -11.915 10.398  1.00 22.74 ? 69  GLN A C   1 
ATOM   537 O O   . GLN A 1 69  ? -4.241  -12.652 9.600   1.00 23.98 ? 69  GLN A O   1 
ATOM   538 C CB  . GLN A 1 69  ? -1.550  -13.140 11.125  1.00 29.95 ? 69  GLN A CB  1 
ATOM   539 C CG  . GLN A 1 69  ? -1.782  -13.259 12.622  1.00 39.05 ? 69  GLN A CG  1 
ATOM   540 C CD  . GLN A 1 69  ? -1.330  -14.609 13.174  1.00 47.36 ? 69  GLN A CD  1 
ATOM   541 O OE1 . GLN A 1 69  ? -0.688  -15.398 12.474  1.00 46.15 ? 69  GLN A OE1 1 
ATOM   542 N NE2 . GLN A 1 69  ? -1.670  -14.880 14.431  1.00 47.90 ? 69  GLN A NE2 1 
ATOM   543 N N   . TYR A 1 70  ? -4.309  -11.096 11.219  1.00 20.11 ? 70  TYR A N   1 
ATOM   544 C CA  . TYR A 1 70  ? -5.781  -11.046 11.246  1.00 24.86 ? 70  TYR A CA  1 
ATOM   545 C C   . TYR A 1 70  ? -6.414  -9.888  10.414  1.00 24.51 ? 70  TYR A C   1 
ATOM   546 O O   . TYR A 1 70  ? -7.637  -9.752  10.317  1.00 20.77 ? 70  TYR A O   1 
ATOM   547 C CB  . TYR A 1 70  ? -6.270  -10.994 12.689  1.00 26.42 ? 70  TYR A CB  1 
ATOM   548 C CG  . TYR A 1 70  ? -5.877  -12.216 13.478  1.00 35.45 ? 70  TYR A CG  1 
ATOM   549 C CD1 . TYR A 1 70  ? -5.056  -12.114 14.601  1.00 38.75 ? 70  TYR A CD1 1 
ATOM   550 C CD2 . TYR A 1 70  ? -6.312  -13.481 13.090  1.00 37.13 ? 70  TYR A CD2 1 
ATOM   551 C CE1 . TYR A 1 70  ? -4.674  -13.252 15.321  1.00 42.45 ? 70  TYR A CE1 1 
ATOM   552 C CE2 . TYR A 1 70  ? -5.939  -14.621 13.793  1.00 41.15 ? 70  TYR A CE2 1 
ATOM   553 C CZ  . TYR A 1 70  ? -5.123  -14.505 14.907  1.00 43.58 ? 70  TYR A CZ  1 
ATOM   554 O OH  . TYR A 1 70  ? -4.757  -15.641 15.596  1.00 44.67 ? 70  TYR A OH  1 
ATOM   555 N N   . VAL A 1 71  ? -5.555  -9.056  9.825   1.00 25.94 ? 71  VAL A N   1 
ATOM   556 C CA  . VAL A 1 71  ? -6.007  -7.920  8.997   1.00 24.09 ? 71  VAL A CA  1 
ATOM   557 C C   . VAL A 1 71  ? -6.455  -8.435  7.594   1.00 20.36 ? 71  VAL A C   1 
ATOM   558 O O   . VAL A 1 71  ? -5.657  -8.988  6.832   1.00 12.90 ? 71  VAL A O   1 
ATOM   559 C CB  . VAL A 1 71  ? -4.880  -6.857  8.831   1.00 10.92 ? 71  VAL A CB  1 
ATOM   560 C CG1 . VAL A 1 71  ? -5.340  -5.739  7.900   1.00 9.71  ? 71  VAL A CG1 1 
ATOM   561 C CG2 . VAL A 1 71  ? -4.495  -6.280  10.183  1.00 9.67  ? 71  VAL A CG2 1 
ATOM   562 N N   . PRO A 1 72  ? -7.762  -8.284  7.267   1.00 15.44 ? 72  PRO A N   1 
ATOM   563 C CA  . PRO A 1 72  ? -8.262  -8.742  5.964   1.00 13.30 ? 72  PRO A CA  1 
ATOM   564 C C   . PRO A 1 72  ? -7.676  -7.877  4.830   1.00 12.87 ? 72  PRO A C   1 
ATOM   565 O O   . PRO A 1 72  ? -7.752  -6.652  4.842   1.00 19.13 ? 72  PRO A O   1 
ATOM   566 C CB  . PRO A 1 72  ? -9.780  -8.587  6.100   1.00 13.57 ? 72  PRO A CB  1 
ATOM   567 C CG  . PRO A 1 72  ? -9.937  -7.467  7.061   1.00 18.02 ? 72  PRO A CG  1 
ATOM   568 C CD  . PRO A 1 72  ? -8.851  -7.714  8.084   1.00 14.40 ? 72  PRO A CD  1 
ATOM   569 N N   . VAL A 1 73  ? -7.061  -8.547  3.861   1.00 13.26 ? 73  VAL A N   1 
ATOM   570 C CA  . VAL A 1 73  ? -6.423  -7.872  2.728   1.00 15.60 ? 73  VAL A CA  1 
ATOM   571 C C   . VAL A 1 73  ? -6.810  -8.564  1.408   1.00 20.62 ? 73  VAL A C   1 
ATOM   572 O O   . VAL A 1 73  ? -6.968  -9.779  1.346   1.00 22.90 ? 73  VAL A O   1 
ATOM   573 C CB  . VAL A 1 73  ? -4.855  -7.926  2.851   1.00 17.10 ? 73  VAL A CB  1 
ATOM   574 C CG1 . VAL A 1 73  ? -4.205  -7.184  1.697   1.00 19.96 ? 73  VAL A CG1 1 
ATOM   575 C CG2 . VAL A 1 73  ? -4.385  -7.341  4.180   1.00 19.12 ? 73  VAL A CG2 1 
ATOM   576 N N   . THR A 1 74  ? -6.999  -7.759  0.362   1.00 19.75 ? 74  THR A N   1 
ATOM   577 C CA  . THR A 1 74  ? -7.311  -8.288  -0.974  1.00 19.51 ? 74  THR A CA  1 
ATOM   578 C C   . THR A 1 74  ? -6.754  -7.349  -2.080  1.00 19.59 ? 74  THR A C   1 
ATOM   579 O O   . THR A 1 74  ? -6.551  -6.153  -1.868  1.00 19.41 ? 74  THR A O   1 
ATOM   580 C CB  . THR A 1 74  ? -8.832  -8.561  -1.167  1.00 23.52 ? 74  THR A CB  1 
ATOM   581 O OG1 . THR A 1 74  ? -9.039  -9.208  -2.429  1.00 29.82 ? 74  THR A OG1 1 
ATOM   582 C CG2 . THR A 1 74  ? -9.641  -7.273  -1.122  1.00 25.31 ? 74  THR A CG2 1 
HETATM 583 N N   . CSO A 1 75  ? -6.423  -8.071  -3.152  1.00 18.46 ? 75  CSO A N   1 
HETATM 584 C CA  . CSO A 1 75  ? -5.754  -7.413  -4.274  1.00 22.23 ? 75  CSO A CA  1 
HETATM 585 C CB  . CSO A 1 75  ? -4.499  -8.192  -4.662  1.00 35.03 ? 75  CSO A CB  1 
HETATM 586 S SG  . CSO A 1 75  ? -3.393  -8.527  -3.271  1.00 38.97 ? 75  CSO A SG  1 
HETATM 587 C C   . CSO A 1 75  ? -6.608  -7.212  -5.513  1.00 26.01 ? 75  CSO A C   1 
HETATM 588 O O   . CSO A 1 75  ? -7.202  -8.154  -6.042  1.00 31.19 ? 75  CSO A O   1 
HETATM 589 O OD  . CSO A 1 75  ? -3.855  -9.928  -2.461  1.00 48.79 ? 75  CSO A OD  1 
ATOM   590 N N   . MET A 1 76  ? -6.599  -5.979  -6.002  1.00 24.65 ? 76  MET A N   1 
ATOM   591 C CA  . MET A 1 76  ? -7.362  -5.591  -7.172  0.50 25.23 ? 76  MET A CA  1 
ATOM   592 C C   . MET A 1 76  ? -6.418  -5.082  -8.241  1.00 24.84 ? 76  MET A C   1 
ATOM   593 O O   B MET A 1 76  ? -5.243  -4.807  -7.988  1.00 23.77 ? 76  MET A O   1 
ATOM   594 C CB  A MET A 1 76  ? -8.342  -4.468  -6.819  0.50 27.88 ? 76  MET A CB  1 
ATOM   595 C CB  B MET A 1 76  ? -8.381  -4.510  -6.799  0.50 12.49 ? 76  MET A CB  1 
ATOM   596 C CG  A MET A 1 76  ? -9.223  -4.748  -5.622  0.50 41.23 ? 76  MET A CG  1 
ATOM   597 C CG  B MET A 1 76  ? -7.822  -3.412  -5.896  0.50 15.71 ? 76  MET A CG  1 
ATOM   598 S SD  A MET A 1 76  ? -10.250 -6.184  -5.887  0.50 54.03 ? 76  MET A SD  1 
ATOM   599 S SD  B MET A 1 76  ? -9.075  -2.264  -5.270  0.50 16.49 ? 76  MET A SD  1 
ATOM   600 C CE  A MET A 1 76  ? -11.341 -6.085  -4.468  0.50 43.30 ? 76  MET A CE  1 
ATOM   601 C CE  B MET A 1 76  ? -8.369  -0.679  -5.739  0.50 14.92 ? 76  MET A CE  1 
ATOM   602 N N   . GLN A 1 77  ? -6.934  -4.988  -9.454  1.00 24.43 ? 77  GLN A N   1 
ATOM   603 C CA  . GLN A 1 77  ? -6.145  -4.476  -10.553 1.00 27.31 ? 77  GLN A CA  1 
ATOM   604 C C   . GLN A 1 77  ? -6.550  -3.020  -10.763 1.00 26.98 ? 77  GLN A C   1 
ATOM   605 O O   . GLN A 1 77  ? -7.741  -2.683  -10.740 1.00 22.95 ? 77  GLN A O   1 
ATOM   606 C CB  . GLN A 1 77  ? -6.397  -5.285  -11.820 1.00 30.65 ? 77  GLN A CB  1 
ATOM   607 C CG  . GLN A 1 77  ? -5.492  -4.900  -12.966 1.00 35.97 ? 77  GLN A CG  1 
ATOM   608 C CD  . GLN A 1 77  ? -5.643  -5.823  -14.142 1.00 45.80 ? 77  GLN A CD  1 
ATOM   609 O OE1 . GLN A 1 77  ? -6.208  -5.446  -15.170 1.00 52.20 ? 77  GLN A OE1 1 
ATOM   610 N NE2 . GLN A 1 77  ? -5.148  -7.053  -14.000 1.00 48.86 ? 77  GLN A NE2 1 
ATOM   611 N N   . GLU A 1 78  ? -5.562  -2.148  -10.899 1.00 23.83 ? 78  GLU A N   1 
ATOM   612 C CA  . GLU A 1 78  ? -5.854  -0.747  -11.118 1.00 26.23 ? 78  GLU A CA  1 
ATOM   613 C C   . GLU A 1 78  ? -6.263  -0.515  -12.563 1.00 23.81 ? 78  GLU A C   1 
ATOM   614 O O   . GLU A 1 78  ? -5.888  -1.267  -13.465 1.00 24.39 ? 78  GLU A O   1 
ATOM   615 C CB  . GLU A 1 78  ? -4.652  0.124   -10.766 1.00 34.11 ? 78  GLU A CB  1 
ATOM   616 C CG  . GLU A 1 78  ? -4.889  1.614   -11.006 1.00 37.60 ? 78  GLU A CG  1 
ATOM   617 C CD  . GLU A 1 78  ? -3.947  2.492   -10.220 1.00 41.60 ? 78  GLU A CD  1 
ATOM   618 O OE1 . GLU A 1 78  ? -4.356  3.619   -9.867  1.00 45.34 ? 78  GLU A OE1 1 
ATOM   619 O OE2 . GLU A 1 78  ? -2.805  2.058   -9.950  1.00 46.43 ? 78  GLU A OE2 1 
ATOM   620 N N   . MET A 1 79  ? -7.065  0.475   -12.772 1.00 28.41 ? 79  MET A N   1 
ATOM   621 C CA  . MET A 1 79  ? -7.560  0.877   -14.083 1.00 28.99 ? 79  MET A CA  1 
ATOM   622 C C   . MET A 1 79  ? -6.357  1.193   -15.001 1.00 31.09 ? 79  MET A C   1 
ATOM   623 O O   . MET A 1 79  ? -5.391  1.851   -14.609 1.00 27.09 ? 79  MET A O   1 
ATOM   624 C CB  . MET A 1 79  ? -8.421  2.123   -13.911 1.00 23.09 ? 79  MET A CB  1 
ATOM   625 C CG  . MET A 1 79  ? -9.008  2.674   -15.178 1.00 30.73 ? 79  MET A CG  1 
ATOM   626 S SD  . MET A 1 79  ? -9.639  4.326   -14.863 1.00 30.98 ? 79  MET A SD  1 
ATOM   627 C CE  . MET A 1 79  ? -10.545 4.044   -13.351 1.00 31.36 ? 79  MET A CE  1 
ATOM   628 N N   . ASP A 1 80  ? -6.416  0.665   -16.219 1.00 33.08 ? 80  ASP A N   1 
ATOM   629 C CA  . ASP A 1 80  ? -5.359  0.877   -17.210 1.00 35.79 ? 80  ASP A CA  1 
ATOM   630 C C   . ASP A 1 80  ? -5.628  2.216   -17.939 1.00 37.89 ? 80  ASP A C   1 
ATOM   631 O O   . ASP A 1 80  ? -6.563  2.362   -18.725 1.00 43.49 ? 80  ASP A O   1 
ATOM   632 C CB  . ASP A 1 80  ? -5.339  -0.290  -18.209 1.00 41.50 ? 80  ASP A CB  1 
ATOM   633 C CG  . ASP A 1 80  ? -4.190  -0.205  -19.208 1.00 45.96 ? 80  ASP A CG  1 
ATOM   634 O OD1 . ASP A 1 80  ? -3.152  0.426   -18.913 1.00 53.52 ? 80  ASP A OD1 1 
ATOM   635 O OD2 . ASP A 1 80  ? -4.330  -0.793  -20.300 1.00 52.52 ? 80  ASP A OD2 1 
ATOM   636 N N   . VAL A 1 81  ? -4.816  3.212   -17.603 1.00 35.86 ? 81  VAL A N   1 
ATOM   637 C CA  . VAL A 1 81  ? -4.932  4.543   -18.204 1.00 36.68 ? 81  VAL A CA  1 
ATOM   638 C C   . VAL A 1 81  ? -3.655  4.843   -19.013 1.00 39.66 ? 81  VAL A C   1 
ATOM   639 O O   . VAL A 1 81  ? -2.541  4.889   -18.484 1.00 36.35 ? 81  VAL A O   1 
ATOM   640 C CB  . VAL A 1 81  ? -5.143  5.625   -17.127 1.00 34.38 ? 81  VAL A CB  1 
ATOM   641 C CG1 . VAL A 1 81  ? -4.958  7.016   -17.721 1.00 32.68 ? 81  VAL A CG1 1 
ATOM   642 C CG2 . VAL A 1 81  ? -6.533  5.488   -16.526 1.00 37.13 ? 81  VAL A CG2 1 
ATOM   643 N N   . THR A 1 82  ? -3.840  5.016   -20.320 1.00 45.29 ? 82  THR A N   1 
ATOM   644 C CA  . THR A 1 82  ? -2.722  5.307   -21.228 1.00 49.25 ? 82  THR A CA  1 
ATOM   645 C C   . THR A 1 82  ? -1.948  6.549   -20.728 1.00 48.15 ? 82  THR A C   1 
ATOM   646 O O   . THR A 1 82  ? -2.502  7.627   -20.497 1.00 47.25 ? 82  THR A O   1 
ATOM   647 C CB  . THR A 1 82  ? -3.208  5.535   -22.683 1.00 53.67 ? 82  THR A CB  1 
ATOM   648 O OG1 . THR A 1 82  ? -4.157  6.608   -22.720 1.00 57.16 ? 82  THR A OG1 1 
ATOM   649 C CG2 . THR A 1 82  ? -3.856  4.266   -23.239 1.00 53.96 ? 82  THR A CG2 1 
ATOM   650 N N   . GLY A 1 83  ? -0.653  6.349   -20.507 1.00 48.78 ? 83  GLY A N   1 
ATOM   651 C CA  . GLY A 1 83  ? 0.185   7.428   -20.019 1.00 48.56 ? 83  GLY A CA  1 
ATOM   652 C C   . GLY A 1 83  ? 0.200   7.547   -18.503 1.00 47.49 ? 83  GLY A C   1 
ATOM   653 O O   . GLY A 1 83  ? 0.798   8.481   -17.958 1.00 50.34 ? 83  GLY A O   1 
ATOM   654 N N   . GLY A 1 84  ? -0.466  6.620   -17.814 1.00 42.52 ? 84  GLY A N   1 
ATOM   655 C CA  . GLY A 1 84  ? -0.487  6.651   -16.360 1.00 37.15 ? 84  GLY A CA  1 
ATOM   656 C C   . GLY A 1 84  ? 0.788   6.048   -15.795 1.00 35.39 ? 84  GLY A C   1 
ATOM   657 O O   . GLY A 1 84  ? 1.591   5.485   -16.541 1.00 36.32 ? 84  GLY A O   1 
ATOM   658 N N   . LEU A 1 85  ? 0.993   6.171   -14.481 1.00 31.16 ? 85  LEU A N   1 
ATOM   659 C CA  . LEU A 1 85  ? 2.178   5.593   -13.844 1.00 30.56 ? 85  LEU A CA  1 
ATOM   660 C C   . LEU A 1 85  ? 2.233   4.082   -14.063 1.00 31.41 ? 85  LEU A C   1 
ATOM   661 O O   . LEU A 1 85  ? 1.300   3.334   -13.721 1.00 34.66 ? 85  LEU A O   1 
ATOM   662 C CB  . LEU A 1 85  ? 2.178   5.915   -12.347 1.00 29.59 ? 85  LEU A CB  1 
ATOM   663 C CG  . LEU A 1 85  ? 3.456   5.581   -11.576 1.00 30.64 ? 85  LEU A CG  1 
ATOM   664 C CD1 . LEU A 1 85  ? 4.578   6.530   -11.967 1.00 31.42 ? 85  LEU A CD1 1 
ATOM   665 C CD2 . LEU A 1 85  ? 3.208   5.634   -10.077 1.00 33.75 ? 85  LEU A CD2 1 
ATOM   666 N N   . LYS A 1 86  ? 3.316   3.600   -14.673 1.00 26.97 ? 86  LYS A N   1 
ATOM   667 C CA  . LYS A 1 86  ? 3.488   2.164   -14.942 1.00 25.59 ? 86  LYS A CA  1 
ATOM   668 C C   . LYS A 1 86  ? 4.147   1.464   -13.724 1.00 23.59 ? 86  LYS A C   1 
ATOM   669 O O   . LYS A 1 86  ? 4.626   2.111   -12.792 1.00 20.55 ? 86  LYS A O   1 
ATOM   670 C CB  . LYS A 1 86  ? 4.326   1.960   -16.208 1.00 32.75 ? 86  LYS A CB  1 
ATOM   671 C CG  . LYS A 1 86  ? 3.701   2.563   -17.470 1.00 42.14 ? 86  LYS A CG  1 
ATOM   672 C CD  . LYS A 1 86  ? 2.372   1.895   -17.827 1.00 52.16 ? 86  LYS A CD  1 
ATOM   673 C CE  . LYS A 1 86  ? 1.714   2.522   -19.062 1.00 56.58 ? 86  LYS A CE  1 
ATOM   674 N NZ  . LYS A 1 86  ? 1.230   3.913   -18.834 1.00 60.39 ? 86  LYS A NZ  1 
ATOM   675 N N   . LYS A 1 87  ? 4.076   0.133   -13.715 1.00 22.77 ? 87  LYS A N   1 
ATOM   676 C CA  . LYS A 1 87  ? 4.661   -0.711  -12.646 1.00 23.43 ? 87  LYS A CA  1 
ATOM   677 C C   . LYS A 1 87  ? 4.454   -0.144  -11.228 1.00 22.48 ? 87  LYS A C   1 
ATOM   678 O O   . LYS A 1 87  ? 5.379   -0.035  -10.415 1.00 24.03 ? 87  LYS A O   1 
ATOM   679 C CB  . LYS A 1 87  ? 6.152   -0.932  -12.917 1.00 27.95 ? 87  LYS A CB  1 
ATOM   680 C CG  . LYS A 1 87  ? 6.413   -1.638  -14.233 1.00 33.66 ? 87  LYS A CG  1 
ATOM   681 C CD  . LYS A 1 87  ? 7.889   -1.851  -14.488 1.00 40.56 ? 87  LYS A CD  1 
ATOM   682 C CE  . LYS A 1 87  ? 8.080   -2.753  -15.693 1.00 44.72 ? 87  LYS A CE  1 
ATOM   683 N NZ  . LYS A 1 87  ? 9.511   -3.086  -15.937 1.00 51.09 ? 87  LYS A NZ  1 
ATOM   684 N N   . SER A 1 88  ? 3.193   0.150   -10.923 1.00 18.53 ? 88  SER A N   1 
ATOM   685 C CA  . SER A 1 88  ? 2.837   0.745   -9.641  1.00 16.28 ? 88  SER A CA  1 
ATOM   686 C C   . SER A 1 88  ? 1.959   -0.134  -8.727  1.00 16.67 ? 88  SER A C   1 
ATOM   687 O O   . SER A 1 88  ? 1.040   -0.834  -9.166  1.00 21.36 ? 88  SER A O   1 
ATOM   688 C CB  . SER A 1 88  ? 2.149   2.095   -9.894  1.00 14.48 ? 88  SER A CB  1 
ATOM   689 O OG  . SER A 1 88  ? 1.880   2.775   -8.680  1.00 21.77 ? 88  SER A OG  1 
ATOM   690 N N   . ILE A 1 89  ? 2.275   -0.060  -7.435  1.00 17.41 ? 89  ILE A N   1 
ATOM   691 C CA  . ILE A 1 89  ? 1.561   -0.776  -6.363  1.00 15.31 ? 89  ILE A CA  1 
ATOM   692 C C   . ILE A 1 89  ? 0.971   0.313   -5.444  1.00 17.18 ? 89  ILE A C   1 
ATOM   693 O O   . ILE A 1 89  ? 1.669   1.214   -4.982  1.00 23.39 ? 89  ILE A O   1 
ATOM   694 C CB  . ILE A 1 89  ? 2.513   -1.611  -5.477  1.00 19.53 ? 89  ILE A CB  1 
ATOM   695 C CG1 . ILE A 1 89  ? 3.305   -2.622  -6.310  1.00 21.98 ? 89  ILE A CG1 1 
ATOM   696 C CG2 . ILE A 1 89  ? 1.718   -2.294  -4.367  1.00 15.42 ? 89  ILE A CG2 1 
ATOM   697 C CD1 . ILE A 1 89  ? 2.464   -3.688  -6.931  1.00 30.35 ? 89  ILE A CD1 1 
ATOM   698 N N   . LYS A 1 90  ? -0.325  0.225   -5.172  1.00 12.09 ? 90  LYS A N   1 
ATOM   699 C CA  . LYS A 1 90  ? -0.966  1.215   -4.311  1.00 11.02 ? 90  LYS A CA  1 
ATOM   700 C C   . LYS A 1 90  ? -1.683  0.547   -3.156  1.00 12.35 ? 90  LYS A C   1 
ATOM   701 O O   . LYS A 1 90  ? -2.037  -0.627  -3.192  1.00 22.79 ? 90  LYS A O   1 
ATOM   702 C CB  . LYS A 1 90  ? -1.940  2.079   -5.101  1.00 19.44 ? 90  LYS A CB  1 
ATOM   703 C CG  . LYS A 1 90  ? -1.265  2.938   -6.140  1.00 21.12 ? 90  LYS A CG  1 
ATOM   704 C CD  . LYS A 1 90  ? -2.274  3.812   -6.853  1.00 28.88 ? 90  LYS A CD  1 
ATOM   705 C CE  . LYS A 1 90  ? -1.610  4.674   -7.911  1.00 24.15 ? 90  LYS A CE  1 
ATOM   706 N NZ  . LYS A 1 90  ? -0.938  3.855   -8.940  1.00 25.09 ? 90  LYS A NZ  1 
ATOM   707 N N   . VAL A 1 91  ? -1.894  1.331   -2.112  1.00 16.23 ? 91  VAL A N   1 
ATOM   708 C CA  . VAL A 1 91  ? -2.544  0.850   -0.906  1.00 19.69 ? 91  VAL A CA  1 
ATOM   709 C C   . VAL A 1 91  ? -3.688  1.788   -0.499  1.00 18.63 ? 91  VAL A C   1 
ATOM   710 O O   . VAL A 1 91  ? -3.627  3.005   -0.664  1.00 15.82 ? 91  VAL A O   1 
ATOM   711 C CB  . VAL A 1 91  ? -1.545  0.828   0.288   1.00 18.30 ? 91  VAL A CB  1 
ATOM   712 C CG1 . VAL A 1 91  ? -2.196  0.249   1.523   1.00 18.49 ? 91  VAL A CG1 1 
ATOM   713 C CG2 . VAL A 1 91  ? -0.301  0.059   -0.071  1.00 22.46 ? 91  VAL A CG2 1 
ATOM   714 N N   . MET A 1 92  ? -4.758  1.182   -0.001  1.00 14.91 ? 92  MET A N   1 
ATOM   715 C CA  . MET A 1 92  ? -5.897  1.922   0.531   1.00 15.61 ? 92  MET A CA  1 
ATOM   716 C C   . MET A 1 92  ? -6.194  1.185   1.845   1.00 17.61 ? 92  MET A C   1 
ATOM   717 O O   . MET A 1 92  ? -6.853  0.146   1.883   1.00 16.58 ? 92  MET A O   1 
ATOM   718 C CB  . MET A 1 92  ? -7.119  1.890   -0.392  1.00 19.71 ? 92  MET A CB  1 
ATOM   719 C CG  . MET A 1 92  ? -8.315  2.669   0.176   1.00 23.84 ? 92  MET A CG  1 
ATOM   720 S SD  . MET A 1 92  ? -8.000  4.439   0.517   1.00 25.39 ? 92  MET A SD  1 
ATOM   721 C CE  . MET A 1 92  ? -8.283  5.108   -1.090  1.00 23.91 ? 92  MET A CE  1 
ATOM   722 N N   . MET A 1 93  ? -5.596  1.708   2.912   1.00 17.21 ? 93  MET A N   1 
ATOM   723 C CA  . MET A 1 93  ? -5.721  1.153   4.258   1.00 18.54 ? 93  MET A CA  1 
ATOM   724 C C   . MET A 1 93  ? -6.809  1.916   5.024   1.00 17.98 ? 93  MET A C   1 
ATOM   725 O O   . MET A 1 93  ? -6.748  3.123   5.219   1.00 23.41 ? 93  MET A O   1 
ATOM   726 C CB  . MET A 1 93  ? -4.375  1.283   4.981   1.00 24.00 ? 93  MET A CB  1 
ATOM   727 C CG  . MET A 1 93  ? -4.245  0.495   6.277   1.00 30.86 ? 93  MET A CG  1 
ATOM   728 S SD  . MET A 1 93  ? -2.670  0.855   7.104   1.00 31.16 ? 93  MET A SD  1 
ATOM   729 C CE  . MET A 1 93  ? -1.540  0.063   6.005   1.00 29.01 ? 93  MET A CE  1 
ATOM   730 N N   . THR A 1 94  ? -7.819  1.180   5.466   1.00 16.41 ? 94  THR A N   1 
ATOM   731 C CA  . THR A 1 94  ? -8.926  1.780   6.205   1.00 17.04 ? 94  THR A CA  1 
ATOM   732 C C   . THR A 1 94  ? -8.648  1.531   7.693   1.00 20.11 ? 94  THR A C   1 
ATOM   733 O O   . THR A 1 94  ? -8.526  0.394   8.149   1.00 20.35 ? 94  THR A O   1 
ATOM   734 C CB  . THR A 1 94  ? -10.256 1.136   5.787   1.00 11.02 ? 94  THR A CB  1 
ATOM   735 O OG1 . THR A 1 94  ? -10.299 1.052   4.359   1.00 11.62 ? 94  THR A OG1 1 
ATOM   736 C CG2 . THR A 1 94  ? -11.422 1.963   6.270   1.00 12.24 ? 94  THR A CG2 1 
ATOM   737 N N   . VAL A 1 95  ? -8.534  2.618   8.449   1.00 14.82 ? 95  VAL A N   1 
ATOM   738 C CA  . VAL A 1 95  ? -8.224  2.511   9.881   1.00 19.09 ? 95  VAL A CA  1 
ATOM   739 C C   . VAL A 1 95  ? -9.106  3.399   10.797  1.00 22.42 ? 95  VAL A C   1 
ATOM   740 O O   . VAL A 1 95  ? -9.734  4.372   10.369  1.00 25.89 ? 95  VAL A O   1 
ATOM   741 C CB  . VAL A 1 95  ? -6.733  2.894   10.153  1.00 21.39 ? 95  VAL A CB  1 
ATOM   742 C CG1 . VAL A 1 95  ? -5.798  2.122   9.240   1.00 22.31 ? 95  VAL A CG1 1 
ATOM   743 C CG2 . VAL A 1 95  ? -6.526  4.388   9.971   1.00 24.24 ? 95  VAL A CG2 1 
ATOM   744 N N   . GLN A 1 96  ? -9.167  3.012   12.069  1.00 25.38 ? 96  GLN A N   1 
ATOM   745 C CA  . GLN A 1 96  ? -9.898  3.790   13.070  1.00 29.56 ? 96  GLN A CA  1 
ATOM   746 C C   . GLN A 1 96  ? -8.854  4.759   13.665  1.00 27.70 ? 96  GLN A C   1 
ATOM   747 O O   . GLN A 1 96  ? -7.758  4.359   14.055  1.00 32.66 ? 96  GLN A O   1 
ATOM   748 C CB  . GLN A 1 96  ? -10.457 2.915   14.188  1.00 40.30 ? 96  GLN A CB  1 
ATOM   749 C CG  . GLN A 1 96  ? -11.097 3.745   15.300  1.00 46.74 ? 96  GLN A CG  1 
ATOM   750 C CD  . GLN A 1 96  ? -11.679 2.905   16.412  1.00 52.78 ? 96  GLN A CD  1 
ATOM   751 O OE1 . GLN A 1 96  ? -10.951 2.247   17.153  1.00 58.82 ? 96  GLN A OE1 1 
ATOM   752 N NE2 . GLN A 1 96  ? -13.003 2.933   16.545  1.00 57.05 ? 96  GLN A NE2 1 
ATOM   753 N N   . THR A 1 97  ? -9.217  6.036   13.741  1.00 33.81 ? 97  THR A N   1 
ATOM   754 C CA  . THR A 1 97  ? -8.308  7.064   14.261  1.00 40.29 ? 97  THR A CA  1 
ATOM   755 C C   . THR A 1 97  ? -9.061  8.369   14.636  1.00 41.85 ? 97  THR A C   1 
ATOM   756 O O   . THR A 1 97  ? -10.180 8.629   14.189  1.00 36.35 ? 97  THR A O   1 
ATOM   757 C CB  . THR A 1 97  ? -7.200  7.383   13.217  1.00 36.50 ? 97  THR A CB  1 
ATOM   758 O OG1 . THR A 1 97  ? -6.322  8.389   13.729  1.00 41.20 ? 97  THR A OG1 1 
ATOM   759 C CG2 . THR A 1 97  ? -7.808  7.864   11.911  1.00 45.18 ? 97  THR A CG2 1 
ATOM   760 N N   . ASP A 1 98  ? -8.430  9.169   15.492  1.00 42.25 ? 98  ASP A N   1 
ATOM   761 C CA  . ASP A 1 98  ? -9.004  10.455  15.926  1.00 46.01 ? 98  ASP A CA  1 
ATOM   762 C C   . ASP A 1 98  ? -8.381  11.585  15.078  1.00 42.97 ? 98  ASP A C   1 
ATOM   763 O O   . ASP A 1 98  ? -8.870  12.716  15.035  1.00 48.33 ? 98  ASP A O   1 
ATOM   764 C CB  . ASP A 1 98  ? -8.674  10.746  17.393  1.00 56.85 ? 98  ASP A CB  1 
ATOM   765 C CG  . ASP A 1 98  ? -8.737  9.519   18.264  1.00 64.83 ? 98  ASP A CG  1 
ATOM   766 O OD1 . ASP A 1 98  ? -9.855  9.009   18.497  1.00 65.74 ? 98  ASP A OD1 1 
ATOM   767 O OD2 . ASP A 1 98  ? -7.659  9.067   18.714  1.00 72.10 ? 98  ASP A OD2 1 
ATOM   768 N N   . VAL A 1 99  ? -7.263  11.257  14.436  1.00 39.19 ? 99  VAL A N   1 
ATOM   769 C CA  . VAL A 1 99  ? -6.526  12.209  13.604  1.00 38.21 ? 99  VAL A CA  1 
ATOM   770 C C   . VAL A 1 99  ? -7.378  12.782  12.452  1.00 37.66 ? 99  VAL A C   1 
ATOM   771 O O   . VAL A 1 99  ? -7.954  12.051  11.645  1.00 35.64 ? 99  VAL A O   1 
ATOM   772 C CB  . VAL A 1 99  ? -5.247  11.566  13.020  1.00 33.52 ? 99  VAL A CB  1 
ATOM   773 C CG1 . VAL A 1 99  ? -4.471  12.585  12.205  1.00 32.72 ? 99  VAL A CG1 1 
ATOM   774 C CG2 . VAL A 1 99  ? -4.375  11.024  14.139  1.00 41.49 ? 99  VAL A CG2 1 
ATOM   775 N N   . PRO A 1 100 ? -7.484  14.123  12.407  1.00 39.80 ? 100 PRO A N   1 
ATOM   776 C CA  . PRO A 1 100 ? -8.245  14.843  11.361  1.00 37.60 ? 100 PRO A CA  1 
ATOM   777 C C   . PRO A 1 100 ? -7.791  14.456  9.949   1.00 31.53 ? 100 PRO A C   1 
ATOM   778 O O   . PRO A 1 100 ? -6.623  14.159  9.697   1.00 32.99 ? 100 PRO A O   1 
ATOM   779 C CB  . PRO A 1 100 ? -7.939  16.314  11.664  1.00 39.38 ? 100 PRO A CB  1 
ATOM   780 C CG  . PRO A 1 100 ? -7.035  16.280  12.847  1.00 40.89 ? 100 PRO A CG  1 
ATOM   781 C CD  . PRO A 1 100 ? -6.857  14.836  13.175  1.00 41.77 ? 100 PRO A CD  1 
ATOM   782 N N   . GLN A 1 101 ? -8.746  14.456  9.039   1.00 26.62 ? 101 GLN A N   1 
ATOM   783 C CA  . GLN A 1 101 ? -8.528  14.105  7.638   1.00 28.40 ? 101 GLN A CA  1 
ATOM   784 C C   . GLN A 1 101 ? -7.322  14.852  6.993   1.00 28.66 ? 101 GLN A C   1 
ATOM   785 O O   . GLN A 1 101 ? -6.555  14.304  6.197   1.00 28.03 ? 101 GLN A O   1 
ATOM   786 C CB  . GLN A 1 101 ? -9.817  14.398  6.861   1.00 27.41 ? 101 GLN A CB  1 
ATOM   787 C CG  . GLN A 1 101 ? -9.777  14.061  5.392   1.00 25.79 ? 101 GLN A CG  1 
ATOM   788 C CD  . GLN A 1 101 ? -11.074 14.411  4.687   1.00 30.71 ? 101 GLN A CD  1 
ATOM   789 O OE1 . GLN A 1 101 ? -11.873 13.531  4.353   1.00 28.95 ? 101 GLN A OE1 1 
ATOM   790 N NE2 . GLN A 1 101 ? -11.289 15.700  4.457   1.00 23.52 ? 101 GLN A NE2 1 
ATOM   791 N N   . ASP A 1 102 ? -7.165  16.117  7.375   1.00 29.33 ? 102 ASP A N   1 
ATOM   792 C CA  . ASP A 1 102 ? -6.084  16.962  6.846   1.00 31.89 ? 102 ASP A CA  1 
ATOM   793 C C   . ASP A 1 102 ? -4.685  16.675  7.461   1.00 31.14 ? 102 ASP A C   1 
ATOM   794 O O   . ASP A 1 102 ? -3.661  17.199  7.014   1.00 33.91 ? 102 ASP A O   1 
ATOM   795 C CB  . ASP A 1 102 ? -6.445  18.446  7.016   1.00 38.65 ? 102 ASP A CB  1 
ATOM   796 C CG  . ASP A 1 102 ? -6.756  18.816  8.455   1.00 44.02 ? 102 ASP A CG  1 
ATOM   797 O OD1 . ASP A 1 102 ? -7.793  18.360  8.988   1.00 50.95 ? 102 ASP A OD1 1 
ATOM   798 O OD2 . ASP A 1 102 ? -5.961  19.567  9.053   1.00 48.71 ? 102 ASP A OD2 1 
ATOM   799 N N   . GLN A 1 103 ? -4.660  15.826  8.488   1.00 33.38 ? 103 GLN A N   1 
ATOM   800 C CA  . GLN A 1 103 ? -3.403  15.473  9.169   1.00 32.48 ? 103 GLN A CA  1 
ATOM   801 C C   . GLN A 1 103 ? -2.934  14.016  8.941   1.00 32.84 ? 103 GLN A C   1 
ATOM   802 O O   . GLN A 1 103 ? -1.891  13.582  9.434   1.00 35.38 ? 103 GLN A O   1 
ATOM   803 C CB  . GLN A 1 103 ? -3.512  15.779  10.659  1.00 33.52 ? 103 GLN A CB  1 
ATOM   804 C CG  . GLN A 1 103 ? -3.578  17.273  10.949  1.00 42.23 ? 103 GLN A CG  1 
ATOM   805 C CD  . GLN A 1 103 ? -4.006  17.576  12.369  1.00 45.06 ? 103 GLN A CD  1 
ATOM   806 O OE1 . GLN A 1 103 ? -3.493  16.991  13.323  1.00 50.32 ? 103 GLN A OE1 1 
ATOM   807 N NE2 . GLN A 1 103 ? -4.965  18.486  12.517  1.00 50.43 ? 103 GLN A NE2 1 
ATOM   808 N N   . ILE A 1 104 ? -3.733  13.263  8.186   1.00 30.01 ? 104 ILE A N   1 
ATOM   809 C CA  . ILE A 1 104 ? -3.398  11.870  7.863   1.00 28.53 ? 104 ILE A CA  1 
ATOM   810 C C   . ILE A 1 104 ? -2.162  11.919  6.937   1.00 26.64 ? 104 ILE A C   1 
ATOM   811 O O   . ILE A 1 104 ? -2.065  12.732  6.013   1.00 23.38 ? 104 ILE A O   1 
ATOM   812 C CB  . ILE A 1 104 ? -4.565  11.151  7.129   1.00 24.71 ? 104 ILE A CB  1 
ATOM   813 C CG1 . ILE A 1 104 ? -5.785  11.041  8.048   1.00 22.53 ? 104 ILE A CG1 1 
ATOM   814 C CG2 . ILE A 1 104 ? -4.121  9.783   6.641   1.00 17.73 ? 104 ILE A CG2 1 
ATOM   815 C CD1 . ILE A 1 104 ? -5.547  10.251  9.310   1.00 32.05 ? 104 ILE A CD1 1 
ATOM   816 N N   . ARG A 1 105 ? -1.203  11.045  7.214   1.00 25.24 ? 105 ARG A N   1 
ATOM   817 C CA  . ARG A 1 105 ? 0.024   11.005  6.418   1.00 26.27 ? 105 ARG A CA  1 
ATOM   818 C C   . ARG A 1 105 ? -0.068  9.941   5.303   1.00 23.29 ? 105 ARG A C   1 
ATOM   819 O O   . ARG A 1 105 ? 0.093   8.744   5.531   1.00 30.10 ? 105 ARG A O   1 
ATOM   820 C CB  . ARG A 1 105 ? 1.235   10.706  7.316   1.00 31.14 ? 105 ARG A CB  1 
ATOM   821 C CG  . ARG A 1 105 ? 1.272   11.479  8.629   1.00 37.33 ? 105 ARG A CG  1 
ATOM   822 C CD  . ARG A 1 105 ? 1.653   12.930  8.432   1.00 50.90 ? 105 ARG A CD  1 
ATOM   823 N NE  . ARG A 1 105 ? 3.060   13.100  8.062   1.00 61.53 ? 105 ARG A NE  1 
ATOM   824 C CZ  . ARG A 1 105 ? 4.086   12.976  8.903   1.00 66.22 ? 105 ARG A CZ  1 
ATOM   825 N NH1 . ARG A 1 105 ? 5.326   13.159  8.466   1.00 67.39 ? 105 ARG A NH1 1 
ATOM   826 N NH2 . ARG A 1 105 ? 3.881   12.650  10.174  1.00 67.46 ? 105 ARG A NH2 1 
ATOM   827 N N   . HIS A 1 106 ? -0.366  10.397  4.091   1.00 18.81 ? 106 HIS A N   1 
ATOM   828 C CA  . HIS A 1 106 ? -0.443  9.492   2.942   1.00 17.52 ? 106 HIS A CA  1 
ATOM   829 C C   . HIS A 1 106 ? 1.006   9.368   2.444   1.00 20.08 ? 106 HIS A C   1 
ATOM   830 O O   . HIS A 1 106 ? 1.774   10.325  2.460   1.00 21.90 ? 106 HIS A O   1 
ATOM   831 C CB  . HIS A 1 106 ? -1.381  10.051  1.866   1.00 18.83 ? 106 HIS A CB  1 
ATOM   832 C CG  . HIS A 1 106 ? -2.767  10.322  2.370   1.00 17.77 ? 106 HIS A CG  1 
ATOM   833 N ND1 . HIS A 1 106 ? -3.663  9.314   2.655   1.00 16.94 ? 106 HIS A ND1 1 
ATOM   834 C CD2 . HIS A 1 106 ? -3.383  11.480  2.710   1.00 15.28 ? 106 HIS A CD2 1 
ATOM   835 C CE1 . HIS A 1 106 ? -4.767  9.838   3.155   1.00 19.03 ? 106 HIS A CE1 1 
ATOM   836 N NE2 . HIS A 1 106 ? -4.624  11.151  3.198   1.00 20.30 ? 106 HIS A NE2 1 
ATOM   837 N N   . VAL A 1 107 ? 1.376   8.163   2.023   1.00 20.08 ? 107 VAL A N   1 
ATOM   838 C CA  . VAL A 1 107 ? 2.750   7.900   1.595   1.00 20.85 ? 107 VAL A CA  1 
ATOM   839 C C   . VAL A 1 107 ? 2.956   7.565   0.108   1.00 19.63 ? 107 VAL A C   1 
ATOM   840 O O   . VAL A 1 107 ? 2.400   6.617   -0.438  1.00 17.34 ? 107 VAL A O   1 
ATOM   841 C CB  . VAL A 1 107 ? 3.388   6.779   2.473   1.00 19.00 ? 107 VAL A CB  1 
ATOM   842 C CG1 . VAL A 1 107 ? 4.830   6.534   2.062   1.00 15.12 ? 107 VAL A CG1 1 
ATOM   843 C CG2 . VAL A 1 107 ? 3.312   7.149   3.945   1.00 22.92 ? 107 VAL A CG2 1 
ATOM   844 N N   . TYR A 1 108 ? 3.809   8.368   -0.523  1.00 18.86 ? 108 TYR A N   1 
ATOM   845 C CA  . TYR A 1 108 ? 4.167   8.209   -1.942  1.00 20.97 ? 108 TYR A CA  1 
ATOM   846 C C   . TYR A 1 108 ? 5.701   8.050   -2.029  1.00 24.45 ? 108 TYR A C   1 
ATOM   847 O O   . TYR A 1 108 ? 6.470   8.936   -1.658  1.00 24.65 ? 108 TYR A O   1 
ATOM   848 C CB  . TYR A 1 108 ? 3.685   9.411   -2.754  1.00 22.37 ? 108 TYR A CB  1 
ATOM   849 C CG  . TYR A 1 108 ? 2.180   9.569   -2.724  1.00 24.99 ? 108 TYR A CG  1 
ATOM   850 C CD1 . TYR A 1 108 ? 1.552   10.244  -1.680  1.00 23.29 ? 108 TYR A CD1 1 
ATOM   851 C CD2 . TYR A 1 108 ? 1.382   8.994   -3.711  1.00 27.99 ? 108 TYR A CD2 1 
ATOM   852 C CE1 . TYR A 1 108 ? 0.166   10.338  -1.615  1.00 27.79 ? 108 TYR A CE1 1 
ATOM   853 C CE2 . TYR A 1 108 ? -0.003  9.080   -3.654  1.00 27.62 ? 108 TYR A CE2 1 
ATOM   854 C CZ  . TYR A 1 108 ? -0.604  9.750   -2.605  1.00 31.91 ? 108 TYR A CZ  1 
ATOM   855 O OH  . TYR A 1 108 ? -1.977  9.813   -2.538  1.00 34.41 ? 108 TYR A OH  1 
ATOM   856 N N   . LEU A 1 109 ? 6.123   6.876   -2.494  1.00 22.77 ? 109 LEU A N   1 
ATOM   857 C CA  . LEU A 1 109 ? 7.551   6.535   -2.599  1.00 23.69 ? 109 LEU A CA  1 
ATOM   858 C C   . LEU A 1 109 ? 7.970   6.185   -4.042  1.00 22.46 ? 109 LEU A C   1 
ATOM   859 O O   . LEU A 1 109 ? 7.145   5.951   -4.926  1.00 22.41 ? 109 LEU A O   1 
ATOM   860 C CB  . LEU A 1 109 ? 7.865   5.348   -1.673  1.00 21.09 ? 109 LEU A CB  1 
ATOM   861 C CG  . LEU A 1 109 ? 7.451   5.497   -0.205  1.00 23.39 ? 109 LEU A CG  1 
ATOM   862 C CD1 . LEU A 1 109 ? 7.661   4.190   0.539   1.00 20.47 ? 109 LEU A CD1 1 
ATOM   863 C CD2 . LEU A 1 109 ? 8.212   6.627   0.456   1.00 21.18 ? 109 LEU A CD2 1 
ATOM   864 N N   . GLU A 1 110 ? 9.284   6.134   -4.252  1.00 19.11 ? 110 GLU A N   1 
ATOM   865 C CA  . GLU A 1 110 ? 9.871   5.817   -5.570  1.00 17.86 ? 110 GLU A CA  1 
ATOM   866 C C   . GLU A 1 110 ? 9.351   6.794   -6.680  1.00 19.24 ? 110 GLU A C   1 
ATOM   867 O O   . GLU A 1 110 ? 9.199   7.995   -6.451  1.00 21.74 ? 110 GLU A O   1 
ATOM   868 C CB  . GLU A 1 110 ? 9.592   4.350   -5.946  1.00 22.58 ? 110 GLU A CB  1 
ATOM   869 C CG  . GLU A 1 110 ? 10.119  3.318   -4.944  1.00 27.19 ? 110 GLU A CG  1 
ATOM   870 C CD  . GLU A 1 110 ? 11.622  3.419   -4.697  1.00 29.13 ? 110 GLU A CD  1 
ATOM   871 O OE1 . GLU A 1 110 ? 12.053  3.161   -3.553  1.00 24.56 ? 110 GLU A OE1 1 
ATOM   872 O OE2 . GLU A 1 110 ? 12.373  3.748   -5.635  1.00 32.93 ? 110 GLU A OE2 1 
ATOM   873 N N   . LYS A 1 111 ? 9.094   6.263   -7.875  1.00 20.36 ? 111 LYS A N   1 
ATOM   874 C CA  . LYS A 1 111 ? 8.590   7.088   -8.992  1.00 23.68 ? 111 LYS A CA  1 
ATOM   875 C C   . LYS A 1 111 ? 7.132   7.593   -8.766  1.00 28.09 ? 111 LYS A C   1 
ATOM   876 O O   . LYS A 1 111 ? 6.597   8.403   -9.529  1.00 32.16 ? 111 LYS A O   1 
ATOM   877 C CB  . LYS A 1 111 ? 8.664   6.324   -10.311 1.00 27.45 ? 111 LYS A CB  1 
ATOM   878 C CG  . LYS A 1 111 ? 10.062  6.131   -10.850 1.00 35.57 ? 111 LYS A CG  1 
ATOM   879 C CD  . LYS A 1 111 ? 10.032  5.307   -12.130 1.00 37.63 ? 111 LYS A CD  1 
ATOM   880 C CE  . LYS A 1 111 ? 11.437  5.100   -12.675 1.00 45.87 ? 111 LYS A CE  1 
ATOM   881 N NZ  . LYS A 1 111 ? 11.467  4.239   -13.892 1.00 51.91 ? 111 LYS A NZ  1 
ATOM   882 N N   . ALA A 1 112 ? 6.504   7.096   -7.703  1.00 28.15 ? 112 ALA A N   1 
ATOM   883 C CA  . ALA A 1 112 ? 5.135   7.486   -7.363  1.00 26.36 ? 112 ALA A CA  1 
ATOM   884 C C   . ALA A 1 112 ? 5.101   8.824   -6.602  1.00 27.66 ? 112 ALA A C   1 
ATOM   885 O O   . ALA A 1 112 ? 4.053   9.258   -6.121  1.00 30.44 ? 112 ALA A O   1 
ATOM   886 C CB  . ALA A 1 112 ? 4.451   6.399   -6.545  1.00 26.28 ? 112 ALA A CB  1 
ATOM   887 N N   . VAL A 1 113 ? 6.267   9.452   -6.458  1.00 21.51 ? 113 VAL A N   1 
ATOM   888 C CA  . VAL A 1 113 ? 6.349   10.754  -5.784  1.00 24.89 ? 113 VAL A CA  1 
ATOM   889 C C   . VAL A 1 113 ? 5.634   11.816  -6.673  1.00 25.07 ? 113 VAL A C   1 
ATOM   890 O O   . VAL A 1 113 ? 5.152   12.849  -6.206  1.00 32.26 ? 113 VAL A O   1 
ATOM   891 C CB  . VAL A 1 113 ? 7.809   11.203  -5.561  1.00 29.01 ? 113 VAL A CB  1 
ATOM   892 C CG1 . VAL A 1 113 ? 8.462   10.366  -4.469  1.00 33.65 ? 113 VAL A CG1 1 
ATOM   893 C CG2 . VAL A 1 113 ? 8.592   11.112  -6.864  1.00 26.34 ? 113 VAL A CG2 1 
ATOM   894 N N   . VAL A 1 114 ? 5.556   11.514  -7.967  1.00 32.10 ? 114 VAL A N   1 
ATOM   895 C CA  . VAL A 1 114 ? 4.914   12.398  -8.940  1.00 35.72 ? 114 VAL A CA  1 
ATOM   896 C C   . VAL A 1 114 ? 3.390   12.544  -8.685  1.00 40.05 ? 114 VAL A C   1 
ATOM   897 O O   . VAL A 1 114 ? 2.719   13.408  -9.250  1.00 42.91 ? 114 VAL A O   1 
ATOM   898 C CB  . VAL A 1 114 ? 5.149   11.907  -10.395 1.00 35.32 ? 114 VAL A CB  1 
ATOM   899 C CG1 . VAL A 1 114 ? 6.631   11.798  -10.678 1.00 36.05 ? 114 VAL A CG1 1 
ATOM   900 C CG2 . VAL A 1 114 ? 4.458   10.575  -10.637 1.00 37.47 ? 114 VAL A CG2 1 
ATOM   901 N N   . LEU A 1 115 ? 2.864   11.686  -7.809  1.00 42.08 ? 115 LEU A N   1 
ATOM   902 C CA  . LEU A 1 115 ? 1.428   11.689  -7.456  1.00 41.84 ? 115 LEU A CA  1 
ATOM   903 C C   . LEU A 1 115 ? 1.105   12.583  -6.234  1.00 42.14 ? 115 LEU A C   1 
ATOM   904 O O   . LEU A 1 115 ? -0.027  13.016  -6.033  1.00 44.21 ? 115 LEU A O   1 
ATOM   905 C CB  . LEU A 1 115 ? 0.938   10.259  -7.189  1.00 36.06 ? 115 LEU A CB  1 
ATOM   906 C CG  . LEU A 1 115 ? 1.185   9.215   -8.284  1.00 32.12 ? 115 LEU A CG  1 
ATOM   907 C CD1 . LEU A 1 115 ? 0.613   7.869   -7.865  1.00 33.22 ? 115 LEU A CD1 1 
ATOM   908 C CD2 . LEU A 1 115 ? 0.574   9.677   -9.593  1.00 34.39 ? 115 LEU A CD2 1 
ATOM   909 N N   . ARG A 1 116 ? 2.125   12.847  -5.421  1.00 44.91 ? 116 ARG A N   1 
ATOM   910 C CA  . ARG A 1 116 ? 1.965   13.687  -4.217  1.00 47.87 ? 116 ARG A CA  1 
ATOM   911 C C   . ARG A 1 116 ? 1.572   15.151  -4.579  1.00 51.30 ? 116 ARG A C   1 
ATOM   912 O O   . ARG A 1 116 ? 0.723   15.729  -3.861  1.00 54.10 ? 116 ARG A O   1 
ATOM   913 C CB  . ARG A 1 116 ? 3.251   13.670  -3.377  1.00 43.32 ? 116 ARG A CB  1 
HETATM 914 O O   . HOH B 2 .   ? -8.523  9.953   5.126   1.00 22.93 ? 201 HOH A O   1 
HETATM 915 O O   . HOH B 2 .   ? -10.068 -10.281 10.948  1.00 17.54 ? 202 HOH A O   1 
HETATM 916 O O   . HOH B 2 .   ? -3.764  -8.683  12.811  1.00 24.02 ? 203 HOH A O   1 
HETATM 917 O O   . HOH B 2 .   ? -9.770  -0.292  2.411   1.00 21.28 ? 204 HOH A O   1 
HETATM 918 O O   . HOH B 2 .   ? 7.246   3.446   -13.182 1.00 30.18 ? 205 HOH A O   1 
HETATM 919 O O   . HOH B 2 .   ? 8.350   1.256   -1.776  1.00 20.48 ? 206 HOH A O   1 
HETATM 920 O O   . HOH B 2 .   ? -5.563  5.610   -8.696  1.00 35.52 ? 207 HOH A O   1 
HETATM 921 O O   . HOH B 2 .   ? 2.153   -10.756 10.895  1.00 29.27 ? 208 HOH A O   1 
HETATM 922 O O   . HOH B 2 .   ? -10.560 18.087  5.485   1.00 38.02 ? 209 HOH A O   1 
HETATM 923 O O   . HOH B 2 .   ? -1.557  -7.014  -12.355 1.00 37.38 ? 210 HOH A O   1 
HETATM 924 O O   . HOH B 2 .   ? -6.481  -11.575 4.262   1.00 29.61 ? 211 HOH A O   1 
HETATM 925 O O   . HOH B 2 .   ? 10.933  2.001   -1.495  1.00 33.93 ? 212 HOH A O   1 
HETATM 926 O O   . HOH B 2 .   ? 5.387   -8.141  -16.693 1.00 46.85 ? 214 HOH A O   1 
HETATM 927 O O   . HOH B 2 .   ? -11.547 -10.330 -0.637  1.00 40.25 ? 215 HOH A O   1 
HETATM 928 O O   . HOH B 2 .   ? -9.537  -9.299  -4.877  1.00 29.95 ? 216 HOH A O   1 
HETATM 929 O O   . HOH B 2 .   ? -3.335  5.134   12.216  1.00 31.97 ? 217 HOH A O   1 
HETATM 930 O O   . HOH B 2 .   ? -5.291  0.403   -3.602  1.00 30.21 ? 218 HOH A O   1 
HETATM 931 O O   . HOH B 2 .   ? -11.164 10.721  5.256   1.00 25.43 ? 219 HOH A O   1 
HETATM 932 O O   . HOH B 2 .   ? -3.158  9.110   -7.886  1.00 51.46 ? 220 HOH A O   1 
HETATM 933 O O   . HOH B 2 .   ? -3.985  14.365  4.465   1.00 30.55 ? 221 HOH A O   1 
HETATM 934 O O   . HOH B 2 .   ? 9.877   -13.534 -9.841  1.00 38.91 ? 222 HOH A O   1 
HETATM 935 O O   . HOH B 2 .   ? -1.787  0.164   -8.649  1.00 33.38 ? 224 HOH A O   1 
HETATM 936 O O   . HOH B 2 .   ? -10.563 10.875  12.535  1.00 29.51 ? 225 HOH A O   1 
HETATM 937 O O   . HOH B 2 .   ? -3.019  -9.738  6.931   1.00 40.55 ? 226 HOH A O   1 
HETATM 938 O O   . HOH B 2 .   ? 0.018   13.420  3.184   1.00 70.82 ? 227 HOH A O   1 
HETATM 939 O O   . HOH B 2 .   ? -4.731  -11.413 0.179   1.00 67.25 ? 228 HOH A O   1 
HETATM 940 O O   . HOH B 2 .   ? 5.044   -1.023  -18.069 1.00 50.21 ? 230 HOH A O   1 
# 
